data_5QS8
# 
_entry.id   5QS8 
# 
_audit_conform.dict_name       mmcif_pdbx.dic 
_audit_conform.dict_version    5.387 
_audit_conform.dict_location   http://mmcif.pdb.org/dictionaries/ascii/mmcif_pdbx.dic 
# 
loop_
_database_2.database_id 
_database_2.database_code 
_database_2.pdbx_database_accession 
_database_2.pdbx_DOI 
PDB   5QS8         pdb_00005qs8 10.2210/pdb5qs8/pdb 
WWPDB D_1001402341 ?            ?                   
# 
loop_
_pdbx_audit_revision_history.ordinal 
_pdbx_audit_revision_history.data_content_type 
_pdbx_audit_revision_history.major_revision 
_pdbx_audit_revision_history.minor_revision 
_pdbx_audit_revision_history.revision_date 
1 'Structure model' 1 0 2019-08-21 
2 'Structure model' 1 1 2024-03-06 
# 
_pdbx_audit_revision_details.ordinal             1 
_pdbx_audit_revision_details.revision_ordinal    1 
_pdbx_audit_revision_details.data_content_type   'Structure model' 
_pdbx_audit_revision_details.provider            repository 
_pdbx_audit_revision_details.type                'Initial release' 
_pdbx_audit_revision_details.description         ? 
_pdbx_audit_revision_details.details             ? 
# 
loop_
_pdbx_audit_revision_group.ordinal 
_pdbx_audit_revision_group.revision_ordinal 
_pdbx_audit_revision_group.data_content_type 
_pdbx_audit_revision_group.group 
1 2 'Structure model' 'Data collection'     
2 2 'Structure model' 'Database references' 
# 
loop_
_pdbx_audit_revision_category.ordinal 
_pdbx_audit_revision_category.revision_ordinal 
_pdbx_audit_revision_category.data_content_type 
_pdbx_audit_revision_category.category 
1 2 'Structure model' chem_comp_atom 
2 2 'Structure model' chem_comp_bond 
3 2 'Structure model' database_2     
# 
loop_
_pdbx_audit_revision_item.ordinal 
_pdbx_audit_revision_item.revision_ordinal 
_pdbx_audit_revision_item.data_content_type 
_pdbx_audit_revision_item.item 
1 2 'Structure model' '_database_2.pdbx_DOI'                
2 2 'Structure model' '_database_2.pdbx_database_accession' 
# 
_pdbx_database_status.entry_id                        5QS8 
_pdbx_database_status.status_code                     REL 
_pdbx_database_status.status_code_sf                  REL 
_pdbx_database_status.status_code_mr                  ? 
_pdbx_database_status.status_code_cs                  ? 
_pdbx_database_status.recvd_initial_deposition_date   2019-05-25 
_pdbx_database_status.deposit_site                    RCSB 
_pdbx_database_status.process_site                    RCSB 
_pdbx_database_status.SG_entry                        ? 
_pdbx_database_status.pdb_format_compatible           Y 
_pdbx_database_status.methods_development_category    ? 
_pdbx_database_status.status_code_nmr_data            ? 
# 
loop_
_audit_author.name 
_audit_author.pdbx_ordinal 
'Newman, J.A.'        1 
'Gavard, A.E.'        2 
'Sherestha, L.'       3 
'Burgess-Brown, N.A.' 4 
'von Delft, F.'       5 
'Arrowsmith, C.H.'    6 
'Edwards, A.'         7 
'Bountra, C.'         8 
'Gileadi, O.'         9 
# 
_citation.id                        primary 
_citation.title                     'PanDDA analysis group deposition' 
_citation.journal_abbrev            'To Be Published' 
_citation.journal_volume            ? 
_citation.page_first                ? 
_citation.page_last                 ? 
_citation.year                      ? 
_citation.journal_id_ASTM           ? 
_citation.country                   ? 
_citation.journal_id_ISSN           ? 
_citation.journal_id_CSD            0353 
_citation.book_publisher            ? 
_citation.pdbx_database_id_PubMed   ? 
_citation.pdbx_database_id_DOI      ? 
# 
loop_
_citation_author.citation_id 
_citation_author.name 
_citation_author.identifier_ORCID 
_citation_author.ordinal 
primary 'Newman, J.A.'        ? 1 
primary 'Gavard, A.E.'        ? 2 
primary 'Sherestha, L.'       ? 3 
primary 'Burgess-Brown, N.A.' ? 4 
primary 'von Delft, F.'       ? 5 
primary 'Arrowsmith, C.H.'    ? 6 
primary 'Edwards, A.'         ? 7 
primary 'Bountra, C.'         ? 8 
primary 'Gileadi, O.'         ? 9 
# 
loop_
_entity.id 
_entity.type 
_entity.src_method 
_entity.pdbx_description 
_entity.formula_weight 
_entity.pdbx_number_of_molecules 
_entity.pdbx_ec 
_entity.pdbx_mutation 
_entity.pdbx_fragment 
_entity.details 
1 polymer     man 'T-box transcription factor T'                             19655.623 1   ? G177D ? ? 
2 non-polymer syn '(2S)-2-[(5-chloro-3-fluoropyridin-2-yl)amino]propan-1-ol' 204.629   1   ? ?     ? ? 
3 water       nat water                                                      18.015    182 ? ?     ? ? 
# 
_entity_name_com.entity_id   1 
_entity_name_com.name        'Brachyury protein,Protein T' 
# 
_entity_poly.entity_id                      1 
_entity_poly.type                           'polypeptide(L)' 
_entity_poly.nstd_linkage                   no 
_entity_poly.nstd_monomer                   no 
_entity_poly.pdbx_seq_one_letter_code       
;GELRVGLEESELWLRFKELTNEMIVTKNGRRMFPVLKVNVSGLDPNAMYSFLLDFVAADNHRWKYVNGEWVPGGKPEPQA
PSCVYIHPDSPNFGAHWMKAPVSFSKVKLTNKLNGGGQIMLNSLHKYEPRIHIVRVGDPQRMITSHCFPETQFIAVTAYQ
NEEITALKIKYN
;
_entity_poly.pdbx_seq_one_letter_code_can   
;GELRVGLEESELWLRFKELTNEMIVTKNGRRMFPVLKVNVSGLDPNAMYSFLLDFVAADNHRWKYVNGEWVPGGKPEPQA
PSCVYIHPDSPNFGAHWMKAPVSFSKVKLTNKLNGGGQIMLNSLHKYEPRIHIVRVGDPQRMITSHCFPETQFIAVTAYQ
NEEITALKIKYN
;
_entity_poly.pdbx_strand_id                 A 
_entity_poly.pdbx_target_identifier         ? 
# 
loop_
_pdbx_entity_nonpoly.entity_id 
_pdbx_entity_nonpoly.name 
_pdbx_entity_nonpoly.comp_id 
2 '(2S)-2-[(5-chloro-3-fluoropyridin-2-yl)amino]propan-1-ol' O0G 
3 water                                                      HOH 
# 
loop_
_entity_poly_seq.entity_id 
_entity_poly_seq.num 
_entity_poly_seq.mon_id 
_entity_poly_seq.hetero 
1 1   GLY n 
1 2   GLU n 
1 3   LEU n 
1 4   ARG n 
1 5   VAL n 
1 6   GLY n 
1 7   LEU n 
1 8   GLU n 
1 9   GLU n 
1 10  SER n 
1 11  GLU n 
1 12  LEU n 
1 13  TRP n 
1 14  LEU n 
1 15  ARG n 
1 16  PHE n 
1 17  LYS n 
1 18  GLU n 
1 19  LEU n 
1 20  THR n 
1 21  ASN n 
1 22  GLU n 
1 23  MET n 
1 24  ILE n 
1 25  VAL n 
1 26  THR n 
1 27  LYS n 
1 28  ASN n 
1 29  GLY n 
1 30  ARG n 
1 31  ARG n 
1 32  MET n 
1 33  PHE n 
1 34  PRO n 
1 35  VAL n 
1 36  LEU n 
1 37  LYS n 
1 38  VAL n 
1 39  ASN n 
1 40  VAL n 
1 41  SER n 
1 42  GLY n 
1 43  LEU n 
1 44  ASP n 
1 45  PRO n 
1 46  ASN n 
1 47  ALA n 
1 48  MET n 
1 49  TYR n 
1 50  SER n 
1 51  PHE n 
1 52  LEU n 
1 53  LEU n 
1 54  ASP n 
1 55  PHE n 
1 56  VAL n 
1 57  ALA n 
1 58  ALA n 
1 59  ASP n 
1 60  ASN n 
1 61  HIS n 
1 62  ARG n 
1 63  TRP n 
1 64  LYS n 
1 65  TYR n 
1 66  VAL n 
1 67  ASN n 
1 68  GLY n 
1 69  GLU n 
1 70  TRP n 
1 71  VAL n 
1 72  PRO n 
1 73  GLY n 
1 74  GLY n 
1 75  LYS n 
1 76  PRO n 
1 77  GLU n 
1 78  PRO n 
1 79  GLN n 
1 80  ALA n 
1 81  PRO n 
1 82  SER n 
1 83  CYS n 
1 84  VAL n 
1 85  TYR n 
1 86  ILE n 
1 87  HIS n 
1 88  PRO n 
1 89  ASP n 
1 90  SER n 
1 91  PRO n 
1 92  ASN n 
1 93  PHE n 
1 94  GLY n 
1 95  ALA n 
1 96  HIS n 
1 97  TRP n 
1 98  MET n 
1 99  LYS n 
1 100 ALA n 
1 101 PRO n 
1 102 VAL n 
1 103 SER n 
1 104 PHE n 
1 105 SER n 
1 106 LYS n 
1 107 VAL n 
1 108 LYS n 
1 109 LEU n 
1 110 THR n 
1 111 ASN n 
1 112 LYS n 
1 113 LEU n 
1 114 ASN n 
1 115 GLY n 
1 116 GLY n 
1 117 GLY n 
1 118 GLN n 
1 119 ILE n 
1 120 MET n 
1 121 LEU n 
1 122 ASN n 
1 123 SER n 
1 124 LEU n 
1 125 HIS n 
1 126 LYS n 
1 127 TYR n 
1 128 GLU n 
1 129 PRO n 
1 130 ARG n 
1 131 ILE n 
1 132 HIS n 
1 133 ILE n 
1 134 VAL n 
1 135 ARG n 
1 136 VAL n 
1 137 GLY n 
1 138 ASP n 
1 139 PRO n 
1 140 GLN n 
1 141 ARG n 
1 142 MET n 
1 143 ILE n 
1 144 THR n 
1 145 SER n 
1 146 HIS n 
1 147 CYS n 
1 148 PHE n 
1 149 PRO n 
1 150 GLU n 
1 151 THR n 
1 152 GLN n 
1 153 PHE n 
1 154 ILE n 
1 155 ALA n 
1 156 VAL n 
1 157 THR n 
1 158 ALA n 
1 159 TYR n 
1 160 GLN n 
1 161 ASN n 
1 162 GLU n 
1 163 GLU n 
1 164 ILE n 
1 165 THR n 
1 166 ALA n 
1 167 LEU n 
1 168 LYS n 
1 169 ILE n 
1 170 LYS n 
1 171 TYR n 
1 172 ASN n 
# 
_entity_src_gen.entity_id                          1 
_entity_src_gen.pdbx_src_id                        1 
_entity_src_gen.pdbx_alt_source_flag               sample 
_entity_src_gen.pdbx_seq_type                      'Biological sequence' 
_entity_src_gen.pdbx_beg_seq_num                   1 
_entity_src_gen.pdbx_end_seq_num                   172 
_entity_src_gen.gene_src_common_name               Human 
_entity_src_gen.gene_src_genus                     ? 
_entity_src_gen.pdbx_gene_src_gene                 'TBXT, T' 
_entity_src_gen.gene_src_species                   ? 
_entity_src_gen.gene_src_strain                    ? 
_entity_src_gen.gene_src_tissue                    ? 
_entity_src_gen.gene_src_tissue_fraction           ? 
_entity_src_gen.gene_src_details                   ? 
_entity_src_gen.pdbx_gene_src_fragment             ? 
_entity_src_gen.pdbx_gene_src_scientific_name      'Homo sapiens' 
_entity_src_gen.pdbx_gene_src_ncbi_taxonomy_id     9606 
_entity_src_gen.pdbx_gene_src_variant              ? 
_entity_src_gen.pdbx_gene_src_cell_line            ? 
_entity_src_gen.pdbx_gene_src_atcc                 ? 
_entity_src_gen.pdbx_gene_src_organ                ? 
_entity_src_gen.pdbx_gene_src_organelle            ? 
_entity_src_gen.pdbx_gene_src_cell                 ? 
_entity_src_gen.pdbx_gene_src_cellular_location    ? 
_entity_src_gen.host_org_common_name               ? 
_entity_src_gen.pdbx_host_org_scientific_name      'Escherichia coli' 
_entity_src_gen.pdbx_host_org_ncbi_taxonomy_id     562 
_entity_src_gen.host_org_genus                     ? 
_entity_src_gen.pdbx_host_org_gene                 ? 
_entity_src_gen.pdbx_host_org_organ                ? 
_entity_src_gen.host_org_species                   ? 
_entity_src_gen.pdbx_host_org_tissue               ? 
_entity_src_gen.pdbx_host_org_tissue_fraction      ? 
_entity_src_gen.pdbx_host_org_strain               ? 
_entity_src_gen.pdbx_host_org_variant              ? 
_entity_src_gen.pdbx_host_org_cell_line            ? 
_entity_src_gen.pdbx_host_org_atcc                 ? 
_entity_src_gen.pdbx_host_org_culture_collection   ? 
_entity_src_gen.pdbx_host_org_cell                 ? 
_entity_src_gen.pdbx_host_org_organelle            ? 
_entity_src_gen.pdbx_host_org_cellular_location    ? 
_entity_src_gen.pdbx_host_org_vector_type          ? 
_entity_src_gen.pdbx_host_org_vector               ? 
_entity_src_gen.host_org_details                   ? 
_entity_src_gen.expression_system_id               ? 
_entity_src_gen.plasmid_name                       ? 
_entity_src_gen.plasmid_details                    ? 
_entity_src_gen.pdbx_description                   ? 
# 
loop_
_chem_comp.id 
_chem_comp.type 
_chem_comp.mon_nstd_flag 
_chem_comp.name 
_chem_comp.pdbx_synonyms 
_chem_comp.formula 
_chem_comp.formula_weight 
ALA 'L-peptide linking' y ALANINE                                                    ? 'C3 H7 N O2'       89.093  
ARG 'L-peptide linking' y ARGININE                                                   ? 'C6 H15 N4 O2 1'   175.209 
ASN 'L-peptide linking' y ASPARAGINE                                                 ? 'C4 H8 N2 O3'      132.118 
ASP 'L-peptide linking' y 'ASPARTIC ACID'                                            ? 'C4 H7 N O4'       133.103 
CYS 'L-peptide linking' y CYSTEINE                                                   ? 'C3 H7 N O2 S'     121.158 
GLN 'L-peptide linking' y GLUTAMINE                                                  ? 'C5 H10 N2 O3'     146.144 
GLU 'L-peptide linking' y 'GLUTAMIC ACID'                                            ? 'C5 H9 N O4'       147.129 
GLY 'peptide linking'   y GLYCINE                                                    ? 'C2 H5 N O2'       75.067  
HIS 'L-peptide linking' y HISTIDINE                                                  ? 'C6 H10 N3 O2 1'   156.162 
HOH non-polymer         . WATER                                                      ? 'H2 O'             18.015  
ILE 'L-peptide linking' y ISOLEUCINE                                                 ? 'C6 H13 N O2'      131.173 
LEU 'L-peptide linking' y LEUCINE                                                    ? 'C6 H13 N O2'      131.173 
LYS 'L-peptide linking' y LYSINE                                                     ? 'C6 H15 N2 O2 1'   147.195 
MET 'L-peptide linking' y METHIONINE                                                 ? 'C5 H11 N O2 S'    149.211 
O0G non-polymer         . '(2S)-2-[(5-chloro-3-fluoropyridin-2-yl)amino]propan-1-ol' ? 'C8 H10 Cl F N2 O' 204.629 
PHE 'L-peptide linking' y PHENYLALANINE                                              ? 'C9 H11 N O2'      165.189 
PRO 'L-peptide linking' y PROLINE                                                    ? 'C5 H9 N O2'       115.130 
SER 'L-peptide linking' y SERINE                                                     ? 'C3 H7 N O3'       105.093 
THR 'L-peptide linking' y THREONINE                                                  ? 'C4 H9 N O3'       119.119 
TRP 'L-peptide linking' y TRYPTOPHAN                                                 ? 'C11 H12 N2 O2'    204.225 
TYR 'L-peptide linking' y TYROSINE                                                   ? 'C9 H11 N O3'      181.189 
VAL 'L-peptide linking' y VALINE                                                     ? 'C5 H11 N O2'      117.146 
# 
loop_
_pdbx_poly_seq_scheme.asym_id 
_pdbx_poly_seq_scheme.entity_id 
_pdbx_poly_seq_scheme.seq_id 
_pdbx_poly_seq_scheme.mon_id 
_pdbx_poly_seq_scheme.ndb_seq_num 
_pdbx_poly_seq_scheme.pdb_seq_num 
_pdbx_poly_seq_scheme.auth_seq_num 
_pdbx_poly_seq_scheme.pdb_mon_id 
_pdbx_poly_seq_scheme.auth_mon_id 
_pdbx_poly_seq_scheme.pdb_strand_id 
_pdbx_poly_seq_scheme.pdb_ins_code 
_pdbx_poly_seq_scheme.hetero 
A 1 1   GLY 1   40  ?   ?   ?   A . n 
A 1 2   GLU 2   41  41  GLU GLU A . n 
A 1 3   LEU 3   42  42  LEU LEU A . n 
A 1 4   ARG 4   43  43  ARG ARG A . n 
A 1 5   VAL 5   44  44  VAL VAL A . n 
A 1 6   GLY 6   45  45  GLY GLY A . n 
A 1 7   LEU 7   46  46  LEU LEU A . n 
A 1 8   GLU 8   47  47  GLU GLU A . n 
A 1 9   GLU 9   48  48  GLU GLU A . n 
A 1 10  SER 10  49  49  SER SER A . n 
A 1 11  GLU 11  50  50  GLU GLU A . n 
A 1 12  LEU 12  51  51  LEU LEU A . n 
A 1 13  TRP 13  52  52  TRP TRP A . n 
A 1 14  LEU 14  53  53  LEU LEU A . n 
A 1 15  ARG 15  54  54  ARG ARG A . n 
A 1 16  PHE 16  55  55  PHE PHE A . n 
A 1 17  LYS 17  56  56  LYS LYS A . n 
A 1 18  GLU 18  57  57  GLU GLU A . n 
A 1 19  LEU 19  58  58  LEU LEU A . n 
A 1 20  THR 20  59  59  THR THR A . n 
A 1 21  ASN 21  60  60  ASN ASN A . n 
A 1 22  GLU 22  61  61  GLU GLU A . n 
A 1 23  MET 23  62  62  MET MET A . n 
A 1 24  ILE 24  63  63  ILE ILE A . n 
A 1 25  VAL 25  64  64  VAL VAL A . n 
A 1 26  THR 26  65  65  THR THR A . n 
A 1 27  LYS 27  66  66  LYS LYS A . n 
A 1 28  ASN 28  67  67  ASN ASN A . n 
A 1 29  GLY 29  68  68  GLY GLY A . n 
A 1 30  ARG 30  69  69  ARG ARG A . n 
A 1 31  ARG 31  70  70  ARG ARG A . n 
A 1 32  MET 32  71  71  MET MET A . n 
A 1 33  PHE 33  72  72  PHE PHE A . n 
A 1 34  PRO 34  73  73  PRO PRO A . n 
A 1 35  VAL 35  74  74  VAL VAL A . n 
A 1 36  LEU 36  75  75  LEU LEU A . n 
A 1 37  LYS 37  76  76  LYS LYS A . n 
A 1 38  VAL 38  77  77  VAL VAL A . n 
A 1 39  ASN 39  78  78  ASN ASN A . n 
A 1 40  VAL 40  79  79  VAL VAL A . n 
A 1 41  SER 41  80  80  SER SER A . n 
A 1 42  GLY 42  81  81  GLY GLY A . n 
A 1 43  LEU 43  82  82  LEU LEU A . n 
A 1 44  ASP 44  83  83  ASP ASP A . n 
A 1 45  PRO 45  84  84  PRO PRO A . n 
A 1 46  ASN 46  85  85  ASN ASN A . n 
A 1 47  ALA 47  86  86  ALA ALA A . n 
A 1 48  MET 48  87  87  MET MET A . n 
A 1 49  TYR 49  88  88  TYR TYR A . n 
A 1 50  SER 50  89  89  SER SER A . n 
A 1 51  PHE 51  90  90  PHE PHE A . n 
A 1 52  LEU 52  91  91  LEU LEU A . n 
A 1 53  LEU 53  92  92  LEU LEU A . n 
A 1 54  ASP 54  93  93  ASP ASP A . n 
A 1 55  PHE 55  94  94  PHE PHE A . n 
A 1 56  VAL 56  95  95  VAL VAL A . n 
A 1 57  ALA 57  96  96  ALA ALA A . n 
A 1 58  ALA 58  97  97  ALA ALA A . n 
A 1 59  ASP 59  98  98  ASP ASP A . n 
A 1 60  ASN 60  99  99  ASN ASN A . n 
A 1 61  HIS 61  100 100 HIS HIS A . n 
A 1 62  ARG 62  101 101 ARG ARG A . n 
A 1 63  TRP 63  102 102 TRP TRP A . n 
A 1 64  LYS 64  103 103 LYS LYS A . n 
A 1 65  TYR 65  104 104 TYR TYR A . n 
A 1 66  VAL 66  105 105 VAL VAL A . n 
A 1 67  ASN 67  106 106 ASN ASN A . n 
A 1 68  GLY 68  107 107 GLY GLY A . n 
A 1 69  GLU 69  108 108 GLU GLU A . n 
A 1 70  TRP 70  109 109 TRP TRP A . n 
A 1 71  VAL 71  110 110 VAL VAL A . n 
A 1 72  PRO 72  111 111 PRO PRO A . n 
A 1 73  GLY 73  112 112 GLY GLY A . n 
A 1 74  GLY 74  113 113 GLY GLY A . n 
A 1 75  LYS 75  114 114 LYS LYS A . n 
A 1 76  PRO 76  115 115 PRO PRO A . n 
A 1 77  GLU 77  116 116 GLU GLU A . n 
A 1 78  PRO 78  117 117 PRO PRO A . n 
A 1 79  GLN 79  118 118 GLN GLN A . n 
A 1 80  ALA 80  119 119 ALA ALA A . n 
A 1 81  PRO 81  120 120 PRO PRO A . n 
A 1 82  SER 82  121 121 SER SER A . n 
A 1 83  CYS 83  122 122 CYS CYS A . n 
A 1 84  VAL 84  123 123 VAL VAL A . n 
A 1 85  TYR 85  124 124 TYR TYR A . n 
A 1 86  ILE 86  125 125 ILE ILE A . n 
A 1 87  HIS 87  126 126 HIS HIS A . n 
A 1 88  PRO 88  127 127 PRO PRO A . n 
A 1 89  ASP 89  128 128 ASP ASP A . n 
A 1 90  SER 90  129 129 SER SER A . n 
A 1 91  PRO 91  130 130 PRO PRO A . n 
A 1 92  ASN 92  131 131 ASN ASN A . n 
A 1 93  PHE 93  132 132 PHE PHE A . n 
A 1 94  GLY 94  133 133 GLY GLY A . n 
A 1 95  ALA 95  134 134 ALA ALA A . n 
A 1 96  HIS 96  135 135 HIS HIS A . n 
A 1 97  TRP 97  136 136 TRP TRP A . n 
A 1 98  MET 98  137 137 MET MET A . n 
A 1 99  LYS 99  138 138 LYS LYS A . n 
A 1 100 ALA 100 139 139 ALA ALA A . n 
A 1 101 PRO 101 140 140 PRO PRO A . n 
A 1 102 VAL 102 141 141 VAL VAL A . n 
A 1 103 SER 103 142 142 SER SER A . n 
A 1 104 PHE 104 143 143 PHE PHE A . n 
A 1 105 SER 105 144 144 SER SER A . n 
A 1 106 LYS 106 145 145 LYS LYS A . n 
A 1 107 VAL 107 146 146 VAL VAL A . n 
A 1 108 LYS 108 147 147 LYS LYS A . n 
A 1 109 LEU 109 148 148 LEU LEU A . n 
A 1 110 THR 110 149 149 THR THR A . n 
A 1 111 ASN 111 150 150 ASN ASN A . n 
A 1 112 LYS 112 151 151 LYS LYS A . n 
A 1 113 LEU 113 152 152 LEU LEU A . n 
A 1 114 ASN 114 153 153 ASN ASN A . n 
A 1 115 GLY 115 154 154 GLY GLY A . n 
A 1 116 GLY 116 155 155 GLY GLY A . n 
A 1 117 GLY 117 156 156 GLY GLY A . n 
A 1 118 GLN 118 157 157 GLN GLN A . n 
A 1 119 ILE 119 158 158 ILE ILE A . n 
A 1 120 MET 120 159 159 MET MET A . n 
A 1 121 LEU 121 160 160 LEU LEU A . n 
A 1 122 ASN 122 161 161 ASN ASN A . n 
A 1 123 SER 123 162 162 SER SER A . n 
A 1 124 LEU 124 163 163 LEU LEU A . n 
A 1 125 HIS 125 164 164 HIS HIS A . n 
A 1 126 LYS 126 165 165 LYS LYS A . n 
A 1 127 TYR 127 166 166 TYR TYR A . n 
A 1 128 GLU 128 167 167 GLU GLU A . n 
A 1 129 PRO 129 168 168 PRO PRO A . n 
A 1 130 ARG 130 169 169 ARG ARG A . n 
A 1 131 ILE 131 170 170 ILE ILE A . n 
A 1 132 HIS 132 171 171 HIS HIS A . n 
A 1 133 ILE 133 172 172 ILE ILE A . n 
A 1 134 VAL 134 173 173 VAL VAL A . n 
A 1 135 ARG 135 174 174 ARG ARG A . n 
A 1 136 VAL 136 175 175 VAL VAL A . n 
A 1 137 GLY 137 176 176 GLY GLY A . n 
A 1 138 ASP 138 177 177 ASP ASP A . n 
A 1 139 PRO 139 178 178 PRO PRO A . n 
A 1 140 GLN 140 179 179 GLN GLN A . n 
A 1 141 ARG 141 180 180 ARG ARG A . n 
A 1 142 MET 142 181 181 MET MET A . n 
A 1 143 ILE 143 182 182 ILE ILE A . n 
A 1 144 THR 144 183 183 THR THR A . n 
A 1 145 SER 145 184 184 SER SER A . n 
A 1 146 HIS 146 185 185 HIS HIS A . n 
A 1 147 CYS 147 186 186 CYS CYS A . n 
A 1 148 PHE 148 187 187 PHE PHE A . n 
A 1 149 PRO 149 188 188 PRO PRO A . n 
A 1 150 GLU 150 189 189 GLU GLU A . n 
A 1 151 THR 151 190 190 THR THR A . n 
A 1 152 GLN 152 191 191 GLN GLN A . n 
A 1 153 PHE 153 192 192 PHE PHE A . n 
A 1 154 ILE 154 193 193 ILE ILE A . n 
A 1 155 ALA 155 194 194 ALA ALA A . n 
A 1 156 VAL 156 195 195 VAL VAL A . n 
A 1 157 THR 157 196 196 THR THR A . n 
A 1 158 ALA 158 197 197 ALA ALA A . n 
A 1 159 TYR 159 198 198 TYR TYR A . n 
A 1 160 GLN 160 199 199 GLN GLN A . n 
A 1 161 ASN 161 200 200 ASN ASN A . n 
A 1 162 GLU 162 201 201 GLU GLU A . n 
A 1 163 GLU 163 202 202 GLU GLU A . n 
A 1 164 ILE 164 203 203 ILE ILE A . n 
A 1 165 THR 165 204 204 THR THR A . n 
A 1 166 ALA 166 205 205 ALA ALA A . n 
A 1 167 LEU 167 206 206 LEU LEU A . n 
A 1 168 LYS 168 207 207 LYS LYS A . n 
A 1 169 ILE 169 208 208 ILE ILE A . n 
A 1 170 LYS 170 209 209 LYS LYS A . n 
A 1 171 TYR 171 210 210 TYR TYR A . n 
A 1 172 ASN 172 211 211 ASN ASN A . n 
# 
loop_
_pdbx_nonpoly_scheme.asym_id 
_pdbx_nonpoly_scheme.entity_id 
_pdbx_nonpoly_scheme.mon_id 
_pdbx_nonpoly_scheme.ndb_seq_num 
_pdbx_nonpoly_scheme.pdb_seq_num 
_pdbx_nonpoly_scheme.auth_seq_num 
_pdbx_nonpoly_scheme.pdb_mon_id 
_pdbx_nonpoly_scheme.auth_mon_id 
_pdbx_nonpoly_scheme.pdb_strand_id 
_pdbx_nonpoly_scheme.pdb_ins_code 
B 2 O0G 1   301 301 O0G LIG A . 
C 3 HOH 1   401 106 HOH HOH A . 
C 3 HOH 2   402 77  HOH HOH A . 
C 3 HOH 3   403 111 HOH HOH A . 
C 3 HOH 4   404 154 HOH HOH A . 
C 3 HOH 5   405 113 HOH HOH A . 
C 3 HOH 6   406 78  HOH HOH A . 
C 3 HOH 7   407 30  HOH HOH A . 
C 3 HOH 8   408 46  HOH HOH A . 
C 3 HOH 9   409 157 HOH HOH A . 
C 3 HOH 10  410 150 HOH HOH A . 
C 3 HOH 11  411 104 HOH HOH A . 
C 3 HOH 12  412 31  HOH HOH A . 
C 3 HOH 13  413 210 HOH HOH A . 
C 3 HOH 14  414 62  HOH HOH A . 
C 3 HOH 15  415 122 HOH HOH A . 
C 3 HOH 16  416 68  HOH HOH A . 
C 3 HOH 17  417 141 HOH HOH A . 
C 3 HOH 18  418 27  HOH HOH A . 
C 3 HOH 19  419 40  HOH HOH A . 
C 3 HOH 20  420 48  HOH HOH A . 
C 3 HOH 21  421 170 HOH HOH A . 
C 3 HOH 22  422 88  HOH HOH A . 
C 3 HOH 23  423 90  HOH HOH A . 
C 3 HOH 24  424 101 HOH HOH A . 
C 3 HOH 25  425 26  HOH HOH A . 
C 3 HOH 26  426 162 HOH HOH A . 
C 3 HOH 27  427 44  HOH HOH A . 
C 3 HOH 28  428 165 HOH HOH A . 
C 3 HOH 29  429 103 HOH HOH A . 
C 3 HOH 30  430 166 HOH HOH A . 
C 3 HOH 31  431 32  HOH HOH A . 
C 3 HOH 32  432 235 HOH HOH A . 
C 3 HOH 33  433 149 HOH HOH A . 
C 3 HOH 34  434 118 HOH HOH A . 
C 3 HOH 35  435 81  HOH HOH A . 
C 3 HOH 36  436 133 HOH HOH A . 
C 3 HOH 37  437 61  HOH HOH A . 
C 3 HOH 38  438 188 HOH HOH A . 
C 3 HOH 39  439 41  HOH HOH A . 
C 3 HOH 40  440 180 HOH HOH A . 
C 3 HOH 41  441 17  HOH HOH A . 
C 3 HOH 42  442 152 HOH HOH A . 
C 3 HOH 43  443 220 HOH HOH A . 
C 3 HOH 44  444 158 HOH HOH A . 
C 3 HOH 45  445 76  HOH HOH A . 
C 3 HOH 46  446 23  HOH HOH A . 
C 3 HOH 47  447 5   HOH HOH A . 
C 3 HOH 48  448 125 HOH HOH A . 
C 3 HOH 49  449 204 HOH HOH A . 
C 3 HOH 50  450 59  HOH HOH A . 
C 3 HOH 51  451 47  HOH HOH A . 
C 3 HOH 52  452 181 HOH HOH A . 
C 3 HOH 53  453 167 HOH HOH A . 
C 3 HOH 54  454 57  HOH HOH A . 
C 3 HOH 55  455 221 HOH HOH A . 
C 3 HOH 56  456 4   HOH HOH A . 
C 3 HOH 57  457 15  HOH HOH A . 
C 3 HOH 58  458 42  HOH HOH A . 
C 3 HOH 59  459 174 HOH HOH A . 
C 3 HOH 60  460 14  HOH HOH A . 
C 3 HOH 61  461 216 HOH HOH A . 
C 3 HOH 62  462 206 HOH HOH A . 
C 3 HOH 63  463 234 HOH HOH A . 
C 3 HOH 64  464 12  HOH HOH A . 
C 3 HOH 65  465 35  HOH HOH A . 
C 3 HOH 66  466 159 HOH HOH A . 
C 3 HOH 67  467 89  HOH HOH A . 
C 3 HOH 68  468 83  HOH HOH A . 
C 3 HOH 69  469 60  HOH HOH A . 
C 3 HOH 70  470 207 HOH HOH A . 
C 3 HOH 71  471 22  HOH HOH A . 
C 3 HOH 72  472 107 HOH HOH A . 
C 3 HOH 73  473 191 HOH HOH A . 
C 3 HOH 74  474 209 HOH HOH A . 
C 3 HOH 75  475 208 HOH HOH A . 
C 3 HOH 76  476 195 HOH HOH A . 
C 3 HOH 77  477 194 HOH HOH A . 
C 3 HOH 78  478 160 HOH HOH A . 
C 3 HOH 79  479 45  HOH HOH A . 
C 3 HOH 80  480 11  HOH HOH A . 
C 3 HOH 81  481 43  HOH HOH A . 
C 3 HOH 82  482 237 HOH HOH A . 
C 3 HOH 83  483 67  HOH HOH A . 
C 3 HOH 84  484 6   HOH HOH A . 
C 3 HOH 85  485 164 HOH HOH A . 
C 3 HOH 86  486 9   HOH HOH A . 
C 3 HOH 87  487 228 HOH HOH A . 
C 3 HOH 88  488 92  HOH HOH A . 
C 3 HOH 89  489 37  HOH HOH A . 
C 3 HOH 90  490 66  HOH HOH A . 
C 3 HOH 91  491 1   HOH HOH A . 
C 3 HOH 92  492 13  HOH HOH A . 
C 3 HOH 93  493 70  HOH HOH A . 
C 3 HOH 94  494 184 HOH HOH A . 
C 3 HOH 95  495 182 HOH HOH A . 
C 3 HOH 96  496 50  HOH HOH A . 
C 3 HOH 97  497 96  HOH HOH A . 
C 3 HOH 98  498 3   HOH HOH A . 
C 3 HOH 99  499 52  HOH HOH A . 
C 3 HOH 100 500 199 HOH HOH A . 
C 3 HOH 101 501 124 HOH HOH A . 
C 3 HOH 102 502 151 HOH HOH A . 
C 3 HOH 103 503 109 HOH HOH A . 
C 3 HOH 104 504 36  HOH HOH A . 
C 3 HOH 105 505 161 HOH HOH A . 
C 3 HOH 106 506 38  HOH HOH A . 
C 3 HOH 107 507 16  HOH HOH A . 
C 3 HOH 108 508 39  HOH HOH A . 
C 3 HOH 109 509 54  HOH HOH A . 
C 3 HOH 110 510 163 HOH HOH A . 
C 3 HOH 111 511 24  HOH HOH A . 
C 3 HOH 112 512 20  HOH HOH A . 
C 3 HOH 113 513 138 HOH HOH A . 
C 3 HOH 114 514 64  HOH HOH A . 
C 3 HOH 115 515 72  HOH HOH A . 
C 3 HOH 116 516 172 HOH HOH A . 
C 3 HOH 117 517 25  HOH HOH A . 
C 3 HOH 118 518 56  HOH HOH A . 
C 3 HOH 119 519 218 HOH HOH A . 
C 3 HOH 120 520 86  HOH HOH A . 
C 3 HOH 121 521 58  HOH HOH A . 
C 3 HOH 122 522 179 HOH HOH A . 
C 3 HOH 123 523 2   HOH HOH A . 
C 3 HOH 124 524 28  HOH HOH A . 
C 3 HOH 125 525 33  HOH HOH A . 
C 3 HOH 126 526 142 HOH HOH A . 
C 3 HOH 127 527 82  HOH HOH A . 
C 3 HOH 128 528 186 HOH HOH A . 
C 3 HOH 129 529 213 HOH HOH A . 
C 3 HOH 130 530 7   HOH HOH A . 
C 3 HOH 131 531 117 HOH HOH A . 
C 3 HOH 132 532 100 HOH HOH A . 
C 3 HOH 133 533 231 HOH HOH A . 
C 3 HOH 134 534 178 HOH HOH A . 
C 3 HOH 135 535 176 HOH HOH A . 
C 3 HOH 136 536 173 HOH HOH A . 
C 3 HOH 137 537 222 HOH HOH A . 
C 3 HOH 138 538 85  HOH HOH A . 
C 3 HOH 139 539 87  HOH HOH A . 
C 3 HOH 140 540 51  HOH HOH A . 
C 3 HOH 141 541 156 HOH HOH A . 
C 3 HOH 142 542 236 HOH HOH A . 
C 3 HOH 143 543 121 HOH HOH A . 
C 3 HOH 144 544 185 HOH HOH A . 
C 3 HOH 145 545 217 HOH HOH A . 
C 3 HOH 146 546 29  HOH HOH A . 
C 3 HOH 147 547 175 HOH HOH A . 
C 3 HOH 148 548 224 HOH HOH A . 
C 3 HOH 149 549 99  HOH HOH A . 
C 3 HOH 150 550 84  HOH HOH A . 
C 3 HOH 151 551 168 HOH HOH A . 
C 3 HOH 152 552 219 HOH HOH A . 
C 3 HOH 153 553 135 HOH HOH A . 
C 3 HOH 154 554 143 HOH HOH A . 
C 3 HOH 155 555 98  HOH HOH A . 
C 3 HOH 156 556 200 HOH HOH A . 
C 3 HOH 157 557 19  HOH HOH A . 
C 3 HOH 158 558 131 HOH HOH A . 
C 3 HOH 159 559 94  HOH HOH A . 
C 3 HOH 160 560 238 HOH HOH A . 
C 3 HOH 161 561 80  HOH HOH A . 
C 3 HOH 162 562 214 HOH HOH A . 
C 3 HOH 163 563 97  HOH HOH A . 
C 3 HOH 164 564 144 HOH HOH A . 
C 3 HOH 165 565 136 HOH HOH A . 
C 3 HOH 166 566 116 HOH HOH A . 
C 3 HOH 167 567 187 HOH HOH A . 
C 3 HOH 168 568 129 HOH HOH A . 
C 3 HOH 169 569 21  HOH HOH A . 
C 3 HOH 170 570 65  HOH HOH A . 
C 3 HOH 171 571 155 HOH HOH A . 
C 3 HOH 172 572 55  HOH HOH A . 
C 3 HOH 173 573 49  HOH HOH A . 
C 3 HOH 174 574 153 HOH HOH A . 
C 3 HOH 175 575 110 HOH HOH A . 
C 3 HOH 176 576 71  HOH HOH A . 
C 3 HOH 177 577 73  HOH HOH A . 
C 3 HOH 178 578 137 HOH HOH A . 
C 3 HOH 179 579 102 HOH HOH A . 
C 3 HOH 180 580 211 HOH HOH A . 
C 3 HOH 181 581 145 HOH HOH A . 
C 3 HOH 182 582 75  HOH HOH A . 
# 
loop_
_software.pdbx_ordinal 
_software.name 
_software.version 
_software.date 
_software.type 
_software.contact_author 
_software.contact_author_email 
_software.classification 
_software.location 
_software.language 
_software.citation_id 
1 REFMAC      5.8.0238 ?               program 'Garib N. Murshudov' garib@ysbl.york.ac.uk    refinement        
http://www.ccp4.ac.uk/dist/html/refmac5.html        Fortran_77 ? 
2 Aimless     0.7.3    15/08/18        program 'Phil Evans'         ?                        'data scaling'    
http://www.mrc-lmb.cam.ac.uk/harry/pre/aimless.html ?          ? 
3 PDB_EXTRACT 3.23     'SEP. 23, 2016' package PDB                  deposit@deposit.rcsb.org 'data extraction' 
http://sw-tools.pdb.org/apps/PDB_EXTRACT/           C++        ? 
4 XDS         .        ?               program ?                    ?                        'data reduction'  ? ?          ? 
5 REFMAC      .        ?               program ?                    ?                        phasing           ? ?          ? 
# 
_cell.entry_id           5QS8 
_cell.length_a           99.934 
_cell.length_b           99.934 
_cell.length_c           99.314 
_cell.angle_alpha        90.000 
_cell.angle_beta         90.000 
_cell.angle_gamma        120.000 
_cell.Z_PDB              18 
_cell.pdbx_unique_axis   ? 
# 
_symmetry.entry_id                         5QS8 
_symmetry.Int_Tables_number                155 
_symmetry.space_group_name_H-M             'H 3 2' 
_symmetry.pdbx_full_space_group_name_H-M   ? 
_symmetry.cell_setting                     ? 
# 
_exptl.crystals_number   1 
_exptl.entry_id          5QS8 
_exptl.method            'X-RAY DIFFRACTION' 
# 
_exptl_crystal.id                    1 
_exptl_crystal.pdbx_mosaicity        0.000 
_exptl_crystal.pdbx_mosaicity_esd    ? 
_exptl_crystal.density_Matthews      2.43 
_exptl_crystal.density_diffrn        ? 
_exptl_crystal.density_meas          ? 
_exptl_crystal.density_meas_temp     ? 
_exptl_crystal.density_percent_sol   49.34 
_exptl_crystal.size_max              ? 
_exptl_crystal.size_mid              ? 
_exptl_crystal.size_min              ? 
_exptl_crystal.size_rad              ? 
_exptl_crystal.description           ? 
# 
_exptl_crystal_grow.crystal_id      1 
_exptl_crystal_grow.method          'VAPOR DIFFUSION, SITTING DROP' 
_exptl_crystal_grow.pH              7 
_exptl_crystal_grow.temp            298 
_exptl_crystal_grow.pdbx_details    '0.1 M SPG pH 7.0, 30 % PEG 1000' 
_exptl_crystal_grow.temp_details    ? 
_exptl_crystal_grow.pdbx_pH_range   ? 
# 
_diffrn.id                               1 
_diffrn.ambient_temp                     100 
_diffrn.crystal_id                       1 
_diffrn.ambient_temp_details             ? 
_diffrn.pdbx_serial_crystal_experiment   ? 
# 
_diffrn_detector.detector               PIXEL 
_diffrn_detector.type                   'DECTRIS PILATUS 6M' 
_diffrn_detector.pdbx_collection_date   2018-12-08 
_diffrn_detector.diffrn_id              1 
_diffrn_detector.details                ? 
# 
_diffrn_radiation.diffrn_id                        1 
_diffrn_radiation.wavelength_id                    1 
_diffrn_radiation.pdbx_diffrn_protocol             'SINGLE WAVELENGTH' 
_diffrn_radiation.pdbx_monochromatic_or_laue_m_l   M 
_diffrn_radiation.monochromator                    ? 
_diffrn_radiation.pdbx_scattering_type             x-ray 
# 
_diffrn_radiation_wavelength.id           1 
_diffrn_radiation_wavelength.wavelength   0.91587 
_diffrn_radiation_wavelength.wt           1.0 
# 
_diffrn_source.diffrn_id                   1 
_diffrn_source.source                      SYNCHROTRON 
_diffrn_source.type                        'DIAMOND BEAMLINE I04-1' 
_diffrn_source.pdbx_wavelength_list        0.91587 
_diffrn_source.pdbx_synchrotron_site       Diamond 
_diffrn_source.pdbx_synchrotron_beamline   I04-1 
_diffrn_source.pdbx_wavelength             ? 
# 
_reflns.entry_id                     5QS8 
_reflns.pdbx_diffrn_id               1 
_reflns.pdbx_ordinal                 1 
_reflns.observed_criterion_sigma_I   ? 
_reflns.observed_criterion_sigma_F   ? 
_reflns.d_resolution_low             49.980 
_reflns.d_resolution_high            1.470 
_reflns.number_obs                   32536 
_reflns.number_all                   ? 
_reflns.percent_possible_obs         100.000 
_reflns.pdbx_Rmerge_I_obs            0.041 
_reflns.pdbx_Rsym_value              ? 
_reflns.pdbx_netI_over_sigmaI        19.900 
_reflns.B_iso_Wilson_estimate        ? 
_reflns.pdbx_redundancy              8.400 
_reflns.pdbx_Rrim_I_all              0.044 
_reflns.pdbx_Rpim_I_all              0.014 
_reflns.pdbx_CC_half                 1.000 
_reflns.pdbx_netI_over_av_sigmaI     ? 
_reflns.pdbx_number_measured_all     274927 
_reflns.pdbx_scaling_rejects         286 
_reflns.pdbx_chi_squared             ? 
_reflns.Rmerge_F_all                 ? 
_reflns.Rmerge_F_obs                 ? 
_reflns.observed_criterion_F_max     ? 
_reflns.observed_criterion_F_min     ? 
_reflns.observed_criterion_I_max     ? 
_reflns.observed_criterion_I_min     ? 
_reflns.pdbx_d_res_high_opt          ? 
_reflns.pdbx_d_res_low_opt           ? 
_reflns.details                      ? 
# 
loop_
_reflns_shell.pdbx_diffrn_id 
_reflns_shell.pdbx_ordinal 
_reflns_shell.d_res_high 
_reflns_shell.d_res_low 
_reflns_shell.number_measured_obs 
_reflns_shell.number_measured_all 
_reflns_shell.number_unique_obs 
_reflns_shell.pdbx_rejects 
_reflns_shell.Rmerge_I_obs 
_reflns_shell.meanI_over_sigI_obs 
_reflns_shell.pdbx_Rsym_value 
_reflns_shell.pdbx_chi_squared 
_reflns_shell.pdbx_redundancy 
_reflns_shell.percent_possible_obs 
_reflns_shell.pdbx_netI_over_sigmaI_obs 
_reflns_shell.number_possible 
_reflns_shell.number_unique_all 
_reflns_shell.Rmerge_F_all 
_reflns_shell.Rmerge_F_obs 
_reflns_shell.Rmerge_I_all 
_reflns_shell.meanI_over_sigI_all 
_reflns_shell.percent_possible_all 
_reflns_shell.pdbx_Rrim_I_all 
_reflns_shell.pdbx_Rpim_I_all 
_reflns_shell.pdbx_CC_half 
1 1 1.470 1.510  ? 13455 ? ? 1.306 ? ? ? 5.700 ? 1.100  ? 2375 ? ? ? ? 100.000 1.441 0.599 0.593 
1 2 6.570 49.980 ? 3583  ? ? 0.019 ? ? ? 8.800 ? 71.800 ? 408  ? ? ? ? 99.700  0.020 0.007 1.000 
# 
_refine.entry_id                                 5QS8 
_refine.pdbx_refine_id                           'X-RAY DIFFRACTION' 
_refine.ls_d_res_high                            1.4700 
_refine.ls_d_res_low                             49.9700 
_refine.pdbx_ls_sigma_F                          0.000 
_refine.pdbx_data_cutoff_high_absF               ? 
_refine.pdbx_data_cutoff_low_absF                ? 
_refine.ls_percent_reflns_obs                    99.9600 
_refine.ls_number_reflns_obs                     30948 
_refine.ls_number_reflns_all                     ? 
_refine.pdbx_ls_cross_valid_method               THROUGHOUT 
_refine.ls_matrix_type                           ? 
_refine.pdbx_R_Free_selection_details            RANDOM 
_refine.details                                  
'HYDROGENS HAVE BEEN ADDED IN THE RIDING POSITIONS U VALUES      : REFINED INDIVIDUALLY' 
_refine.ls_R_factor_all                          ? 
_refine.ls_R_factor_obs                          0.2125 
_refine.ls_R_factor_R_work                       0.2114 
_refine.ls_wR_factor_R_work                      ? 
_refine.ls_R_factor_R_free                       0.2342 
_refine.ls_wR_factor_R_free                      ? 
_refine.ls_percent_reflns_R_free                 4.9000 
_refine.ls_number_reflns_R_free                  1578 
_refine.ls_number_reflns_R_work                  ? 
_refine.ls_R_factor_R_free_error                 ? 
_refine.B_iso_mean                               24.5490 
_refine.solvent_model_param_bsol                 ? 
_refine.solvent_model_param_ksol                 ? 
_refine.pdbx_isotropic_thermal_model             ? 
_refine.aniso_B[1][1]                            -0.5100 
_refine.aniso_B[2][2]                            -0.5100 
_refine.aniso_B[3][3]                            1.6700 
_refine.aniso_B[1][2]                            -0.2600 
_refine.aniso_B[1][3]                            -0.0000 
_refine.aniso_B[2][3]                            -0.0000 
_refine.correlation_coeff_Fo_to_Fc               0.9610 
_refine.correlation_coeff_Fo_to_Fc_free          0.9510 
_refine.overall_SU_R_Cruickshank_DPI             ? 
_refine.pdbx_overall_SU_R_free_Cruickshank_DPI   ? 
_refine.pdbx_overall_SU_R_Blow_DPI               ? 
_refine.pdbx_overall_SU_R_free_Blow_DPI          ? 
_refine.overall_SU_R_free                        ? 
_refine.pdbx_overall_ESU_R                       0.0870 
_refine.pdbx_overall_ESU_R_Free                  0.0840 
_refine.overall_SU_ML                            0.0720 
_refine.overall_SU_B                             1.9840 
_refine.solvent_model_details                    MASK 
_refine.pdbx_solvent_vdw_probe_radii             1.2000 
_refine.pdbx_solvent_ion_probe_radii             0.8000 
_refine.pdbx_solvent_shrinkage_radii             0.8000 
_refine.ls_number_parameters                     ? 
_refine.ls_number_restraints                     ? 
_refine.pdbx_starting_model                      6f58 
_refine.pdbx_method_to_determine_struct          'FOURIER SYNTHESIS' 
_refine.pdbx_stereochemistry_target_values       'MAXIMUM LIKELIHOOD' 
_refine.pdbx_stereochem_target_val_spec_case     ? 
_refine.overall_FOM_work_R_set                   ? 
_refine.B_iso_max                                87.990 
_refine.B_iso_min                                16.330 
_refine.pdbx_overall_phase_error                 ? 
_refine.occupancy_max                            ? 
_refine.occupancy_min                            ? 
_refine.pdbx_diffrn_id                           1 
_refine.pdbx_TLS_residual_ADP_flag               ? 
_refine.pdbx_ls_sigma_I                          ? 
_refine.pdbx_data_cutoff_high_rms_absF           ? 
_refine.ls_R_factor_R_free_error_details         ? 
# 
_refine_hist.cycle_id                         final 
_refine_hist.pdbx_refine_id                   'X-RAY DIFFRACTION' 
_refine_hist.d_res_high                       1.4700 
_refine_hist.d_res_low                        49.9700 
_refine_hist.pdbx_number_atoms_ligand         13 
_refine_hist.number_atoms_solvent             182 
_refine_hist.number_atoms_total               1575 
_refine_hist.pdbx_number_residues_total       171 
_refine_hist.pdbx_B_iso_mean_ligand           56.97 
_refine_hist.pdbx_B_iso_mean_solvent          36.31 
_refine_hist.pdbx_number_atoms_protein        1380 
_refine_hist.pdbx_number_atoms_nucleic_acid   0 
# 
loop_
_refine_ls_restr.pdbx_refine_id 
_refine_ls_restr.type 
_refine_ls_restr.number 
_refine_ls_restr.dev_ideal 
_refine_ls_restr.dev_ideal_target 
_refine_ls_restr.weight 
_refine_ls_restr.pdbx_restraint_function 
'X-RAY DIFFRACTION' r_bond_refined_d       1796 0.011  0.014  ? ? 
'X-RAY DIFFRACTION' r_bond_other_d         1525 0.001  0.017  ? ? 
'X-RAY DIFFRACTION' r_angle_refined_deg    2256 1.432  1.668  ? ? 
'X-RAY DIFFRACTION' r_angle_other_deg      3563 1.241  1.591  ? ? 
'X-RAY DIFFRACTION' r_dihedral_angle_1_deg 209  6.578  5.000  ? ? 
'X-RAY DIFFRACTION' r_dihedral_angle_2_deg 83   26.319 21.807 ? ? 
'X-RAY DIFFRACTION' r_dihedral_angle_3_deg 294  13.542 15.000 ? ? 
'X-RAY DIFFRACTION' r_dihedral_angle_4_deg 11   10.770 15.000 ? ? 
'X-RAY DIFFRACTION' r_chiral_restr         208  0.053  0.200  ? ? 
'X-RAY DIFFRACTION' r_gen_planes_refined   1975 0.005  0.020  ? ? 
'X-RAY DIFFRACTION' r_gen_planes_other     358  0.002  0.020  ? ? 
'X-RAY DIFFRACTION' r_mcbond_it            864  1.219  2.371  ? ? 
'X-RAY DIFFRACTION' r_mcbond_other         857  1.214  2.353  ? ? 
'X-RAY DIFFRACTION' r_mcangle_it           1019 2.095  3.572  ? ? 
# 
_refine_ls_shell.d_res_high                       1.4700 
_refine_ls_shell.d_res_low                        1.5080 
_refine_ls_shell.pdbx_total_number_of_bins_used   20 
_refine_ls_shell.percent_reflns_obs               99.8300 
_refine_ls_shell.number_reflns_R_work             2246 
_refine_ls_shell.R_factor_all                     ? 
_refine_ls_shell.R_factor_R_work                  0.3250 
_refine_ls_shell.R_factor_R_free                  0.2840 
_refine_ls_shell.percent_reflns_R_free            ? 
_refine_ls_shell.number_reflns_R_free             120 
_refine_ls_shell.R_factor_R_free_error            ? 
_refine_ls_shell.number_reflns_all                2366 
_refine_ls_shell.number_reflns_obs                ? 
_refine_ls_shell.pdbx_refine_id                   'X-RAY DIFFRACTION' 
# 
_struct.entry_id                  5QS8 
_struct.title                     
'PanDDA analysis group deposition -- Crystal Structure of human Brachyury G177D variant in complex with Z1432018343' 
_struct.pdbx_model_details        ? 
_struct.pdbx_CASP_flag            ? 
_struct.pdbx_model_type_details   ? 
# 
_struct_keywords.entry_id        5QS8 
_struct_keywords.text            'SGC - Diamond I04-1 fragment screening, PanDDA, XChemExplorer, TRANSCRIPTION' 
_struct_keywords.pdbx_keywords   TRANSCRIPTION 
# 
loop_
_struct_asym.id 
_struct_asym.pdbx_blank_PDB_chainid_flag 
_struct_asym.pdbx_modified 
_struct_asym.entity_id 
_struct_asym.details 
A N N 1 ? 
B N N 2 ? 
C N N 3 ? 
# 
_struct_ref.id                         1 
_struct_ref.db_name                    UNP 
_struct_ref.db_code                    TBXT_HUMAN 
_struct_ref.pdbx_db_accession          O15178 
_struct_ref.pdbx_db_isoform            ? 
_struct_ref.entity_id                  1 
_struct_ref.pdbx_seq_one_letter_code   
;ELRVGLEESELWLRFKELTNEMIVTKNGRRMFPVLKVNVSGLDPNAMYSFLLDFVAADNHRWKYVNGEWVPGGKPEPQAP
SCVYIHPDSPNFGAHWMKAPVSFSKVKLTNKLNGGGQIMLNSLHKYEPRIHIVRVGGPQRMITSHCFPETQFIAVTAYQN
EEITALKIKYN
;
_struct_ref.pdbx_align_begin           41 
# 
_struct_ref_seq.align_id                      1 
_struct_ref_seq.ref_id                        1 
_struct_ref_seq.pdbx_PDB_id_code              5QS8 
_struct_ref_seq.pdbx_strand_id                A 
_struct_ref_seq.seq_align_beg                 2 
_struct_ref_seq.pdbx_seq_align_beg_ins_code   ? 
_struct_ref_seq.seq_align_end                 172 
_struct_ref_seq.pdbx_seq_align_end_ins_code   ? 
_struct_ref_seq.pdbx_db_accession             O15178 
_struct_ref_seq.db_align_beg                  41 
_struct_ref_seq.pdbx_db_align_beg_ins_code    ? 
_struct_ref_seq.db_align_end                  211 
_struct_ref_seq.pdbx_db_align_end_ins_code    ? 
_struct_ref_seq.pdbx_auth_seq_align_beg       41 
_struct_ref_seq.pdbx_auth_seq_align_end       211 
# 
loop_
_struct_ref_seq_dif.align_id 
_struct_ref_seq_dif.pdbx_pdb_id_code 
_struct_ref_seq_dif.mon_id 
_struct_ref_seq_dif.pdbx_pdb_strand_id 
_struct_ref_seq_dif.seq_num 
_struct_ref_seq_dif.pdbx_pdb_ins_code 
_struct_ref_seq_dif.pdbx_seq_db_name 
_struct_ref_seq_dif.pdbx_seq_db_accession_code 
_struct_ref_seq_dif.db_mon_id 
_struct_ref_seq_dif.pdbx_seq_db_seq_num 
_struct_ref_seq_dif.details 
_struct_ref_seq_dif.pdbx_auth_seq_num 
_struct_ref_seq_dif.pdbx_ordinal 
1 5QS8 GLY A 1   ? UNP O15178 ?   ?   'expression tag'      40  1 
1 5QS8 ASP A 138 ? UNP O15178 GLY 177 'engineered mutation' 177 2 
# 
_pdbx_struct_assembly.id                   1 
_pdbx_struct_assembly.details              author_and_software_defined_assembly 
_pdbx_struct_assembly.method_details       PISA 
_pdbx_struct_assembly.oligomeric_details   monomeric 
_pdbx_struct_assembly.oligomeric_count     1 
# 
_pdbx_struct_assembly_gen.assembly_id       1 
_pdbx_struct_assembly_gen.oper_expression   1 
_pdbx_struct_assembly_gen.asym_id_list      A,B,C 
# 
_pdbx_struct_oper_list.id                   1 
_pdbx_struct_oper_list.type                 'identity operation' 
_pdbx_struct_oper_list.name                 1_555 
_pdbx_struct_oper_list.symmetry_operation   x,y,z 
_pdbx_struct_oper_list.matrix[1][1]         1.0000000000 
_pdbx_struct_oper_list.matrix[1][2]         0.0000000000 
_pdbx_struct_oper_list.matrix[1][3]         0.0000000000 
_pdbx_struct_oper_list.vector[1]            0.0000000000 
_pdbx_struct_oper_list.matrix[2][1]         0.0000000000 
_pdbx_struct_oper_list.matrix[2][2]         1.0000000000 
_pdbx_struct_oper_list.matrix[2][3]         0.0000000000 
_pdbx_struct_oper_list.vector[2]            0.0000000000 
_pdbx_struct_oper_list.matrix[3][1]         0.0000000000 
_pdbx_struct_oper_list.matrix[3][2]         0.0000000000 
_pdbx_struct_oper_list.matrix[3][3]         1.0000000000 
_pdbx_struct_oper_list.vector[3]            0.0000000000 
# 
loop_
_struct_conf.conf_type_id 
_struct_conf.id 
_struct_conf.pdbx_PDB_helix_id 
_struct_conf.beg_label_comp_id 
_struct_conf.beg_label_asym_id 
_struct_conf.beg_label_seq_id 
_struct_conf.pdbx_beg_PDB_ins_code 
_struct_conf.end_label_comp_id 
_struct_conf.end_label_asym_id 
_struct_conf.end_label_seq_id 
_struct_conf.pdbx_end_PDB_ins_code 
_struct_conf.beg_auth_comp_id 
_struct_conf.beg_auth_asym_id 
_struct_conf.beg_auth_seq_id 
_struct_conf.end_auth_comp_id 
_struct_conf.end_auth_asym_id 
_struct_conf.end_auth_seq_id 
_struct_conf.pdbx_PDB_helix_class 
_struct_conf.details 
_struct_conf.pdbx_PDB_helix_length 
HELX_P HELX_P1 AA1 GLU A 9   ? THR A 20  ? GLU A 48  THR A 59  1 ? 12 
HELX_P HELX_P2 AA2 GLY A 94  ? LYS A 99  ? GLY A 133 LYS A 138 1 ? 6  
HELX_P HELX_P3 AA3 PRO A 149 ? GLN A 152 ? PRO A 188 GLN A 191 5 ? 4  
HELX_P HELX_P4 AA4 ASN A 161 ? ASN A 172 ? ASN A 200 ASN A 211 1 ? 12 
# 
_struct_conf_type.id          HELX_P 
_struct_conf_type.criteria    ? 
_struct_conf_type.reference   ? 
# 
loop_
_struct_mon_prot_cis.pdbx_id 
_struct_mon_prot_cis.label_comp_id 
_struct_mon_prot_cis.label_seq_id 
_struct_mon_prot_cis.label_asym_id 
_struct_mon_prot_cis.label_alt_id 
_struct_mon_prot_cis.pdbx_PDB_ins_code 
_struct_mon_prot_cis.auth_comp_id 
_struct_mon_prot_cis.auth_seq_id 
_struct_mon_prot_cis.auth_asym_id 
_struct_mon_prot_cis.pdbx_label_comp_id_2 
_struct_mon_prot_cis.pdbx_label_seq_id_2 
_struct_mon_prot_cis.pdbx_label_asym_id_2 
_struct_mon_prot_cis.pdbx_PDB_ins_code_2 
_struct_mon_prot_cis.pdbx_auth_comp_id_2 
_struct_mon_prot_cis.pdbx_auth_seq_id_2 
_struct_mon_prot_cis.pdbx_auth_asym_id_2 
_struct_mon_prot_cis.pdbx_PDB_model_num 
_struct_mon_prot_cis.pdbx_omega_angle 
1 PHE 33 A . ? PHE 72  A PRO 34 A ? PRO 73  A 1 -6.14  
2 SER 90 A . ? SER 129 A PRO 91 A ? PRO 130 A 1 -13.52 
# 
loop_
_struct_sheet.id 
_struct_sheet.type 
_struct_sheet.number_strands 
_struct_sheet.details 
AA1 ? 3 ? 
AA2 ? 5 ? 
AA3 ? 4 ? 
AA4 ? 3 ? 
AA5 ? 2 ? 
# 
loop_
_struct_sheet_order.sheet_id 
_struct_sheet_order.range_id_1 
_struct_sheet_order.range_id_2 
_struct_sheet_order.offset 
_struct_sheet_order.sense 
AA1 1 2 ? anti-parallel 
AA1 2 3 ? anti-parallel 
AA2 1 2 ? parallel      
AA2 2 3 ? anti-parallel 
AA2 3 4 ? anti-parallel 
AA2 4 5 ? anti-parallel 
AA3 1 2 ? anti-parallel 
AA3 2 3 ? anti-parallel 
AA3 3 4 ? anti-parallel 
AA4 1 2 ? anti-parallel 
AA4 2 3 ? parallel      
AA5 1 2 ? anti-parallel 
# 
loop_
_struct_sheet_range.sheet_id 
_struct_sheet_range.id 
_struct_sheet_range.beg_label_comp_id 
_struct_sheet_range.beg_label_asym_id 
_struct_sheet_range.beg_label_seq_id 
_struct_sheet_range.pdbx_beg_PDB_ins_code 
_struct_sheet_range.end_label_comp_id 
_struct_sheet_range.end_label_asym_id 
_struct_sheet_range.end_label_seq_id 
_struct_sheet_range.pdbx_end_PDB_ins_code 
_struct_sheet_range.beg_auth_comp_id 
_struct_sheet_range.beg_auth_asym_id 
_struct_sheet_range.beg_auth_seq_id 
_struct_sheet_range.end_auth_comp_id 
_struct_sheet_range.end_auth_asym_id 
_struct_sheet_range.end_auth_seq_id 
AA1 1 ARG A 4   ? LEU A 7   ? ARG A 43  LEU A 46  
AA1 2 LYS A 37  ? SER A 41  ? LYS A 76  SER A 80  
AA1 3 VAL A 102 ? SER A 103 ? VAL A 141 SER A 142 
AA2 1 GLU A 22  ? ILE A 24  ? GLU A 61  ILE A 63  
AA2 2 PHE A 153 ? VAL A 156 ? PHE A 192 VAL A 195 
AA2 3 LYS A 126 ? ARG A 135 ? LYS A 165 ARG A 174 
AA2 4 MET A 48  ? ALA A 57  ? MET A 87  ALA A 96  
AA2 5 ASN A 92  ? PHE A 93  ? ASN A 131 PHE A 132 
AA3 1 TYR A 85  ? ILE A 86  ? TYR A 124 ILE A 125 
AA3 2 MET A 48  ? ALA A 57  ? MET A 87  ALA A 96  
AA3 3 LYS A 126 ? ARG A 135 ? LYS A 165 ARG A 174 
AA3 4 ILE A 143 ? CYS A 147 ? ILE A 182 CYS A 186 
AA4 1 ARG A 30  ? ARG A 31  ? ARG A 69  ARG A 70  
AA4 2 LYS A 108 ? THR A 110 ? LYS A 147 THR A 149 
AA4 3 ILE A 119 ? MET A 120 ? ILE A 158 MET A 159 
AA5 1 ARG A 62  ? VAL A 66  ? ARG A 101 VAL A 105 
AA5 2 GLU A 69  ? GLY A 74  ? GLU A 108 GLY A 113 
# 
loop_
_pdbx_struct_sheet_hbond.sheet_id 
_pdbx_struct_sheet_hbond.range_id_1 
_pdbx_struct_sheet_hbond.range_id_2 
_pdbx_struct_sheet_hbond.range_1_label_atom_id 
_pdbx_struct_sheet_hbond.range_1_label_comp_id 
_pdbx_struct_sheet_hbond.range_1_label_asym_id 
_pdbx_struct_sheet_hbond.range_1_label_seq_id 
_pdbx_struct_sheet_hbond.range_1_PDB_ins_code 
_pdbx_struct_sheet_hbond.range_1_auth_atom_id 
_pdbx_struct_sheet_hbond.range_1_auth_comp_id 
_pdbx_struct_sheet_hbond.range_1_auth_asym_id 
_pdbx_struct_sheet_hbond.range_1_auth_seq_id 
_pdbx_struct_sheet_hbond.range_2_label_atom_id 
_pdbx_struct_sheet_hbond.range_2_label_comp_id 
_pdbx_struct_sheet_hbond.range_2_label_asym_id 
_pdbx_struct_sheet_hbond.range_2_label_seq_id 
_pdbx_struct_sheet_hbond.range_2_PDB_ins_code 
_pdbx_struct_sheet_hbond.range_2_auth_atom_id 
_pdbx_struct_sheet_hbond.range_2_auth_comp_id 
_pdbx_struct_sheet_hbond.range_2_auth_asym_id 
_pdbx_struct_sheet_hbond.range_2_auth_seq_id 
AA1 1 2 N ARG A 4   ? N ARG A 43  O SER A 41  ? O SER A 80  
AA1 2 3 N VAL A 38  ? N VAL A 77  O VAL A 102 ? O VAL A 141 
AA2 1 2 N MET A 23  ? N MET A 62  O VAL A 156 ? O VAL A 195 
AA2 2 3 O PHE A 153 ? O PHE A 192 N TYR A 127 ? N TYR A 166 
AA2 3 4 O VAL A 134 ? O VAL A 173 N SER A 50  ? N SER A 89  
AA2 4 5 N TYR A 49  ? N TYR A 88  O ASN A 92  ? O ASN A 131 
AA3 1 2 O TYR A 85  ? O TYR A 124 N LEU A 53  ? N LEU A 92  
AA3 2 3 N SER A 50  ? N SER A 89  O VAL A 134 ? O VAL A 173 
AA3 3 4 N ILE A 131 ? N ILE A 170 O HIS A 146 ? O HIS A 185 
AA4 1 2 N ARG A 30  ? N ARG A 69  O LEU A 109 ? O LEU A 148 
AA4 2 3 N THR A 110 ? N THR A 149 O ILE A 119 ? O ILE A 158 
AA5 1 2 N VAL A 66  ? N VAL A 105 O GLU A 69  ? O GLU A 108 
# 
_struct_site.id                   AC1 
_struct_site.pdbx_evidence_code   Software 
_struct_site.pdbx_auth_asym_id    A 
_struct_site.pdbx_auth_comp_id    O0G 
_struct_site.pdbx_auth_seq_id     301 
_struct_site.pdbx_auth_ins_code   ? 
_struct_site.pdbx_num_residues    5 
_struct_site.details              'binding site for residue O0G A 301' 
# 
loop_
_struct_site_gen.id 
_struct_site_gen.site_id 
_struct_site_gen.pdbx_num_res 
_struct_site_gen.label_comp_id 
_struct_site_gen.label_asym_id 
_struct_site_gen.label_seq_id 
_struct_site_gen.pdbx_auth_ins_code 
_struct_site_gen.auth_comp_id 
_struct_site_gen.auth_asym_id 
_struct_site_gen.auth_seq_id 
_struct_site_gen.label_atom_id 
_struct_site_gen.label_alt_id 
_struct_site_gen.symmetry 
_struct_site_gen.details 
1 AC1 5 GLU A 9  ? GLU A 48  . ? 1_555 ? 
2 AC1 5 GLU A 9  ? GLU A 48  . ? 4_555 ? 
3 AC1 5 LEU A 12 ? LEU A 51  . ? 1_555 ? 
4 AC1 5 HOH C .  ? HOH A 481 . ? 1_555 ? 
5 AC1 5 HOH C .  ? HOH A 536 . ? 1_555 ? 
# 
_pdbx_validate_close_contact.id               1 
_pdbx_validate_close_contact.PDB_model_num    1 
_pdbx_validate_close_contact.auth_atom_id_1   NH2 
_pdbx_validate_close_contact.auth_asym_id_1   A 
_pdbx_validate_close_contact.auth_comp_id_1   ARG 
_pdbx_validate_close_contact.auth_seq_id_1    54 
_pdbx_validate_close_contact.PDB_ins_code_1   ? 
_pdbx_validate_close_contact.label_alt_id_1   ? 
_pdbx_validate_close_contact.auth_atom_id_2   OH 
_pdbx_validate_close_contact.auth_asym_id_2   A 
_pdbx_validate_close_contact.auth_comp_id_2   TYR 
_pdbx_validate_close_contact.auth_seq_id_2    210 
_pdbx_validate_close_contact.PDB_ins_code_2   ? 
_pdbx_validate_close_contact.label_alt_id_2   ? 
_pdbx_validate_close_contact.dist             2.11 
# 
_pdbx_validate_rmsd_angle.id                         1 
_pdbx_validate_rmsd_angle.PDB_model_num              1 
_pdbx_validate_rmsd_angle.auth_atom_id_1             CG 
_pdbx_validate_rmsd_angle.auth_asym_id_1             A 
_pdbx_validate_rmsd_angle.auth_comp_id_1             ARG 
_pdbx_validate_rmsd_angle.auth_seq_id_1              180 
_pdbx_validate_rmsd_angle.PDB_ins_code_1             ? 
_pdbx_validate_rmsd_angle.label_alt_id_1             ? 
_pdbx_validate_rmsd_angle.auth_atom_id_2             CD 
_pdbx_validate_rmsd_angle.auth_asym_id_2             A 
_pdbx_validate_rmsd_angle.auth_comp_id_2             ARG 
_pdbx_validate_rmsd_angle.auth_seq_id_2              180 
_pdbx_validate_rmsd_angle.PDB_ins_code_2             ? 
_pdbx_validate_rmsd_angle.label_alt_id_2             ? 
_pdbx_validate_rmsd_angle.auth_atom_id_3             NE 
_pdbx_validate_rmsd_angle.auth_asym_id_3             A 
_pdbx_validate_rmsd_angle.auth_comp_id_3             ARG 
_pdbx_validate_rmsd_angle.auth_seq_id_3              180 
_pdbx_validate_rmsd_angle.PDB_ins_code_3             ? 
_pdbx_validate_rmsd_angle.label_alt_id_3             ? 
_pdbx_validate_rmsd_angle.angle_value                90.29 
_pdbx_validate_rmsd_angle.angle_target_value         111.80 
_pdbx_validate_rmsd_angle.angle_deviation            -21.51 
_pdbx_validate_rmsd_angle.angle_standard_deviation   2.10 
_pdbx_validate_rmsd_angle.linker_flag                N 
# 
loop_
_pdbx_validate_torsion.id 
_pdbx_validate_torsion.PDB_model_num 
_pdbx_validate_torsion.auth_comp_id 
_pdbx_validate_torsion.auth_asym_id 
_pdbx_validate_torsion.auth_seq_id 
_pdbx_validate_torsion.PDB_ins_code 
_pdbx_validate_torsion.label_alt_id 
_pdbx_validate_torsion.phi 
_pdbx_validate_torsion.psi 
1 1 THR A 59  ? ? 75.71   112.66 
2 1 SER A 121 ? ? -58.40  99.24  
3 1 PHE A 143 ? ? -100.65 52.01  
4 1 PHE A 143 ? ? -95.39  52.01  
5 1 LEU A 152 ? ? -60.09  67.91  
# 
loop_
_pdbx_struct_special_symmetry.id 
_pdbx_struct_special_symmetry.PDB_model_num 
_pdbx_struct_special_symmetry.auth_asym_id 
_pdbx_struct_special_symmetry.auth_comp_id 
_pdbx_struct_special_symmetry.auth_seq_id 
_pdbx_struct_special_symmetry.PDB_ins_code 
_pdbx_struct_special_symmetry.label_asym_id 
_pdbx_struct_special_symmetry.label_comp_id 
_pdbx_struct_special_symmetry.label_seq_id 
1 1 A O0G 301 ? B O0G . 
2 1 A O0G 301 ? B O0G . 
3 1 A HOH 515 ? C HOH . 
# 
_phasing.method   MR 
# 
_pdbx_entry_details.entry_id                 5QS8 
_pdbx_entry_details.has_ligand_of_interest   Y 
_pdbx_entry_details.compound_details         ? 
_pdbx_entry_details.source_details           ? 
_pdbx_entry_details.nonpolymer_details       ? 
_pdbx_entry_details.sequence_details         ? 
# 
_pdbx_distant_solvent_atoms.id                                1 
_pdbx_distant_solvent_atoms.PDB_model_num                     1 
_pdbx_distant_solvent_atoms.auth_atom_id                      O 
_pdbx_distant_solvent_atoms.label_alt_id                      ? 
_pdbx_distant_solvent_atoms.auth_asym_id                      A 
_pdbx_distant_solvent_atoms.auth_comp_id                      HOH 
_pdbx_distant_solvent_atoms.auth_seq_id                       582 
_pdbx_distant_solvent_atoms.PDB_ins_code                      ? 
_pdbx_distant_solvent_atoms.neighbor_macromolecule_distance   5.86 
_pdbx_distant_solvent_atoms.neighbor_ligand_distance          . 
# 
_pdbx_unobs_or_zero_occ_residues.id               1 
_pdbx_unobs_or_zero_occ_residues.PDB_model_num    1 
_pdbx_unobs_or_zero_occ_residues.polymer_flag     Y 
_pdbx_unobs_or_zero_occ_residues.occupancy_flag   1 
_pdbx_unobs_or_zero_occ_residues.auth_asym_id     A 
_pdbx_unobs_or_zero_occ_residues.auth_comp_id     GLY 
_pdbx_unobs_or_zero_occ_residues.auth_seq_id      40 
_pdbx_unobs_or_zero_occ_residues.PDB_ins_code     ? 
_pdbx_unobs_or_zero_occ_residues.label_asym_id    A 
_pdbx_unobs_or_zero_occ_residues.label_comp_id    GLY 
_pdbx_unobs_or_zero_occ_residues.label_seq_id     1 
# 
loop_
_chem_comp_atom.comp_id 
_chem_comp_atom.atom_id 
_chem_comp_atom.type_symbol 
_chem_comp_atom.pdbx_aromatic_flag 
_chem_comp_atom.pdbx_stereo_config 
_chem_comp_atom.pdbx_ordinal 
ALA N    N  N N 1   
ALA CA   C  N S 2   
ALA C    C  N N 3   
ALA O    O  N N 4   
ALA CB   C  N N 5   
ALA OXT  O  N N 6   
ALA H    H  N N 7   
ALA H2   H  N N 8   
ALA HA   H  N N 9   
ALA HB1  H  N N 10  
ALA HB2  H  N N 11  
ALA HB3  H  N N 12  
ALA HXT  H  N N 13  
ARG N    N  N N 14  
ARG CA   C  N S 15  
ARG C    C  N N 16  
ARG O    O  N N 17  
ARG CB   C  N N 18  
ARG CG   C  N N 19  
ARG CD   C  N N 20  
ARG NE   N  N N 21  
ARG CZ   C  N N 22  
ARG NH1  N  N N 23  
ARG NH2  N  N N 24  
ARG OXT  O  N N 25  
ARG H    H  N N 26  
ARG H2   H  N N 27  
ARG HA   H  N N 28  
ARG HB2  H  N N 29  
ARG HB3  H  N N 30  
ARG HG2  H  N N 31  
ARG HG3  H  N N 32  
ARG HD2  H  N N 33  
ARG HD3  H  N N 34  
ARG HE   H  N N 35  
ARG HH11 H  N N 36  
ARG HH12 H  N N 37  
ARG HH21 H  N N 38  
ARG HH22 H  N N 39  
ARG HXT  H  N N 40  
ASN N    N  N N 41  
ASN CA   C  N S 42  
ASN C    C  N N 43  
ASN O    O  N N 44  
ASN CB   C  N N 45  
ASN CG   C  N N 46  
ASN OD1  O  N N 47  
ASN ND2  N  N N 48  
ASN OXT  O  N N 49  
ASN H    H  N N 50  
ASN H2   H  N N 51  
ASN HA   H  N N 52  
ASN HB2  H  N N 53  
ASN HB3  H  N N 54  
ASN HD21 H  N N 55  
ASN HD22 H  N N 56  
ASN HXT  H  N N 57  
ASP N    N  N N 58  
ASP CA   C  N S 59  
ASP C    C  N N 60  
ASP O    O  N N 61  
ASP CB   C  N N 62  
ASP CG   C  N N 63  
ASP OD1  O  N N 64  
ASP OD2  O  N N 65  
ASP OXT  O  N N 66  
ASP H    H  N N 67  
ASP H2   H  N N 68  
ASP HA   H  N N 69  
ASP HB2  H  N N 70  
ASP HB3  H  N N 71  
ASP HD2  H  N N 72  
ASP HXT  H  N N 73  
CYS N    N  N N 74  
CYS CA   C  N R 75  
CYS C    C  N N 76  
CYS O    O  N N 77  
CYS CB   C  N N 78  
CYS SG   S  N N 79  
CYS OXT  O  N N 80  
CYS H    H  N N 81  
CYS H2   H  N N 82  
CYS HA   H  N N 83  
CYS HB2  H  N N 84  
CYS HB3  H  N N 85  
CYS HG   H  N N 86  
CYS HXT  H  N N 87  
GLN N    N  N N 88  
GLN CA   C  N S 89  
GLN C    C  N N 90  
GLN O    O  N N 91  
GLN CB   C  N N 92  
GLN CG   C  N N 93  
GLN CD   C  N N 94  
GLN OE1  O  N N 95  
GLN NE2  N  N N 96  
GLN OXT  O  N N 97  
GLN H    H  N N 98  
GLN H2   H  N N 99  
GLN HA   H  N N 100 
GLN HB2  H  N N 101 
GLN HB3  H  N N 102 
GLN HG2  H  N N 103 
GLN HG3  H  N N 104 
GLN HE21 H  N N 105 
GLN HE22 H  N N 106 
GLN HXT  H  N N 107 
GLU N    N  N N 108 
GLU CA   C  N S 109 
GLU C    C  N N 110 
GLU O    O  N N 111 
GLU CB   C  N N 112 
GLU CG   C  N N 113 
GLU CD   C  N N 114 
GLU OE1  O  N N 115 
GLU OE2  O  N N 116 
GLU OXT  O  N N 117 
GLU H    H  N N 118 
GLU H2   H  N N 119 
GLU HA   H  N N 120 
GLU HB2  H  N N 121 
GLU HB3  H  N N 122 
GLU HG2  H  N N 123 
GLU HG3  H  N N 124 
GLU HE2  H  N N 125 
GLU HXT  H  N N 126 
GLY N    N  N N 127 
GLY CA   C  N N 128 
GLY C    C  N N 129 
GLY O    O  N N 130 
GLY OXT  O  N N 131 
GLY H    H  N N 132 
GLY H2   H  N N 133 
GLY HA2  H  N N 134 
GLY HA3  H  N N 135 
GLY HXT  H  N N 136 
HIS N    N  N N 137 
HIS CA   C  N S 138 
HIS C    C  N N 139 
HIS O    O  N N 140 
HIS CB   C  N N 141 
HIS CG   C  Y N 142 
HIS ND1  N  Y N 143 
HIS CD2  C  Y N 144 
HIS CE1  C  Y N 145 
HIS NE2  N  Y N 146 
HIS OXT  O  N N 147 
HIS H    H  N N 148 
HIS H2   H  N N 149 
HIS HA   H  N N 150 
HIS HB2  H  N N 151 
HIS HB3  H  N N 152 
HIS HD1  H  N N 153 
HIS HD2  H  N N 154 
HIS HE1  H  N N 155 
HIS HE2  H  N N 156 
HIS HXT  H  N N 157 
HOH O    O  N N 158 
HOH H1   H  N N 159 
HOH H2   H  N N 160 
ILE N    N  N N 161 
ILE CA   C  N S 162 
ILE C    C  N N 163 
ILE O    O  N N 164 
ILE CB   C  N S 165 
ILE CG1  C  N N 166 
ILE CG2  C  N N 167 
ILE CD1  C  N N 168 
ILE OXT  O  N N 169 
ILE H    H  N N 170 
ILE H2   H  N N 171 
ILE HA   H  N N 172 
ILE HB   H  N N 173 
ILE HG12 H  N N 174 
ILE HG13 H  N N 175 
ILE HG21 H  N N 176 
ILE HG22 H  N N 177 
ILE HG23 H  N N 178 
ILE HD11 H  N N 179 
ILE HD12 H  N N 180 
ILE HD13 H  N N 181 
ILE HXT  H  N N 182 
LEU N    N  N N 183 
LEU CA   C  N S 184 
LEU C    C  N N 185 
LEU O    O  N N 186 
LEU CB   C  N N 187 
LEU CG   C  N N 188 
LEU CD1  C  N N 189 
LEU CD2  C  N N 190 
LEU OXT  O  N N 191 
LEU H    H  N N 192 
LEU H2   H  N N 193 
LEU HA   H  N N 194 
LEU HB2  H  N N 195 
LEU HB3  H  N N 196 
LEU HG   H  N N 197 
LEU HD11 H  N N 198 
LEU HD12 H  N N 199 
LEU HD13 H  N N 200 
LEU HD21 H  N N 201 
LEU HD22 H  N N 202 
LEU HD23 H  N N 203 
LEU HXT  H  N N 204 
LYS N    N  N N 205 
LYS CA   C  N S 206 
LYS C    C  N N 207 
LYS O    O  N N 208 
LYS CB   C  N N 209 
LYS CG   C  N N 210 
LYS CD   C  N N 211 
LYS CE   C  N N 212 
LYS NZ   N  N N 213 
LYS OXT  O  N N 214 
LYS H    H  N N 215 
LYS H2   H  N N 216 
LYS HA   H  N N 217 
LYS HB2  H  N N 218 
LYS HB3  H  N N 219 
LYS HG2  H  N N 220 
LYS HG3  H  N N 221 
LYS HD2  H  N N 222 
LYS HD3  H  N N 223 
LYS HE2  H  N N 224 
LYS HE3  H  N N 225 
LYS HZ1  H  N N 226 
LYS HZ2  H  N N 227 
LYS HZ3  H  N N 228 
LYS HXT  H  N N 229 
MET N    N  N N 230 
MET CA   C  N S 231 
MET C    C  N N 232 
MET O    O  N N 233 
MET CB   C  N N 234 
MET CG   C  N N 235 
MET SD   S  N N 236 
MET CE   C  N N 237 
MET OXT  O  N N 238 
MET H    H  N N 239 
MET H2   H  N N 240 
MET HA   H  N N 241 
MET HB2  H  N N 242 
MET HB3  H  N N 243 
MET HG2  H  N N 244 
MET HG3  H  N N 245 
MET HE1  H  N N 246 
MET HE2  H  N N 247 
MET HE3  H  N N 248 
MET HXT  H  N N 249 
O0G N1   N  Y N 250 
O0G C4   C  Y N 251 
O0G C5   C  Y N 252 
O0G C6   C  Y N 253 
O0G C7   C  Y N 254 
O0G N    N  N N 255 
O0G C    C  N N 256 
O0G O    O  N N 257 
O0G C1   C  N S 258 
O0G C2   C  N N 259 
O0G C3   C  Y N 260 
O0G F    F  N N 261 
O0G CL   CL N N 262 
O0G H1   H  N N 263 
O0G H2   H  N N 264 
O0G H3   H  N N 265 
O0G H4   H  N N 266 
O0G H5   H  N N 267 
O0G H6   H  N N 268 
O0G H7   H  N N 269 
O0G H8   H  N N 270 
O0G H9   H  N N 271 
O0G H10  H  N N 272 
PHE N    N  N N 273 
PHE CA   C  N S 274 
PHE C    C  N N 275 
PHE O    O  N N 276 
PHE CB   C  N N 277 
PHE CG   C  Y N 278 
PHE CD1  C  Y N 279 
PHE CD2  C  Y N 280 
PHE CE1  C  Y N 281 
PHE CE2  C  Y N 282 
PHE CZ   C  Y N 283 
PHE OXT  O  N N 284 
PHE H    H  N N 285 
PHE H2   H  N N 286 
PHE HA   H  N N 287 
PHE HB2  H  N N 288 
PHE HB3  H  N N 289 
PHE HD1  H  N N 290 
PHE HD2  H  N N 291 
PHE HE1  H  N N 292 
PHE HE2  H  N N 293 
PHE HZ   H  N N 294 
PHE HXT  H  N N 295 
PRO N    N  N N 296 
PRO CA   C  N S 297 
PRO C    C  N N 298 
PRO O    O  N N 299 
PRO CB   C  N N 300 
PRO CG   C  N N 301 
PRO CD   C  N N 302 
PRO OXT  O  N N 303 
PRO H    H  N N 304 
PRO HA   H  N N 305 
PRO HB2  H  N N 306 
PRO HB3  H  N N 307 
PRO HG2  H  N N 308 
PRO HG3  H  N N 309 
PRO HD2  H  N N 310 
PRO HD3  H  N N 311 
PRO HXT  H  N N 312 
SER N    N  N N 313 
SER CA   C  N S 314 
SER C    C  N N 315 
SER O    O  N N 316 
SER CB   C  N N 317 
SER OG   O  N N 318 
SER OXT  O  N N 319 
SER H    H  N N 320 
SER H2   H  N N 321 
SER HA   H  N N 322 
SER HB2  H  N N 323 
SER HB3  H  N N 324 
SER HG   H  N N 325 
SER HXT  H  N N 326 
THR N    N  N N 327 
THR CA   C  N S 328 
THR C    C  N N 329 
THR O    O  N N 330 
THR CB   C  N R 331 
THR OG1  O  N N 332 
THR CG2  C  N N 333 
THR OXT  O  N N 334 
THR H    H  N N 335 
THR H2   H  N N 336 
THR HA   H  N N 337 
THR HB   H  N N 338 
THR HG1  H  N N 339 
THR HG21 H  N N 340 
THR HG22 H  N N 341 
THR HG23 H  N N 342 
THR HXT  H  N N 343 
TRP N    N  N N 344 
TRP CA   C  N S 345 
TRP C    C  N N 346 
TRP O    O  N N 347 
TRP CB   C  N N 348 
TRP CG   C  Y N 349 
TRP CD1  C  Y N 350 
TRP CD2  C  Y N 351 
TRP NE1  N  Y N 352 
TRP CE2  C  Y N 353 
TRP CE3  C  Y N 354 
TRP CZ2  C  Y N 355 
TRP CZ3  C  Y N 356 
TRP CH2  C  Y N 357 
TRP OXT  O  N N 358 
TRP H    H  N N 359 
TRP H2   H  N N 360 
TRP HA   H  N N 361 
TRP HB2  H  N N 362 
TRP HB3  H  N N 363 
TRP HD1  H  N N 364 
TRP HE1  H  N N 365 
TRP HE3  H  N N 366 
TRP HZ2  H  N N 367 
TRP HZ3  H  N N 368 
TRP HH2  H  N N 369 
TRP HXT  H  N N 370 
TYR N    N  N N 371 
TYR CA   C  N S 372 
TYR C    C  N N 373 
TYR O    O  N N 374 
TYR CB   C  N N 375 
TYR CG   C  Y N 376 
TYR CD1  C  Y N 377 
TYR CD2  C  Y N 378 
TYR CE1  C  Y N 379 
TYR CE2  C  Y N 380 
TYR CZ   C  Y N 381 
TYR OH   O  N N 382 
TYR OXT  O  N N 383 
TYR H    H  N N 384 
TYR H2   H  N N 385 
TYR HA   H  N N 386 
TYR HB2  H  N N 387 
TYR HB3  H  N N 388 
TYR HD1  H  N N 389 
TYR HD2  H  N N 390 
TYR HE1  H  N N 391 
TYR HE2  H  N N 392 
TYR HH   H  N N 393 
TYR HXT  H  N N 394 
VAL N    N  N N 395 
VAL CA   C  N S 396 
VAL C    C  N N 397 
VAL O    O  N N 398 
VAL CB   C  N N 399 
VAL CG1  C  N N 400 
VAL CG2  C  N N 401 
VAL OXT  O  N N 402 
VAL H    H  N N 403 
VAL H2   H  N N 404 
VAL HA   H  N N 405 
VAL HB   H  N N 406 
VAL HG11 H  N N 407 
VAL HG12 H  N N 408 
VAL HG13 H  N N 409 
VAL HG21 H  N N 410 
VAL HG22 H  N N 411 
VAL HG23 H  N N 412 
VAL HXT  H  N N 413 
# 
loop_
_chem_comp_bond.comp_id 
_chem_comp_bond.atom_id_1 
_chem_comp_bond.atom_id_2 
_chem_comp_bond.value_order 
_chem_comp_bond.pdbx_aromatic_flag 
_chem_comp_bond.pdbx_stereo_config 
_chem_comp_bond.pdbx_ordinal 
ALA N   CA   sing N N 1   
ALA N   H    sing N N 2   
ALA N   H2   sing N N 3   
ALA CA  C    sing N N 4   
ALA CA  CB   sing N N 5   
ALA CA  HA   sing N N 6   
ALA C   O    doub N N 7   
ALA C   OXT  sing N N 8   
ALA CB  HB1  sing N N 9   
ALA CB  HB2  sing N N 10  
ALA CB  HB3  sing N N 11  
ALA OXT HXT  sing N N 12  
ARG N   CA   sing N N 13  
ARG N   H    sing N N 14  
ARG N   H2   sing N N 15  
ARG CA  C    sing N N 16  
ARG CA  CB   sing N N 17  
ARG CA  HA   sing N N 18  
ARG C   O    doub N N 19  
ARG C   OXT  sing N N 20  
ARG CB  CG   sing N N 21  
ARG CB  HB2  sing N N 22  
ARG CB  HB3  sing N N 23  
ARG CG  CD   sing N N 24  
ARG CG  HG2  sing N N 25  
ARG CG  HG3  sing N N 26  
ARG CD  NE   sing N N 27  
ARG CD  HD2  sing N N 28  
ARG CD  HD3  sing N N 29  
ARG NE  CZ   sing N N 30  
ARG NE  HE   sing N N 31  
ARG CZ  NH1  sing N N 32  
ARG CZ  NH2  doub N N 33  
ARG NH1 HH11 sing N N 34  
ARG NH1 HH12 sing N N 35  
ARG NH2 HH21 sing N N 36  
ARG NH2 HH22 sing N N 37  
ARG OXT HXT  sing N N 38  
ASN N   CA   sing N N 39  
ASN N   H    sing N N 40  
ASN N   H2   sing N N 41  
ASN CA  C    sing N N 42  
ASN CA  CB   sing N N 43  
ASN CA  HA   sing N N 44  
ASN C   O    doub N N 45  
ASN C   OXT  sing N N 46  
ASN CB  CG   sing N N 47  
ASN CB  HB2  sing N N 48  
ASN CB  HB3  sing N N 49  
ASN CG  OD1  doub N N 50  
ASN CG  ND2  sing N N 51  
ASN ND2 HD21 sing N N 52  
ASN ND2 HD22 sing N N 53  
ASN OXT HXT  sing N N 54  
ASP N   CA   sing N N 55  
ASP N   H    sing N N 56  
ASP N   H2   sing N N 57  
ASP CA  C    sing N N 58  
ASP CA  CB   sing N N 59  
ASP CA  HA   sing N N 60  
ASP C   O    doub N N 61  
ASP C   OXT  sing N N 62  
ASP CB  CG   sing N N 63  
ASP CB  HB2  sing N N 64  
ASP CB  HB3  sing N N 65  
ASP CG  OD1  doub N N 66  
ASP CG  OD2  sing N N 67  
ASP OD2 HD2  sing N N 68  
ASP OXT HXT  sing N N 69  
CYS N   CA   sing N N 70  
CYS N   H    sing N N 71  
CYS N   H2   sing N N 72  
CYS CA  C    sing N N 73  
CYS CA  CB   sing N N 74  
CYS CA  HA   sing N N 75  
CYS C   O    doub N N 76  
CYS C   OXT  sing N N 77  
CYS CB  SG   sing N N 78  
CYS CB  HB2  sing N N 79  
CYS CB  HB3  sing N N 80  
CYS SG  HG   sing N N 81  
CYS OXT HXT  sing N N 82  
GLN N   CA   sing N N 83  
GLN N   H    sing N N 84  
GLN N   H2   sing N N 85  
GLN CA  C    sing N N 86  
GLN CA  CB   sing N N 87  
GLN CA  HA   sing N N 88  
GLN C   O    doub N N 89  
GLN C   OXT  sing N N 90  
GLN CB  CG   sing N N 91  
GLN CB  HB2  sing N N 92  
GLN CB  HB3  sing N N 93  
GLN CG  CD   sing N N 94  
GLN CG  HG2  sing N N 95  
GLN CG  HG3  sing N N 96  
GLN CD  OE1  doub N N 97  
GLN CD  NE2  sing N N 98  
GLN NE2 HE21 sing N N 99  
GLN NE2 HE22 sing N N 100 
GLN OXT HXT  sing N N 101 
GLU N   CA   sing N N 102 
GLU N   H    sing N N 103 
GLU N   H2   sing N N 104 
GLU CA  C    sing N N 105 
GLU CA  CB   sing N N 106 
GLU CA  HA   sing N N 107 
GLU C   O    doub N N 108 
GLU C   OXT  sing N N 109 
GLU CB  CG   sing N N 110 
GLU CB  HB2  sing N N 111 
GLU CB  HB3  sing N N 112 
GLU CG  CD   sing N N 113 
GLU CG  HG2  sing N N 114 
GLU CG  HG3  sing N N 115 
GLU CD  OE1  doub N N 116 
GLU CD  OE2  sing N N 117 
GLU OE2 HE2  sing N N 118 
GLU OXT HXT  sing N N 119 
GLY N   CA   sing N N 120 
GLY N   H    sing N N 121 
GLY N   H2   sing N N 122 
GLY CA  C    sing N N 123 
GLY CA  HA2  sing N N 124 
GLY CA  HA3  sing N N 125 
GLY C   O    doub N N 126 
GLY C   OXT  sing N N 127 
GLY OXT HXT  sing N N 128 
HIS N   CA   sing N N 129 
HIS N   H    sing N N 130 
HIS N   H2   sing N N 131 
HIS CA  C    sing N N 132 
HIS CA  CB   sing N N 133 
HIS CA  HA   sing N N 134 
HIS C   O    doub N N 135 
HIS C   OXT  sing N N 136 
HIS CB  CG   sing N N 137 
HIS CB  HB2  sing N N 138 
HIS CB  HB3  sing N N 139 
HIS CG  ND1  sing Y N 140 
HIS CG  CD2  doub Y N 141 
HIS ND1 CE1  doub Y N 142 
HIS ND1 HD1  sing N N 143 
HIS CD2 NE2  sing Y N 144 
HIS CD2 HD2  sing N N 145 
HIS CE1 NE2  sing Y N 146 
HIS CE1 HE1  sing N N 147 
HIS NE2 HE2  sing N N 148 
HIS OXT HXT  sing N N 149 
HOH O   H1   sing N N 150 
HOH O   H2   sing N N 151 
ILE N   CA   sing N N 152 
ILE N   H    sing N N 153 
ILE N   H2   sing N N 154 
ILE CA  C    sing N N 155 
ILE CA  CB   sing N N 156 
ILE CA  HA   sing N N 157 
ILE C   O    doub N N 158 
ILE C   OXT  sing N N 159 
ILE CB  CG1  sing N N 160 
ILE CB  CG2  sing N N 161 
ILE CB  HB   sing N N 162 
ILE CG1 CD1  sing N N 163 
ILE CG1 HG12 sing N N 164 
ILE CG1 HG13 sing N N 165 
ILE CG2 HG21 sing N N 166 
ILE CG2 HG22 sing N N 167 
ILE CG2 HG23 sing N N 168 
ILE CD1 HD11 sing N N 169 
ILE CD1 HD12 sing N N 170 
ILE CD1 HD13 sing N N 171 
ILE OXT HXT  sing N N 172 
LEU N   CA   sing N N 173 
LEU N   H    sing N N 174 
LEU N   H2   sing N N 175 
LEU CA  C    sing N N 176 
LEU CA  CB   sing N N 177 
LEU CA  HA   sing N N 178 
LEU C   O    doub N N 179 
LEU C   OXT  sing N N 180 
LEU CB  CG   sing N N 181 
LEU CB  HB2  sing N N 182 
LEU CB  HB3  sing N N 183 
LEU CG  CD1  sing N N 184 
LEU CG  CD2  sing N N 185 
LEU CG  HG   sing N N 186 
LEU CD1 HD11 sing N N 187 
LEU CD1 HD12 sing N N 188 
LEU CD1 HD13 sing N N 189 
LEU CD2 HD21 sing N N 190 
LEU CD2 HD22 sing N N 191 
LEU CD2 HD23 sing N N 192 
LEU OXT HXT  sing N N 193 
LYS N   CA   sing N N 194 
LYS N   H    sing N N 195 
LYS N   H2   sing N N 196 
LYS CA  C    sing N N 197 
LYS CA  CB   sing N N 198 
LYS CA  HA   sing N N 199 
LYS C   O    doub N N 200 
LYS C   OXT  sing N N 201 
LYS CB  CG   sing N N 202 
LYS CB  HB2  sing N N 203 
LYS CB  HB3  sing N N 204 
LYS CG  CD   sing N N 205 
LYS CG  HG2  sing N N 206 
LYS CG  HG3  sing N N 207 
LYS CD  CE   sing N N 208 
LYS CD  HD2  sing N N 209 
LYS CD  HD3  sing N N 210 
LYS CE  NZ   sing N N 211 
LYS CE  HE2  sing N N 212 
LYS CE  HE3  sing N N 213 
LYS NZ  HZ1  sing N N 214 
LYS NZ  HZ2  sing N N 215 
LYS NZ  HZ3  sing N N 216 
LYS OXT HXT  sing N N 217 
MET N   CA   sing N N 218 
MET N   H    sing N N 219 
MET N   H2   sing N N 220 
MET CA  C    sing N N 221 
MET CA  CB   sing N N 222 
MET CA  HA   sing N N 223 
MET C   O    doub N N 224 
MET C   OXT  sing N N 225 
MET CB  CG   sing N N 226 
MET CB  HB2  sing N N 227 
MET CB  HB3  sing N N 228 
MET CG  SD   sing N N 229 
MET CG  HG2  sing N N 230 
MET CG  HG3  sing N N 231 
MET SD  CE   sing N N 232 
MET CE  HE1  sing N N 233 
MET CE  HE2  sing N N 234 
MET CE  HE3  sing N N 235 
MET OXT HXT  sing N N 236 
O0G CL  C5   sing N N 237 
O0G C5  C6   doub Y N 238 
O0G C5  C4   sing Y N 239 
O0G C6  C7   sing Y N 240 
O0G C4  N1   doub Y N 241 
O0G C7  F    sing N N 242 
O0G C7  C3   doub Y N 243 
O0G N1  C3   sing Y N 244 
O0G C3  N    sing N N 245 
O0G N   C1   sing N N 246 
O0G C1  C    sing N N 247 
O0G C1  C2   sing N N 248 
O0G O   C2   sing N N 249 
O0G C4  H1   sing N N 250 
O0G C6  H2   sing N N 251 
O0G N   H3   sing N N 252 
O0G C   H4   sing N N 253 
O0G C   H5   sing N N 254 
O0G C   H6   sing N N 255 
O0G O   H7   sing N N 256 
O0G C1  H8   sing N N 257 
O0G C2  H9   sing N N 258 
O0G C2  H10  sing N N 259 
PHE N   CA   sing N N 260 
PHE N   H    sing N N 261 
PHE N   H2   sing N N 262 
PHE CA  C    sing N N 263 
PHE CA  CB   sing N N 264 
PHE CA  HA   sing N N 265 
PHE C   O    doub N N 266 
PHE C   OXT  sing N N 267 
PHE CB  CG   sing N N 268 
PHE CB  HB2  sing N N 269 
PHE CB  HB3  sing N N 270 
PHE CG  CD1  doub Y N 271 
PHE CG  CD2  sing Y N 272 
PHE CD1 CE1  sing Y N 273 
PHE CD1 HD1  sing N N 274 
PHE CD2 CE2  doub Y N 275 
PHE CD2 HD2  sing N N 276 
PHE CE1 CZ   doub Y N 277 
PHE CE1 HE1  sing N N 278 
PHE CE2 CZ   sing Y N 279 
PHE CE2 HE2  sing N N 280 
PHE CZ  HZ   sing N N 281 
PHE OXT HXT  sing N N 282 
PRO N   CA   sing N N 283 
PRO N   CD   sing N N 284 
PRO N   H    sing N N 285 
PRO CA  C    sing N N 286 
PRO CA  CB   sing N N 287 
PRO CA  HA   sing N N 288 
PRO C   O    doub N N 289 
PRO C   OXT  sing N N 290 
PRO CB  CG   sing N N 291 
PRO CB  HB2  sing N N 292 
PRO CB  HB3  sing N N 293 
PRO CG  CD   sing N N 294 
PRO CG  HG2  sing N N 295 
PRO CG  HG3  sing N N 296 
PRO CD  HD2  sing N N 297 
PRO CD  HD3  sing N N 298 
PRO OXT HXT  sing N N 299 
SER N   CA   sing N N 300 
SER N   H    sing N N 301 
SER N   H2   sing N N 302 
SER CA  C    sing N N 303 
SER CA  CB   sing N N 304 
SER CA  HA   sing N N 305 
SER C   O    doub N N 306 
SER C   OXT  sing N N 307 
SER CB  OG   sing N N 308 
SER CB  HB2  sing N N 309 
SER CB  HB3  sing N N 310 
SER OG  HG   sing N N 311 
SER OXT HXT  sing N N 312 
THR N   CA   sing N N 313 
THR N   H    sing N N 314 
THR N   H2   sing N N 315 
THR CA  C    sing N N 316 
THR CA  CB   sing N N 317 
THR CA  HA   sing N N 318 
THR C   O    doub N N 319 
THR C   OXT  sing N N 320 
THR CB  OG1  sing N N 321 
THR CB  CG2  sing N N 322 
THR CB  HB   sing N N 323 
THR OG1 HG1  sing N N 324 
THR CG2 HG21 sing N N 325 
THR CG2 HG22 sing N N 326 
THR CG2 HG23 sing N N 327 
THR OXT HXT  sing N N 328 
TRP N   CA   sing N N 329 
TRP N   H    sing N N 330 
TRP N   H2   sing N N 331 
TRP CA  C    sing N N 332 
TRP CA  CB   sing N N 333 
TRP CA  HA   sing N N 334 
TRP C   O    doub N N 335 
TRP C   OXT  sing N N 336 
TRP CB  CG   sing N N 337 
TRP CB  HB2  sing N N 338 
TRP CB  HB3  sing N N 339 
TRP CG  CD1  doub Y N 340 
TRP CG  CD2  sing Y N 341 
TRP CD1 NE1  sing Y N 342 
TRP CD1 HD1  sing N N 343 
TRP CD2 CE2  doub Y N 344 
TRP CD2 CE3  sing Y N 345 
TRP NE1 CE2  sing Y N 346 
TRP NE1 HE1  sing N N 347 
TRP CE2 CZ2  sing Y N 348 
TRP CE3 CZ3  doub Y N 349 
TRP CE3 HE3  sing N N 350 
TRP CZ2 CH2  doub Y N 351 
TRP CZ2 HZ2  sing N N 352 
TRP CZ3 CH2  sing Y N 353 
TRP CZ3 HZ3  sing N N 354 
TRP CH2 HH2  sing N N 355 
TRP OXT HXT  sing N N 356 
TYR N   CA   sing N N 357 
TYR N   H    sing N N 358 
TYR N   H2   sing N N 359 
TYR CA  C    sing N N 360 
TYR CA  CB   sing N N 361 
TYR CA  HA   sing N N 362 
TYR C   O    doub N N 363 
TYR C   OXT  sing N N 364 
TYR CB  CG   sing N N 365 
TYR CB  HB2  sing N N 366 
TYR CB  HB3  sing N N 367 
TYR CG  CD1  doub Y N 368 
TYR CG  CD2  sing Y N 369 
TYR CD1 CE1  sing Y N 370 
TYR CD1 HD1  sing N N 371 
TYR CD2 CE2  doub Y N 372 
TYR CD2 HD2  sing N N 373 
TYR CE1 CZ   doub Y N 374 
TYR CE1 HE1  sing N N 375 
TYR CE2 CZ   sing Y N 376 
TYR CE2 HE2  sing N N 377 
TYR CZ  OH   sing N N 378 
TYR OH  HH   sing N N 379 
TYR OXT HXT  sing N N 380 
VAL N   CA   sing N N 381 
VAL N   H    sing N N 382 
VAL N   H2   sing N N 383 
VAL CA  C    sing N N 384 
VAL CA  CB   sing N N 385 
VAL CA  HA   sing N N 386 
VAL C   O    doub N N 387 
VAL C   OXT  sing N N 388 
VAL CB  CG1  sing N N 389 
VAL CB  CG2  sing N N 390 
VAL CB  HB   sing N N 391 
VAL CG1 HG11 sing N N 392 
VAL CG1 HG12 sing N N 393 
VAL CG1 HG13 sing N N 394 
VAL CG2 HG21 sing N N 395 
VAL CG2 HG22 sing N N 396 
VAL CG2 HG23 sing N N 397 
VAL OXT HXT  sing N N 398 
# 
_pdbx_deposit_group.group_id            G_1002081 
_pdbx_deposit_group.group_description   
;Human Brachyury G177D variant screened against the DSI-poised Fragment Library by X-ray Crystallography at the XChem facility of Diamond Light Source beamline I04-1
;
_pdbx_deposit_group.group_title         'PanDDA analysis group deposition' 
_pdbx_deposit_group.group_type          'changed state' 
# 
_pdbx_entity_instance_feature.ordinal        1 
_pdbx_entity_instance_feature.comp_id        O0G 
_pdbx_entity_instance_feature.asym_id        ? 
_pdbx_entity_instance_feature.seq_num        ? 
_pdbx_entity_instance_feature.auth_comp_id   O0G 
_pdbx_entity_instance_feature.auth_asym_id   ? 
_pdbx_entity_instance_feature.auth_seq_num   ? 
_pdbx_entity_instance_feature.feature_type   'SUBJECT OF INVESTIGATION' 
_pdbx_entity_instance_feature.details        ? 
# 
_atom_sites.entry_id                    5QS8 
_atom_sites.fract_transf_matrix[1][1]   0.00968996 
_atom_sites.fract_transf_matrix[1][2]   -0.00621948 
_atom_sites.fract_transf_matrix[1][3]   -0.00096770 
_atom_sites.fract_transf_matrix[2][1]   0.00083470 
_atom_sites.fract_transf_matrix[2][2]   -0.01025171 
_atom_sites.fract_transf_matrix[2][3]   0.00526534 
_atom_sites.fract_transf_matrix[3][1]   -0.00371550 
_atom_sites.fract_transf_matrix[3][2]   -0.00451318 
_atom_sites.fract_transf_matrix[3][3]   -0.00819823 
_atom_sites.fract_transf_vector[1]      -0.176853 
_atom_sites.fract_transf_vector[2]      -0.361991 
_atom_sites.fract_transf_vector[3]      -0.018021 
# 
loop_
_atom_type.symbol 
C  
CL 
F  
N  
O  
S  
# 
loop_
_atom_site.group_PDB 
_atom_site.id 
_atom_site.type_symbol 
_atom_site.label_atom_id 
_atom_site.label_alt_id 
_atom_site.label_comp_id 
_atom_site.label_asym_id 
_atom_site.label_entity_id 
_atom_site.label_seq_id 
_atom_site.pdbx_PDB_ins_code 
_atom_site.Cartn_x 
_atom_site.Cartn_y 
_atom_site.Cartn_z 
_atom_site.occupancy 
_atom_site.B_iso_or_equiv 
_atom_site.pdbx_formal_charge 
_atom_site.auth_seq_id 
_atom_site.auth_comp_id 
_atom_site.auth_asym_id 
_atom_site.auth_atom_id 
_atom_site.pdbx_PDB_model_num 
ATOM   1    N  N   . GLU A 1 2   ? 0.666   -22.997 8.426   1.00 37.18 ? 41  GLU A N   1 
ATOM   2    C  CA  . GLU A 1 2   ? 0.980   -22.229 7.191   1.00 35.87 ? 41  GLU A CA  1 
ATOM   3    C  C   . GLU A 1 2   ? 0.847   -20.728 7.480   1.00 31.00 ? 41  GLU A C   1 
ATOM   4    O  O   . GLU A 1 2   ? -0.179  -20.337 8.080   1.00 31.04 ? 41  GLU A O   1 
ATOM   5    C  CB  . GLU A 1 2   ? 0.018   -22.623 6.070   1.00 40.43 ? 41  GLU A CB  1 
ATOM   6    C  CG  . GLU A 1 2   ? 0.441   -22.135 4.698   1.00 43.71 ? 41  GLU A CG  1 
ATOM   7    C  CD  . GLU A 1 2   ? 1.357   -23.075 3.932   1.00 47.34 ? 41  GLU A CD  1 
ATOM   8    O  OE1 . GLU A 1 2   ? 1.632   -22.785 2.756   1.00 48.60 ? 41  GLU A OE1 1 
ATOM   9    O  OE2 . GLU A 1 2   ? 1.793   -24.092 4.514   1.00 52.19 ? 41  GLU A OE2 1 
ATOM   10   N  N   . LEU A 1 3   ? 1.825   -19.918 7.064   1.00 26.85 ? 42  LEU A N   1 
ATOM   11   C  CA  . LEU A 1 3   ? 1.709   -18.437 7.135   1.00 25.24 ? 42  LEU A CA  1 
ATOM   12   C  C   . LEU A 1 3   ? 0.585   -18.004 6.194   1.00 24.20 ? 42  LEU A C   1 
ATOM   13   O  O   . LEU A 1 3   ? 0.617   -18.374 5.008   1.00 25.31 ? 42  LEU A O   1 
ATOM   14   C  CB  . LEU A 1 3   ? 3.026   -17.755 6.752   1.00 24.83 ? 42  LEU A CB  1 
ATOM   15   C  CG  . LEU A 1 3   ? 2.964   -16.230 6.642   1.00 26.23 ? 42  LEU A CG  1 
ATOM   16   C  CD1 . LEU A 1 3   ? 2.528   -15.600 7.957   1.00 25.73 ? 42  LEU A CD1 1 
ATOM   17   C  CD2 . LEU A 1 3   ? 4.305   -15.669 6.207   1.00 26.61 ? 42  LEU A CD2 1 
ATOM   18   N  N   . ARG A 1 4   ? -0.383  -17.264 6.728   1.00 23.64 ? 43  ARG A N   1 
ATOM   19   C  CA  . ARG A 1 4   ? -1.522  -16.698 5.965   1.00 25.27 ? 43  ARG A CA  1 
ATOM   20   C  C   . ARG A 1 4   ? -1.634  -15.218 6.317   1.00 22.44 ? 43  ARG A C   1 
ATOM   21   O  O   . ARG A 1 4   ? -1.757  -14.911 7.512   1.00 22.93 ? 43  ARG A O   1 
ATOM   22   C  CB  . ARG A 1 4   ? -2.809  -17.459 6.291   1.00 28.83 ? 43  ARG A CB  1 
ATOM   23   C  CG  . ARG A 1 4   ? -2.918  -18.806 5.589   1.00 32.68 ? 43  ARG A CG  1 
ATOM   24   C  CD  . ARG A 1 4   ? -3.812  -19.774 6.339   1.00 36.39 ? 43  ARG A CD  1 
ATOM   25   N  NE  . ARG A 1 4   ? -5.179  -19.286 6.461   1.00 39.47 ? 43  ARG A NE  1 
ATOM   26   C  CZ  . ARG A 1 4   ? -6.198  -19.623 5.669   1.00 43.35 ? 43  ARG A CZ  1 
ATOM   27   N  NH1 . ARG A 1 4   ? -7.396  -19.112 5.892   1.00 44.43 ? 43  ARG A NH1 1 
ATOM   28   N  NH2 . ARG A 1 4   ? -6.029  -20.467 4.663   1.00 46.07 ? 43  ARG A NH2 1 
ATOM   29   N  N   . VAL A 1 5   ? -1.588  -14.349 5.306   1.00 22.07 ? 44  VAL A N   1 
ATOM   30   C  CA  . VAL A 1 5   ? -1.778  -12.879 5.459   1.00 21.59 ? 44  VAL A CA  1 
ATOM   31   C  C   . VAL A 1 5   ? -3.016  -12.498 4.648   1.00 22.31 ? 44  VAL A C   1 
ATOM   32   O  O   . VAL A 1 5   ? -2.925  -12.507 3.410   1.00 25.65 ? 44  VAL A O   1 
ATOM   33   C  CB  . VAL A 1 5   ? -0.534  -12.084 5.013   1.00 21.39 ? 44  VAL A CB  1 
ATOM   34   C  CG1 . VAL A 1 5   ? -0.718  -10.588 5.236   1.00 22.15 ? 44  VAL A CG1 1 
ATOM   35   C  CG2 . VAL A 1 5   ? 0.728   -12.575 5.710   1.00 21.51 ? 44  VAL A CG2 1 
ATOM   36   N  N   . GLY A 1 6   ? -4.118  -12.185 5.327   1.00 21.63 ? 45  GLY A N   1 
ATOM   37   C  CA  . GLY A 1 6   ? -5.421  -11.904 4.691   1.00 20.52 ? 45  GLY A CA  1 
ATOM   38   C  C   . GLY A 1 6   ? -5.717  -10.418 4.678   1.00 20.10 ? 45  GLY A C   1 
ATOM   39   O  O   . GLY A 1 6   ? -5.501  -9.765  5.701   1.00 19.46 ? 45  GLY A O   1 
ATOM   40   N  N   . LEU A 1 7   ? -6.230  -9.896  3.566   1.00 20.10 ? 46  LEU A N   1 
ATOM   41   C  CA  . LEU A 1 7   ? -6.667  -8.482  3.481   1.00 20.20 ? 46  LEU A CA  1 
ATOM   42   C  C   . LEU A 1 7   ? -7.929  -8.306  4.324   1.00 19.58 ? 46  LEU A C   1 
ATOM   43   O  O   . LEU A 1 7   ? -8.873  -9.096  4.143   1.00 20.78 ? 46  LEU A O   1 
ATOM   44   C  CB  . LEU A 1 7   ? -6.932  -8.119  2.022   1.00 19.80 ? 46  LEU A CB  1 
ATOM   45   C  CG  . LEU A 1 7   ? -7.386  -6.686  1.773   1.00 19.96 ? 46  LEU A CG  1 
ATOM   46   C  CD1 . LEU A 1 7   ? -6.313  -5.688  2.182   1.00 19.77 ? 46  LEU A CD1 1 
ATOM   47   C  CD2 . LEU A 1 7   ? -7.760  -6.510  0.313   1.00 20.79 ? 46  LEU A CD2 1 
ATOM   48   N  N   . GLU A 1 8   ? -7.910  -7.329  5.226   1.00 19.41 ? 47  GLU A N   1 
ATOM   49   C  CA  . GLU A 1 8   ? -9.101  -6.894  5.992   1.00 19.27 ? 47  GLU A CA  1 
ATOM   50   C  C   . GLU A 1 8   ? -9.927  -5.952  5.118   1.00 18.76 ? 47  GLU A C   1 
ATOM   51   O  O   . GLU A 1 8   ? -9.350  -5.254  4.271   1.00 17.84 ? 47  GLU A O   1 
ATOM   52   C  CB  . GLU A 1 8   ? -8.684  -6.197  7.282   1.00 20.29 ? 47  GLU A CB  1 
ATOM   53   C  CG  . GLU A 1 8   ? -8.093  -7.142  8.297   1.00 21.46 ? 47  GLU A CG  1 
ATOM   54   C  CD  . GLU A 1 8   ? -9.128  -7.862  9.144   1.00 22.56 ? 47  GLU A CD  1 
ATOM   55   O  OE1 . GLU A 1 8   ? -8.877  -9.018  9.528   1.00 23.23 ? 47  GLU A OE1 1 
ATOM   56   O  OE2 . GLU A 1 8   ? -10.192 -7.254  9.430   1.00 23.75 ? 47  GLU A OE2 1 
ATOM   57   N  N   . GLU A 1 9   ? -11.239 -5.939  5.330   1.00 18.29 ? 48  GLU A N   1 
ATOM   58   C  CA  . GLU A 1 9   ? -12.148 -4.968  4.671   1.00 18.43 ? 48  GLU A CA  1 
ATOM   59   C  C   . GLU A 1 9   ? -12.011 -5.108  3.149   1.00 18.25 ? 48  GLU A C   1 
ATOM   60   O  O   . GLU A 1 9   ? -12.075 -4.087  2.438   1.00 18.01 ? 48  GLU A O   1 
ATOM   61   C  CB  . GLU A 1 9   ? -11.801 -3.562  5.151   1.00 18.96 ? 48  GLU A CB  1 
ATOM   62   C  CG  . GLU A 1 9   ? -11.880 -3.406  6.659   1.00 19.96 ? 48  GLU A CG  1 
ATOM   63   C  CD  . GLU A 1 9   ? -11.893 -1.978  7.177   1.00 20.82 ? 48  GLU A CD  1 
ATOM   64   O  OE1 . GLU A 1 9   ? -11.490 -1.064  6.425   1.00 22.48 ? 48  GLU A OE1 1 
ATOM   65   O  OE2 . GLU A 1 9   ? -12.326 -1.774  8.319   1.00 21.73 ? 48  GLU A OE2 1 
ATOM   66   N  N   . SER A 1 10  ? -11.816 -6.326  2.646   1.00 18.26 ? 49  SER A N   1 
ATOM   67   C  CA  . SER A 1 10  ? -11.599 -6.582  1.203   1.00 19.92 ? 49  SER A CA  1 
ATOM   68   C  C   . SER A 1 10  ? -12.773 -6.047  0.370   1.00 19.76 ? 49  SER A C   1 
ATOM   69   O  O   . SER A 1 10  ? -12.539 -5.530  -0.725  1.00 20.83 ? 49  SER A O   1 
ATOM   70   C  CB  . SER A 1 10  ? -11.332 -8.035  0.923   1.00 19.71 ? 49  SER A CB  1 
ATOM   71   O  OG  . SER A 1 10  ? -12.399 -8.857  1.361   1.00 20.68 ? 49  SER A OG  1 
ATOM   72   N  N   . GLU A 1 11  ? -14.005 -6.153  0.878   0.62 19.65 ? 50  GLU A N   1 
ATOM   73   C  CA  . GLU A 1 11  ? -15.223 -5.708  0.146   0.62 19.92 ? 50  GLU A CA  1 
ATOM   74   C  C   . GLU A 1 11  ? -15.269 -4.173  0.095   0.62 19.89 ? 50  GLU A C   1 
ATOM   75   O  O   . GLU A 1 11  ? -15.892 -3.648  -0.846  0.62 19.64 ? 50  GLU A O   1 
ATOM   76   C  CB  . GLU A 1 11  ? -16.485 -6.302  0.773   0.62 20.10 ? 50  GLU A CB  1 
ATOM   77   C  CG  . GLU A 1 11  ? -16.570 -7.812  0.627   0.62 20.39 ? 50  GLU A CG  1 
ATOM   78   C  CD  . GLU A 1 11  ? -17.870 -8.431  1.112   0.62 20.95 ? 50  GLU A CD  1 
ATOM   79   O  OE1 . GLU A 1 11  ? -17.909 -9.668  1.271   0.62 22.65 ? 50  GLU A OE1 1 
ATOM   80   O  OE2 . GLU A 1 11  ? -18.842 -7.677  1.321   0.62 21.56 ? 50  GLU A OE2 1 
ATOM   81   N  N   . LEU A 1 12  ? -14.646 -3.479  1.056   1.00 20.08 ? 51  LEU A N   1 
ATOM   82   C  CA  . LEU A 1 12  ? -14.508 -1.992  0.993   1.00 20.20 ? 51  LEU A CA  1 
ATOM   83   C  C   . LEU A 1 12  ? -13.528 -1.656  -0.120  1.00 19.59 ? 51  LEU A C   1 
ATOM   84   O  O   . LEU A 1 12  ? -13.843 -0.824  -0.975  1.00 18.79 ? 51  LEU A O   1 
ATOM   85   C  CB  . LEU A 1 12  ? -13.988 -1.398  2.301   1.00 21.27 ? 51  LEU A CB  1 
ATOM   86   C  CG  . LEU A 1 12  ? -13.772 0.117   2.296   1.00 22.24 ? 51  LEU A CG  1 
ATOM   87   C  CD1 . LEU A 1 12  ? -15.079 0.857   2.060   1.00 23.52 ? 51  LEU A CD1 1 
ATOM   88   C  CD2 . LEU A 1 12  ? -13.120 0.599   3.580   1.00 23.16 ? 51  LEU A CD2 1 
ATOM   89   N  N   . TRP A 1 13  ? -12.365 -2.304  -0.110  1.00 18.89 ? 52  TRP A N   1 
ATOM   90   C  CA  . TRP A 1 13  ? -11.359 -2.092  -1.173  1.00 19.02 ? 52  TRP A CA  1 
ATOM   91   C  C   . TRP A 1 13  ? -12.004 -2.341  -2.536  1.00 19.46 ? 52  TRP A C   1 
ATOM   92   O  O   . TRP A 1 13  ? -11.762 -1.541  -3.446  1.00 19.40 ? 52  TRP A O   1 
ATOM   93   C  CB  . TRP A 1 13  ? -10.136 -2.981  -0.943  1.00 18.37 ? 52  TRP A CB  1 
ATOM   94   C  CG  . TRP A 1 13  ? -9.188  -2.432  0.074   1.00 18.69 ? 52  TRP A CG  1 
ATOM   95   C  CD1 . TRP A 1 13  ? -9.010  -2.868  1.357   1.00 17.88 ? 52  TRP A CD1 1 
ATOM   96   C  CD2 . TRP A 1 13  ? -8.250  -1.359  -0.113  1.00 18.13 ? 52  TRP A CD2 1 
ATOM   97   N  NE1 . TRP A 1 13  ? -8.043  -2.132  1.982   1.00 19.35 ? 52  TRP A NE1 1 
ATOM   98   C  CE2 . TRP A 1 13  ? -7.545  -1.209  1.098   1.00 18.61 ? 52  TRP A CE2 1 
ATOM   99   C  CE3 . TRP A 1 13  ? -7.939  -0.522  -1.187  1.00 17.93 ? 52  TRP A CE3 1 
ATOM   100  C  CZ2 . TRP A 1 13  ? -6.553  -0.247  1.264   1.00 18.61 ? 52  TRP A CZ2 1 
ATOM   101  C  CZ3 . TRP A 1 13  ? -6.949  0.418   -1.026  1.00 18.09 ? 52  TRP A CZ3 1 
ATOM   102  C  CH2 . TRP A 1 13  ? -6.272  0.559   0.184   1.00 18.82 ? 52  TRP A CH2 1 
ATOM   103  N  N   . LEU A 1 14  ? -12.825 -3.384  -2.662  1.00 20.26 ? 53  LEU A N   1 
ATOM   104  C  CA  . LEU A 1 14  ? -13.408 -3.777  -3.974  1.00 21.84 ? 53  LEU A CA  1 
ATOM   105  C  C   . LEU A 1 14  ? -14.406 -2.721  -4.482  1.00 21.37 ? 53  LEU A C   1 
ATOM   106  O  O   . LEU A 1 14  ? -14.516 -2.559  -5.698  1.00 22.16 ? 53  LEU A O   1 
ATOM   107  C  CB  . LEU A 1 14  ? -14.008 -5.185  -3.913  1.00 23.99 ? 53  LEU A CB  1 
ATOM   108  C  CG  . LEU A 1 14  ? -13.017 -6.332  -4.141  1.00 26.66 ? 53  LEU A CG  1 
ATOM   109  C  CD1 . LEU A 1 14  ? -12.225 -6.173  -5.435  1.00 27.83 ? 53  LEU A CD1 1 
ATOM   110  C  CD2 . LEU A 1 14  ? -12.063 -6.467  -2.981  1.00 29.50 ? 53  LEU A CD2 1 
ATOM   111  N  N   . ARG A 1 15  ? -15.095 -2.018  -3.578  0.62 22.00 ? 54  ARG A N   1 
ATOM   112  C  CA  . ARG A 1 15  ? -16.017 -0.906  -3.943  0.62 22.43 ? 54  ARG A CA  1 
ATOM   113  C  C   . ARG A 1 15  ? -15.205 0.212   -4.605  0.62 21.70 ? 54  ARG A C   1 
ATOM   114  O  O   . ARG A 1 15  ? -15.695 0.785   -5.592  0.62 22.07 ? 54  ARG A O   1 
ATOM   115  C  CB  . ARG A 1 15  ? -16.802 -0.409  -2.724  0.62 23.83 ? 54  ARG A CB  1 
ATOM   116  C  CG  . ARG A 1 15  ? -17.942 -1.334  -2.321  0.62 25.53 ? 54  ARG A CG  1 
ATOM   117  C  CD  . ARG A 1 15  ? -18.909 -0.751  -1.304  0.62 27.19 ? 54  ARG A CD  1 
ATOM   118  N  NE  . ARG A 1 15  ? -19.863 -1.766  -0.868  0.62 28.18 ? 54  ARG A NE  1 
ATOM   119  C  CZ  . ARG A 1 15  ? -20.942 -1.549  -0.114  0.62 28.94 ? 54  ARG A CZ  1 
ATOM   120  N  NH1 . ARG A 1 15  ? -21.730 -2.560  0.215   0.62 29.81 ? 54  ARG A NH1 1 
ATOM   121  N  NH2 . ARG A 1 15  ? -21.236 -0.335  0.311   0.62 29.80 ? 54  ARG A NH2 1 
ATOM   122  N  N   . PHE A 1 16  ? -13.999 0.489   -4.099  1.00 20.85 ? 55  PHE A N   1 
ATOM   123  C  CA  . PHE A 1 16  ? -13.080 1.490   -4.694  1.00 20.16 ? 55  PHE A CA  1 
ATOM   124  C  C   . PHE A 1 16  ? -12.490 0.928   -5.988  1.00 20.14 ? 55  PHE A C   1 
ATOM   125  O  O   . PHE A 1 16  ? -12.456 1.655   -6.985  1.00 19.91 ? 55  PHE A O   1 
ATOM   126  C  CB  . PHE A 1 16  ? -12.009 1.918   -3.696  1.00 20.14 ? 55  PHE A CB  1 
ATOM   127  C  CG  . PHE A 1 16  ? -12.531 2.852   -2.635  1.00 19.98 ? 55  PHE A CG  1 
ATOM   128  C  CD1 . PHE A 1 16  ? -12.487 4.224   -2.819  1.00 20.92 ? 55  PHE A CD1 1 
ATOM   129  C  CD2 . PHE A 1 16  ? -13.117 2.363   -1.480  1.00 20.56 ? 55  PHE A CD2 1 
ATOM   130  C  CE1 . PHE A 1 16  ? -12.981 5.085   -1.854  1.00 21.29 ? 55  PHE A CE1 1 
ATOM   131  C  CE2 . PHE A 1 16  ? -13.624 3.225   -0.518  1.00 20.31 ? 55  PHE A CE2 1 
ATOM   132  C  CZ  . PHE A 1 16  ? -13.548 4.583   -0.706  1.00 20.17 ? 55  PHE A CZ  1 
ATOM   133  N  N   . LYS A 1 17  ? -12.028 -0.324  -5.984  1.00 19.86 ? 56  LYS A N   1 
ATOM   134  C  CA  . LYS A 1 17  ? -11.379 -0.903  -7.186  1.00 20.90 ? 56  LYS A CA  1 
ATOM   135  C  C   . LYS A 1 17  ? -12.371 -0.933  -8.357  1.00 21.03 ? 56  LYS A C   1 
ATOM   136  O  O   . LYS A 1 17  ? -11.940 -0.720  -9.503  1.00 21.54 ? 56  LYS A O   1 
ATOM   137  C  CB  . LYS A 1 17  ? -10.824 -2.302  -6.916  1.00 21.43 ? 56  LYS A CB  1 
ATOM   138  C  CG  . LYS A 1 17  ? -9.946  -2.816  -8.044  1.00 22.99 ? 56  LYS A CG  1 
ATOM   139  C  CD  . LYS A 1 17  ? -9.175  -4.059  -7.716  1.00 23.85 ? 56  LYS A CD  1 
ATOM   140  C  CE  . LYS A 1 17  ? -8.456  -4.595  -8.934  1.00 24.60 ? 56  LYS A CE  1 
ATOM   141  N  NZ  . LYS A 1 17  ? -7.666  -5.804  -8.614  1.00 24.96 ? 56  LYS A NZ  1 
ATOM   142  N  N   . GLU A 1 18  ? -13.656 -1.161  -8.077  1.00 22.06 ? 57  GLU A N   1 
ATOM   143  C  CA  . GLU A 1 18  ? -14.745 -1.166  -9.092  1.00 24.76 ? 57  GLU A CA  1 
ATOM   144  C  C   . GLU A 1 18  ? -14.705 0.130   -9.916  1.00 25.09 ? 57  GLU A C   1 
ATOM   145  O  O   . GLU A 1 18  ? -14.905 0.048   -11.142 1.00 25.71 ? 57  GLU A O   1 
ATOM   146  C  CB  . GLU A 1 18  ? -16.095 -1.332  -8.398  1.00 27.79 ? 57  GLU A CB  1 
ATOM   147  C  CG  . GLU A 1 18  ? -17.228 -1.689  -9.337  1.00 33.24 ? 57  GLU A CG  1 
ATOM   148  C  CD  . GLU A 1 18  ? -18.342 -2.476  -8.667  1.00 38.63 ? 57  GLU A CD  1 
ATOM   149  O  OE1 . GLU A 1 18  ? -18.865 -3.419  -9.300  1.00 45.70 ? 57  GLU A OE1 1 
ATOM   150  O  OE2 . GLU A 1 18  ? -18.672 -2.157  -7.503  1.00 45.03 ? 57  GLU A OE2 1 
ATOM   151  N  N   . LEU A 1 19  ? -14.451 1.273   -9.274  1.00 23.63 ? 58  LEU A N   1 
ATOM   152  C  CA  . LEU A 1 19  ? -14.451 2.621   -9.906  1.00 22.91 ? 58  LEU A CA  1 
ATOM   153  C  C   . LEU A 1 19  ? -13.078 2.935   -10.509 1.00 21.80 ? 58  LEU A C   1 
ATOM   154  O  O   . LEU A 1 19  ? -12.968 3.939   -11.235 1.00 22.15 ? 58  LEU A O   1 
ATOM   155  C  CB  . LEU A 1 19  ? -14.784 3.680   -8.850  1.00 24.25 ? 58  LEU A CB  1 
ATOM   156  C  CG  . LEU A 1 19  ? -16.037 3.444   -8.011  1.00 26.01 ? 58  LEU A CG  1 
ATOM   157  C  CD1 . LEU A 1 19  ? -16.205 4.563   -6.997  1.00 26.04 ? 58  LEU A CD1 1 
ATOM   158  C  CD2 . LEU A 1 19  ? -17.272 3.322   -8.889  1.00 27.30 ? 58  LEU A CD2 1 
ATOM   159  N  N   . THR A 1 20  ? -12.077 2.107   -10.196 1.00 20.13 ? 59  THR A N   1 
ATOM   160  C  CA  . THR A 1 20  ? -10.628 2.398   -10.288 1.00 19.45 ? 59  THR A CA  1 
ATOM   161  C  C   . THR A 1 20  ? -10.259 3.304   -9.116  1.00 18.56 ? 59  THR A C   1 
ATOM   162  O  O   . THR A 1 20  ? -10.707 4.464   -9.066  1.00 18.05 ? 59  THR A O   1 
ATOM   163  C  CB  . THR A 1 20  ? -10.206 2.995   -11.635 1.00 21.27 ? 59  THR A CB  1 
ATOM   164  O  OG1 . THR A 1 20  ? -10.607 2.075   -12.650 1.00 23.24 ? 59  THR A OG1 1 
ATOM   165  C  CG2 . THR A 1 20  ? -8.717  3.256   -11.697 1.00 21.48 ? 59  THR A CG2 1 
ATOM   166  N  N   . ASN A 1 21  ? -9.465  2.781   -8.188  1.00 18.25 ? 60  ASN A N   1 
ATOM   167  C  CA  . ASN A 1 21  ? -9.138  3.491   -6.932  1.00 17.79 ? 60  ASN A CA  1 
ATOM   168  C  C   . ASN A 1 21  ? -8.102  4.577   -7.248  1.00 17.84 ? 60  ASN A C   1 
ATOM   169  O  O   . ASN A 1 21  ? -7.278  4.400   -8.178  1.00 17.95 ? 60  ASN A O   1 
ATOM   170  C  CB  . ASN A 1 21  ? -8.701  2.503   -5.853  1.00 17.15 ? 60  ASN A CB  1 
ATOM   171  C  CG  . ASN A 1 21  ? -8.800  3.034   -4.441  1.00 17.85 ? 60  ASN A CG  1 
ATOM   172  O  OD1 . ASN A 1 21  ? -9.186  4.175   -4.207  1.00 17.97 ? 60  ASN A OD1 1 
ATOM   173  N  ND2 . ASN A 1 21  ? -8.467  2.186   -3.481  1.00 18.05 ? 60  ASN A ND2 1 
ATOM   174  N  N   . GLU A 1 22  ? -8.179  5.681   -6.517  1.00 18.44 ? 61  GLU A N   1 
ATOM   175  C  CA  . GLU A 1 22  ? -7.240  6.822   -6.589  1.00 18.88 ? 61  GLU A CA  1 
ATOM   176  C  C   . GLU A 1 22  ? -6.767  7.149   -5.171  1.00 19.61 ? 61  GLU A C   1 
ATOM   177  O  O   . GLU A 1 22  ? -7.596  7.099   -4.231  1.00 20.02 ? 61  GLU A O   1 
ATOM   178  C  CB  . GLU A 1 22  ? -7.917  8.050   -7.203  1.00 19.06 ? 61  GLU A CB  1 
ATOM   179  C  CG  . GLU A 1 22  ? -8.520  7.804   -8.572  1.00 19.50 ? 61  GLU A CG  1 
ATOM   180  C  CD  . GLU A 1 22  ? -9.208  9.024   -9.164  1.00 18.91 ? 61  GLU A CD  1 
ATOM   181  O  OE1 . GLU A 1 22  ? -10.235 8.850   -9.849  1.00 19.90 ? 61  GLU A OE1 1 
ATOM   182  O  OE2 . GLU A 1 22  ? -8.705  10.132  -8.944  1.00 20.67 ? 61  GLU A OE2 1 
ATOM   183  N  N   . MET A 1 23  ? -5.487  7.469   -5.012  1.00 19.12 ? 62  MET A N   1 
ATOM   184  C  CA  . MET A 1 23  ? -4.945  7.994   -3.734  1.00 19.84 ? 62  MET A CA  1 
ATOM   185  C  C   . MET A 1 23  ? -4.283  9.335   -4.030  1.00 20.57 ? 62  MET A C   1 
ATOM   186  O  O   . MET A 1 23  ? -3.491  9.413   -4.988  1.00 21.11 ? 62  MET A O   1 
ATOM   187  C  CB  . MET A 1 23  ? -3.923  7.051   -3.091  1.00 19.73 ? 62  MET A CB  1 
ATOM   188  C  CG  . MET A 1 23  ? -4.489  5.700   -2.725  1.00 19.62 ? 62  MET A CG  1 
ATOM   189  S  SD  . MET A 1 23  ? -5.558  5.756   -1.259  1.00 19.56 ? 62  MET A SD  1 
ATOM   190  C  CE  . MET A 1 23  ? -6.146  4.063   -1.281  1.00 19.77 ? 62  MET A CE  1 
ATOM   191  N  N   . ILE A 1 24  ? -4.583  10.346  -3.222  1.00 22.22 ? 63  ILE A N   1 
ATOM   192  C  CA  . ILE A 1 24  ? -3.952  11.688  -3.366  1.00 23.47 ? 63  ILE A CA  1 
ATOM   193  C  C   . ILE A 1 24  ? -2.498  11.607  -2.902  1.00 23.22 ? 63  ILE A C   1 
ATOM   194  O  O   . ILE A 1 24  ? -2.240  11.045  -1.818  1.00 25.95 ? 63  ILE A O   1 
ATOM   195  C  CB  . ILE A 1 24  ? -4.716  12.773  -2.588  1.00 25.41 ? 63  ILE A CB  1 
ATOM   196  C  CG1 . ILE A 1 24  ? -6.208  12.795  -2.932  1.00 27.10 ? 63  ILE A CG1 1 
ATOM   197  C  CG2 . ILE A 1 24  ? -4.057  14.127  -2.821  1.00 26.13 ? 63  ILE A CG2 1 
ATOM   198  C  CD1 . ILE A 1 24  ? -6.510  13.313  -4.313  1.00 28.60 ? 63  ILE A CD1 1 
ATOM   199  N  N   . VAL A 1 25  ? -1.588  12.184  -3.684  1.00 23.11 ? 64  VAL A N   1 
ATOM   200  C  CA  . VAL A 1 25  ? -0.181  12.460  -3.280  1.00 23.80 ? 64  VAL A CA  1 
ATOM   201  C  C   . VAL A 1 25  ? -0.049  13.980  -3.145  1.00 25.64 ? 64  VAL A C   1 
ATOM   202  O  O   . VAL A 1 25  ? -0.632  14.698  -3.985  1.00 25.43 ? 64  VAL A O   1 
ATOM   203  C  CB  . VAL A 1 25  ? 0.842   11.862  -4.267  1.00 24.36 ? 64  VAL A CB  1 
ATOM   204  C  CG1 . VAL A 1 25  ? 0.871   10.342  -4.186  1.00 24.53 ? 64  VAL A CG1 1 
ATOM   205  C  CG2 . VAL A 1 25  ? 0.607   12.309  -5.704  1.00 24.80 ? 64  VAL A CG2 1 
ATOM   206  N  N   . THR A 1 26  ? 0.635   14.445  -2.100  1.00 27.07 ? 65  THR A N   1 
ATOM   207  C  CA  . THR A 1 26  ? 0.891   15.886  -1.832  1.00 28.32 ? 65  THR A CA  1 
ATOM   208  C  C   . THR A 1 26  ? 2.352   16.076  -1.437  1.00 29.37 ? 65  THR A C   1 
ATOM   209  O  O   . THR A 1 26  ? 3.021   15.073  -1.096  1.00 27.28 ? 65  THR A O   1 
ATOM   210  C  CB  . THR A 1 26  ? -0.019  16.447  -0.732  1.00 28.39 ? 65  THR A CB  1 
ATOM   211  O  OG1 . THR A 1 26  ? 0.292   15.810  0.512   1.00 29.51 ? 65  THR A OG1 1 
ATOM   212  C  CG2 . THR A 1 26  ? -1.489  16.291  -1.048  1.00 29.06 ? 65  THR A CG2 1 
ATOM   213  N  N   . LYS A 1 27  ? 2.817   17.326  -1.474  1.00 31.30 ? 66  LYS A N   1 
ATOM   214  C  CA  . LYS A 1 27  ? 4.182   17.710  -1.036  1.00 32.94 ? 66  LYS A CA  1 
ATOM   215  C  C   . LYS A 1 27  ? 4.469   17.091  0.338   1.00 31.78 ? 66  LYS A C   1 
ATOM   216  O  O   . LYS A 1 27  ? 5.514   16.426  0.474   1.00 31.96 ? 66  LYS A O   1 
ATOM   217  C  CB  . LYS A 1 27  ? 4.329   19.235  -0.973  1.00 35.23 ? 66  LYS A CB  1 
ATOM   218  C  CG  . LYS A 1 27  ? 5.731   19.722  -0.627  1.00 39.07 ? 66  LYS A CG  1 
ATOM   219  C  CD  . LYS A 1 27  ? 5.843   21.223  -0.443  1.00 41.18 ? 66  LYS A CD  1 
ATOM   220  C  CE  . LYS A 1 27  ? 7.214   21.638  0.050   1.00 44.47 ? 66  LYS A CE  1 
ATOM   221  N  NZ  . LYS A 1 27  ? 7.298   23.097  0.299   1.00 47.31 ? 66  LYS A NZ  1 
ATOM   222  N  N   . ASN A 1 28  ? 3.572   17.297  1.306   1.00 31.44 ? 67  ASN A N   1 
ATOM   223  C  CA  . ASN A 1 28  ? 3.789   16.936  2.734   1.00 32.10 ? 67  ASN A CA  1 
ATOM   224  C  C   . ASN A 1 28  ? 3.219   15.546  3.037   1.00 31.51 ? 67  ASN A C   1 
ATOM   225  O  O   . ASN A 1 28  ? 3.408   15.073  4.174   1.00 31.49 ? 67  ASN A O   1 
ATOM   226  C  CB  . ASN A 1 28  ? 3.212   18.003  3.663   1.00 33.47 ? 67  ASN A CB  1 
ATOM   227  C  CG  . ASN A 1 28  ? 3.929   19.326  3.504   1.00 34.49 ? 67  ASN A CG  1 
ATOM   228  O  OD1 . ASN A 1 28  ? 5.081   19.361  3.076   1.00 36.07 ? 67  ASN A OD1 1 
ATOM   229  N  ND2 . ASN A 1 28  ? 3.250   20.411  3.832   1.00 36.59 ? 67  ASN A ND2 1 
ATOM   230  N  N   . GLY A 1 29  ? 2.561   14.911  2.065   1.00 28.74 ? 68  GLY A N   1 
ATOM   231  C  CA  . GLY A 1 29  ? 2.131   13.504  2.173   1.00 27.95 ? 68  GLY A CA  1 
ATOM   232  C  C   . GLY A 1 29  ? 0.725   13.382  2.721   1.00 27.08 ? 68  GLY A C   1 
ATOM   233  O  O   . GLY A 1 29  ? 0.339   14.199  3.588   1.00 28.28 ? 68  GLY A O   1 
ATOM   234  N  N   . ARG A 1 30  ? -0.012  12.385  2.236   1.00 25.72 ? 69  ARG A N   1 
ATOM   235  C  CA  . ARG A 1 30  ? -1.442  12.171  2.551   1.00 25.90 ? 69  ARG A CA  1 
ATOM   236  C  C   . ARG A 1 30  ? -1.648  10.709  2.952   1.00 24.96 ? 69  ARG A C   1 
ATOM   237  O  O   . ARG A 1 30  ? -1.158  9.815   2.238   1.00 23.21 ? 69  ARG A O   1 
ATOM   238  C  CB  . ARG A 1 30  ? -2.304  12.552  1.344   1.00 29.03 ? 69  ARG A CB  1 
ATOM   239  C  CG  . ARG A 1 30  ? -3.788  12.647  1.646   1.00 31.77 ? 69  ARG A CG  1 
ATOM   240  C  CD  . ARG A 1 30  ? -4.144  13.812  2.558   1.00 33.94 ? 69  ARG A CD  1 
ATOM   241  N  NE  . ARG A 1 30  ? -3.924  15.129  1.969   1.00 34.95 ? 69  ARG A NE  1 
ATOM   242  C  CZ  . ARG A 1 30  ? -4.721  15.708  1.067   1.00 36.27 ? 69  ARG A CZ  1 
ATOM   243  N  NH1 . ARG A 1 30  ? -4.440  16.919  0.610   1.00 37.50 ? 69  ARG A NH1 1 
ATOM   244  N  NH2 . ARG A 1 30  ? -5.787  15.075  0.606   1.00 35.74 ? 69  ARG A NH2 1 
ATOM   245  N  N   . ARG A 1 31  ? -2.347  10.489  4.061   1.00 24.27 ? 70  ARG A N   1 
ATOM   246  C  CA  . ARG A 1 31  ? -2.753  9.139   4.524   1.00 24.61 ? 70  ARG A CA  1 
ATOM   247  C  C   . ARG A 1 31  ? -3.730  8.535   3.509   1.00 23.77 ? 70  ARG A C   1 
ATOM   248  O  O   . ARG A 1 31  ? -4.419  9.280   2.780   1.00 22.48 ? 70  ARG A O   1 
ATOM   249  C  CB  . ARG A 1 31  ? -3.331  9.216   5.940   1.00 25.70 ? 70  ARG A CB  1 
ATOM   250  C  CG  . ARG A 1 31  ? -2.264  9.333   7.019   1.00 27.76 ? 70  ARG A CG  1 
ATOM   251  C  CD  . ARG A 1 31  ? -2.838  9.413   8.422   1.00 28.98 ? 70  ARG A CD  1 
ATOM   252  N  NE  . ARG A 1 31  ? -3.544  10.669  8.638   1.00 31.73 ? 70  ARG A NE  1 
ATOM   253  C  CZ  . ARG A 1 31  ? -2.973  11.811  9.019   1.00 34.07 ? 70  ARG A CZ  1 
ATOM   254  N  NH1 . ARG A 1 31  ? -1.669  11.875  9.245   1.00 35.69 ? 70  ARG A NH1 1 
ATOM   255  N  NH2 . ARG A 1 31  ? -3.713  12.895  9.178   1.00 35.78 ? 70  ARG A NH2 1 
ATOM   256  N  N   . MET A 1 32  ? -3.769  7.210   3.462   1.00 22.69 ? 71  MET A N   1 
ATOM   257  C  CA  . MET A 1 32  ? -4.610  6.443   2.516   1.00 23.10 ? 71  MET A CA  1 
ATOM   258  C  C   . MET A 1 32  ? -5.996  6.236   3.121   1.00 21.82 ? 71  MET A C   1 
ATOM   259  O  O   . MET A 1 32  ? -6.098  6.053   4.353   1.00 22.06 ? 71  MET A O   1 
ATOM   260  C  CB  . MET A 1 32  ? -3.986  5.076   2.237   1.00 22.58 ? 71  MET A CB  1 
ATOM   261  C  CG  . MET A 1 32  ? -2.587  5.172   1.665   1.00 23.65 ? 71  MET A CG  1 
ATOM   262  S  SD  . MET A 1 32  ? -1.787  3.566   1.528   1.00 24.77 ? 71  MET A SD  1 
ATOM   263  C  CE  . MET A 1 32  ? -2.900  2.792   0.360   1.00 24.61 ? 71  MET A CE  1 
ATOM   264  N  N   . PHE A 1 33  ? -7.018  6.232   2.275   1.00 20.55 ? 72  PHE A N   1 
ATOM   265  C  CA  . PHE A 1 33  ? -8.332  5.624   2.584   1.00 20.69 ? 72  PHE A CA  1 
ATOM   266  C  C   . PHE A 1 33  ? -8.781  4.794   1.388   1.00 20.55 ? 72  PHE A C   1 
ATOM   267  O  O   . PHE A 1 33  ? -8.758  5.303   0.273   1.00 22.22 ? 72  PHE A O   1 
ATOM   268  C  CB  . PHE A 1 33  ? -9.416  6.647   2.931   1.00 20.73 ? 72  PHE A CB  1 
ATOM   269  C  CG  . PHE A 1 33  ? -10.641 5.936   3.437   1.00 20.77 ? 72  PHE A CG  1 
ATOM   270  C  CD1 . PHE A 1 33  ? -10.759 5.597   4.779   1.00 21.69 ? 72  PHE A CD1 1 
ATOM   271  C  CD2 . PHE A 1 33  ? -11.607 5.480   2.556   1.00 21.11 ? 72  PHE A CD2 1 
ATOM   272  C  CE1 . PHE A 1 33  ? -11.860 4.887   5.231   1.00 21.97 ? 72  PHE A CE1 1 
ATOM   273  C  CE2 . PHE A 1 33  ? -12.695 4.748   3.007   1.00 21.60 ? 72  PHE A CE2 1 
ATOM   274  C  CZ  . PHE A 1 33  ? -12.819 4.455   4.344   1.00 21.99 ? 72  PHE A CZ  1 
ATOM   275  N  N   . PRO A 1 34  ? -9.195  3.519   1.565   1.00 20.86 ? 73  PRO A N   1 
ATOM   276  C  CA  . PRO A 1 34  ? -9.125  2.813   2.843   1.00 20.78 ? 73  PRO A CA  1 
ATOM   277  C  C   . PRO A 1 34  ? -7.681  2.671   3.351   1.00 21.55 ? 73  PRO A C   1 
ATOM   278  O  O   . PRO A 1 34  ? -6.741  2.813   2.579   1.00 21.22 ? 73  PRO A O   1 
ATOM   279  C  CB  . PRO A 1 34  ? -9.712  1.417   2.546   1.00 21.72 ? 73  PRO A CB  1 
ATOM   280  C  CG  . PRO A 1 34  ? -10.508 1.600   1.272   1.00 21.68 ? 73  PRO A CG  1 
ATOM   281  C  CD  . PRO A 1 34  ? -9.782  2.683   0.506   1.00 21.37 ? 73  PRO A CD  1 
ATOM   282  N  N   . VAL A 1 35  ? -7.550  2.381   4.647   1.00 23.29 ? 74  VAL A N   1 
ATOM   283  C  CA  . VAL A 1 35  ? -6.253  2.019   5.279   1.00 24.00 ? 74  VAL A CA  1 
ATOM   284  C  C   . VAL A 1 35  ? -5.992  0.546   4.970   1.00 23.38 ? 74  VAL A C   1 
ATOM   285  O  O   . VAL A 1 35  ? -6.935  -0.251  5.077   1.00 24.09 ? 74  VAL A O   1 
ATOM   286  C  CB  . VAL A 1 35  ? -6.271  2.300   6.790   1.00 25.87 ? 74  VAL A CB  1 
ATOM   287  C  CG1 . VAL A 1 35  ? -5.124  1.609   7.512   1.00 26.70 ? 74  VAL A CG1 1 
ATOM   288  C  CG2 . VAL A 1 35  ? -6.274  3.801   7.056   1.00 27.42 ? 74  VAL A CG2 1 
ATOM   289  N  N   . LEU A 1 36  ? -4.758  0.209   4.608   1.00 22.15 ? 75  LEU A N   1 
ATOM   290  C  CA  . LEU A 1 36  ? -4.332  -1.202  4.432   1.00 21.14 ? 75  LEU A CA  1 
ATOM   291  C  C   . LEU A 1 36  ? -4.229  -1.870  5.804   1.00 20.68 ? 75  LEU A C   1 
ATOM   292  O  O   . LEU A 1 36  ? -3.401  -1.428  6.628   1.00 20.49 ? 75  LEU A O   1 
ATOM   293  C  CB  . LEU A 1 36  ? -2.994  -1.261  3.703   1.00 21.83 ? 75  LEU A CB  1 
ATOM   294  C  CG  . LEU A 1 36  ? -2.475  -2.672  3.464   1.00 23.75 ? 75  LEU A CG  1 
ATOM   295  C  CD1 . LEU A 1 36  ? -3.474  -3.491  2.660   1.00 24.49 ? 75  LEU A CD1 1 
ATOM   296  C  CD2 . LEU A 1 36  ? -1.128  -2.639  2.767   1.00 24.01 ? 75  LEU A CD2 1 
ATOM   297  N  N   . LYS A 1 37  ? -5.072  -2.875  6.038   1.00 19.65 ? 76  LYS A N   1 
ATOM   298  C  CA  . LYS A 1 37  ? -5.081  -3.677  7.285   1.00 20.76 ? 76  LYS A CA  1 
ATOM   299  C  C   . LYS A 1 37  ? -5.072  -5.151  6.887   1.00 19.23 ? 76  LYS A C   1 
ATOM   300  O  O   . LYS A 1 37  ? -5.783  -5.512  5.938   1.00 18.23 ? 76  LYS A O   1 
ATOM   301  C  CB  . LYS A 1 37  ? -6.315  -3.368  8.135   1.00 23.38 ? 76  LYS A CB  1 
ATOM   302  C  CG  . LYS A 1 37  ? -6.684  -1.900  8.284   1.00 26.02 ? 76  LYS A CG  1 
ATOM   303  C  CD  . LYS A 1 37  ? -7.971  -1.718  9.082   1.00 28.72 ? 76  LYS A CD  1 
ATOM   304  C  CE  . LYS A 1 37  ? -8.669  -0.402  8.818   1.00 32.04 ? 76  LYS A CE  1 
ATOM   305  N  NZ  . LYS A 1 37  ? -9.140  -0.298  7.421   1.00 35.43 ? 76  LYS A NZ  1 
ATOM   306  N  N   . VAL A 1 38  ? -4.283  -5.971  7.576   1.00 18.73 ? 77  VAL A N   1 
ATOM   307  C  CA  . VAL A 1 38  ? -4.181  -7.425  7.267   1.00 19.59 ? 77  VAL A CA  1 
ATOM   308  C  C   . VAL A 1 38  ? -4.295  -8.230  8.558   1.00 19.10 ? 77  VAL A C   1 
ATOM   309  O  O   . VAL A 1 38  ? -3.866  -7.744  9.611   1.00 21.05 ? 77  VAL A O   1 
ATOM   310  C  CB  . VAL A 1 38  ? -2.888  -7.755  6.498   1.00 19.63 ? 77  VAL A CB  1 
ATOM   311  C  CG1 . VAL A 1 38  ? -2.851  -7.020  5.174   1.00 20.47 ? 77  VAL A CG1 1 
ATOM   312  C  CG2 . VAL A 1 38  ? -1.627  -7.471  7.300   1.00 19.91 ? 77  VAL A CG2 1 
ATOM   313  N  N   . ASN A 1 39  ? -4.860  -9.427  8.441   1.00 19.95 ? 78  ASN A N   1 
ATOM   314  C  CA  . ASN A 1 39  ? -4.838  -10.447 9.515   1.00 19.96 ? 78  ASN A CA  1 
ATOM   315  C  C   . ASN A 1 39  ? -3.710  -11.425 9.189   1.00 20.06 ? 78  ASN A C   1 
ATOM   316  O  O   . ASN A 1 39  ? -3.390  -11.630 7.997   1.00 19.55 ? 78  ASN A O   1 
ATOM   317  C  CB  . ASN A 1 39  ? -6.200  -11.115 9.704   1.00 20.99 ? 78  ASN A CB  1 
ATOM   318  C  CG  . ASN A 1 39  ? -6.772  -11.690 8.426   1.00 22.83 ? 78  ASN A CG  1 
ATOM   319  O  OD1 . ASN A 1 39  ? -6.247  -12.659 7.878   1.00 23.41 ? 78  ASN A OD1 1 
ATOM   320  N  ND2 . ASN A 1 39  ? -7.856  -11.102 7.944   1.00 24.56 ? 78  ASN A ND2 1 
ATOM   321  N  N   . VAL A 1 40  ? -3.090  -11.961 10.231  1.00 19.64 ? 79  VAL A N   1 
ATOM   322  C  CA  . VAL A 1 40  ? -1.868  -12.799 10.120  1.00 19.60 ? 79  VAL A CA  1 
ATOM   323  C  C   . VAL A 1 40  ? -2.070  -14.032 10.989  1.00 19.67 ? 79  VAL A C   1 
ATOM   324  O  O   . VAL A 1 40  ? -2.420  -13.895 12.179  1.00 19.44 ? 79  VAL A O   1 
ATOM   325  C  CB  . VAL A 1 40  ? -0.603  -12.025 10.531  1.00 19.57 ? 79  VAL A CB  1 
ATOM   326  C  CG1 . VAL A 1 40  ? 0.651   -12.867 10.352  1.00 20.88 ? 79  VAL A CG1 1 
ATOM   327  C  CG2 . VAL A 1 40  ? -0.477  -10.705 9.782   1.00 19.93 ? 79  VAL A CG2 1 
ATOM   328  N  N   . SER A 1 41  ? -1.832  -15.195 10.404  1.00 20.34 ? 80  SER A N   1 
ATOM   329  C  CA  . SER A 1 41  ? -1.731  -16.467 11.154  1.00 20.97 ? 80  SER A CA  1 
ATOM   330  C  C   . SER A 1 41  ? -0.522  -17.252 10.648  1.00 20.21 ? 80  SER A C   1 
ATOM   331  O  O   . SER A 1 41  ? -0.078  -17.018 9.522   1.00 19.58 ? 80  SER A O   1 
ATOM   332  C  CB  . SER A 1 41  ? -3.022  -17.264 11.076  1.00 21.81 ? 80  SER A CB  1 
ATOM   333  O  OG  . SER A 1 41  ? -3.215  -17.793 9.776   1.00 24.90 ? 80  SER A OG  1 
ATOM   334  N  N   . GLY A 1 42  ? 0.004   -18.147 11.481  1.00 19.97 ? 81  GLY A N   1 
ATOM   335  C  CA  . GLY A 1 42  ? 1.074   -19.074 11.074  1.00 19.67 ? 81  GLY A CA  1 
ATOM   336  C  C   . GLY A 1 42  ? 2.456   -18.475 11.213  1.00 19.86 ? 81  GLY A C   1 
ATOM   337  O  O   . GLY A 1 42  ? 3.408   -19.099 10.722  1.00 21.72 ? 81  GLY A O   1 
ATOM   338  N  N   . LEU A 1 43  ? 2.609   -17.334 11.888  1.00 19.93 ? 82  LEU A N   1 
ATOM   339  C  CA  . LEU A 1 43  ? 3.948   -16.913 12.377  1.00 19.89 ? 82  LEU A CA  1 
ATOM   340  C  C   . LEU A 1 43  ? 4.298   -17.760 13.600  1.00 19.63 ? 82  LEU A C   1 
ATOM   341  O  O   . LEU A 1 43  ? 3.387   -18.342 14.218  1.00 20.67 ? 82  LEU A O   1 
ATOM   342  C  CB  . LEU A 1 43  ? 3.963   -15.429 12.746  1.00 20.77 ? 82  LEU A CB  1 
ATOM   343  C  CG  . LEU A 1 43  ? 3.852   -14.452 11.581  1.00 21.23 ? 82  LEU A CG  1 
ATOM   344  C  CD1 . LEU A 1 43  ? 3.820   -13.027 12.109  1.00 21.62 ? 82  LEU A CD1 1 
ATOM   345  C  CD2 . LEU A 1 43  ? 4.991   -14.636 10.591  1.00 21.77 ? 82  LEU A CD2 1 
ATOM   346  N  N   . ASP A 1 44  ? 5.583   -17.813 13.941  1.00 20.76 ? 83  ASP A N   1 
ATOM   347  C  CA  . ASP A 1 44  ? 6.027   -18.348 15.249  1.00 20.81 ? 83  ASP A CA  1 
ATOM   348  C  C   . ASP A 1 44  ? 5.652   -17.297 16.285  1.00 20.88 ? 83  ASP A C   1 
ATOM   349  O  O   . ASP A 1 44  ? 6.161   -16.184 16.223  1.00 19.68 ? 83  ASP A O   1 
ATOM   350  C  CB  . ASP A 1 44  ? 7.519   -18.676 15.219  1.00 22.33 ? 83  ASP A CB  1 
ATOM   351  C  CG  . ASP A 1 44  ? 8.021   -19.281 16.515  1.00 24.00 ? 83  ASP A CG  1 
ATOM   352  O  OD1 . ASP A 1 44  ? 7.283   -19.227 17.517  1.00 24.65 ? 83  ASP A OD1 1 
ATOM   353  O  OD2 . ASP A 1 44  ? 9.157   -19.789 16.512  1.00 26.30 ? 83  ASP A OD2 1 
ATOM   354  N  N   . PRO A 1 45  ? 4.729   -17.578 17.231  1.00 20.74 ? 84  PRO A N   1 
ATOM   355  C  CA  . PRO A 1 45  ? 4.313   -16.563 18.200  1.00 21.11 ? 84  PRO A CA  1 
ATOM   356  C  C   . PRO A 1 45  ? 5.487   -16.067 19.061  1.00 21.40 ? 84  PRO A C   1 
ATOM   357  O  O   . PRO A 1 45  ? 5.445   -14.935 19.501  1.00 21.05 ? 84  PRO A O   1 
ATOM   358  C  CB  . PRO A 1 45  ? 3.242   -17.248 19.059  1.00 22.11 ? 84  PRO A CB  1 
ATOM   359  C  CG  . PRO A 1 45  ? 3.431   -18.729 18.811  1.00 22.43 ? 84  PRO A CG  1 
ATOM   360  C  CD  . PRO A 1 45  ? 4.039   -18.861 17.430  1.00 21.63 ? 84  PRO A CD  1 
ATOM   361  N  N   . ASN A 1 46  ? 6.514   -16.907 19.243  1.00 22.09 ? 85  ASN A N   1 
ATOM   362  C  CA  . ASN A 1 46  ? 7.689   -16.630 20.106  1.00 23.12 ? 85  ASN A CA  1 
ATOM   363  C  C   . ASN A 1 46  ? 8.768   -15.840 19.355  1.00 22.33 ? 85  ASN A C   1 
ATOM   364  O  O   . ASN A 1 46  ? 9.626   -15.249 20.034  1.00 24.98 ? 85  ASN A O   1 
ATOM   365  C  CB  . ASN A 1 46  ? 8.309   -17.928 20.623  1.00 24.07 ? 85  ASN A CB  1 
ATOM   366  C  CG  . ASN A 1 46  ? 7.292   -18.902 21.173  1.00 25.82 ? 85  ASN A CG  1 
ATOM   367  O  OD1 . ASN A 1 46  ? 6.462   -18.543 21.997  1.00 27.02 ? 85  ASN A OD1 1 
ATOM   368  N  ND2 . ASN A 1 46  ? 7.344   -20.140 20.712  1.00 27.83 ? 85  ASN A ND2 1 
ATOM   369  N  N   . ALA A 1 47  ? 8.766   -15.850 18.019  1.00 21.02 ? 86  ALA A N   1 
ATOM   370  C  CA  . ALA A 1 47  ? 9.801   -15.189 17.193  1.00 20.01 ? 86  ALA A CA  1 
ATOM   371  C  C   . ALA A 1 47  ? 9.484   -13.700 17.086  1.00 20.19 ? 86  ALA A C   1 
ATOM   372  O  O   . ALA A 1 47  ? 8.344   -13.319 17.373  1.00 19.73 ? 86  ALA A O   1 
ATOM   373  C  CB  . ALA A 1 47  ? 9.898   -15.838 15.834  1.00 19.97 ? 86  ALA A CB  1 
ATOM   374  N  N   . MET A 1 48  ? 10.473  -12.889 16.716  1.00 19.92 ? 87  MET A N   1 
ATOM   375  C  CA  . MET A 1 48  ? 10.261  -11.443 16.477  1.00 19.83 ? 87  MET A CA  1 
ATOM   376  C  C   . MET A 1 48  ? 10.355  -11.176 14.982  1.00 19.01 ? 87  MET A C   1 
ATOM   377  O  O   . MET A 1 48  ? 11.175  -11.811 14.296  1.00 19.08 ? 87  MET A O   1 
ATOM   378  C  CB  . MET A 1 48  ? 11.259  -10.574 17.244  1.00 21.24 ? 87  MET A CB  1 
ATOM   379  C  CG  . MET A 1 48  ? 11.081  -10.688 18.740  1.00 22.43 ? 87  MET A CG  1 
ATOM   380  S  SD  . MET A 1 48  ? 11.981  -9.405  19.615  1.00 24.30 ? 87  MET A SD  1 
ATOM   381  C  CE  . MET A 1 48  ? 10.881  -8.009  19.380  1.00 24.35 ? 87  MET A CE  1 
ATOM   382  N  N   . TYR A 1 49  ? 9.494   -10.285 14.510  1.00 18.80 ? 88  TYR A N   1 
ATOM   383  C  CA  . TYR A 1 49  ? 9.374   -9.891  13.095  1.00 18.80 ? 88  TYR A CA  1 
ATOM   384  C  C   . TYR A 1 49  ? 9.206   -8.380  13.008  1.00 18.40 ? 88  TYR A C   1 
ATOM   385  O  O   . TYR A 1 49  ? 8.648   -7.772  13.945  1.00 18.11 ? 88  TYR A O   1 
ATOM   386  C  CB  . TYR A 1 49  ? 8.172   -10.564 12.435  1.00 18.97 ? 88  TYR A CB  1 
ATOM   387  C  CG  . TYR A 1 49  ? 8.126   -12.065 12.561  1.00 18.82 ? 88  TYR A CG  1 
ATOM   388  C  CD1 . TYR A 1 49  ? 8.649   -12.881 11.575  1.00 19.12 ? 88  TYR A CD1 1 
ATOM   389  C  CD2 . TYR A 1 49  ? 7.532   -12.666 13.657  1.00 18.19 ? 88  TYR A CD2 1 
ATOM   390  C  CE1 . TYR A 1 49  ? 8.596   -14.260 11.682  1.00 19.40 ? 88  TYR A CE1 1 
ATOM   391  C  CE2 . TYR A 1 49  ? 7.471   -14.043 13.782  1.00 19.10 ? 88  TYR A CE2 1 
ATOM   392  C  CZ  . TYR A 1 49  ? 7.999   -14.847 12.787  1.00 18.95 ? 88  TYR A CZ  1 
ATOM   393  O  OH  . TYR A 1 49  ? 7.897   -16.206 12.926  1.00 20.98 ? 88  TYR A OH  1 
ATOM   394  N  N   . SER A 1 50  ? 9.665   -7.811  11.901  1.00 18.90 ? 89  SER A N   1 
ATOM   395  C  CA  . SER A 1 50  ? 9.291   -6.453  11.441  1.00 18.92 ? 89  SER A CA  1 
ATOM   396  C  C   . SER A 1 50  ? 8.347   -6.586  10.247  1.00 18.45 ? 89  SER A C   1 
ATOM   397  O  O   . SER A 1 50  ? 8.504   -7.544  9.463   1.00 17.81 ? 89  SER A O   1 
ATOM   398  C  CB  . SER A 1 50  ? 10.496  -5.625  11.115  1.00 20.08 ? 89  SER A CB  1 
ATOM   399  O  OG  . SER A 1 50  ? 11.323  -5.499  12.263  1.00 22.12 ? 89  SER A OG  1 
ATOM   400  N  N   . PHE A 1 51  ? 7.378   -5.680  10.148  1.00 17.40 ? 90  PHE A N   1 
ATOM   401  C  CA  . PHE A 1 51  ? 6.448   -5.556  9.000   1.00 17.79 ? 90  PHE A CA  1 
ATOM   402  C  C   . PHE A 1 51  ? 6.838   -4.309  8.208   1.00 18.29 ? 90  PHE A C   1 
ATOM   403  O  O   . PHE A 1 51  ? 6.943   -3.219  8.803   1.00 19.83 ? 90  PHE A O   1 
ATOM   404  C  CB  . PHE A 1 51  ? 4.993   -5.504  9.468   1.00 17.72 ? 90  PHE A CB  1 
ATOM   405  C  CG  . PHE A 1 51  ? 4.348   -6.843  9.704   1.00 17.49 ? 90  PHE A CG  1 
ATOM   406  C  CD1 . PHE A 1 51  ? 3.171   -7.200  9.060   1.00 17.38 ? 90  PHE A CD1 1 
ATOM   407  C  CD2 . PHE A 1 51  ? 4.918   -7.753  10.579  1.00 17.51 ? 90  PHE A CD2 1 
ATOM   408  C  CE1 . PHE A 1 51  ? 2.586   -8.439  9.282   1.00 17.61 ? 90  PHE A CE1 1 
ATOM   409  C  CE2 . PHE A 1 51  ? 4.332   -8.987  10.802  1.00 17.59 ? 90  PHE A CE2 1 
ATOM   410  C  CZ  . PHE A 1 51  ? 3.159   -9.323  10.167  1.00 17.25 ? 90  PHE A CZ  1 
ATOM   411  N  N   . LEU A 1 52  ? 7.081   -4.487  6.913   1.00 19.64 ? 91  LEU A N   1 
ATOM   412  C  CA  . LEU A 1 52  ? 7.453   -3.402  5.971   1.00 20.45 ? 91  LEU A CA  1 
ATOM   413  C  C   . LEU A 1 52  ? 6.374   -3.309  4.891   1.00 20.17 ? 91  LEU A C   1 
ATOM   414  O  O   . LEU A 1 52  ? 5.756   -4.331  4.552   1.00 20.52 ? 91  LEU A O   1 
ATOM   415  C  CB  . LEU A 1 52  ? 8.816   -3.713  5.341   1.00 22.62 ? 91  LEU A CB  1 
ATOM   416  C  CG  . LEU A 1 52  ? 10.061  -3.267  6.111   1.00 26.35 ? 91  LEU A CG  1 
ATOM   417  C  CD1 . LEU A 1 52  ? 10.016  -3.690  7.563   1.00 26.37 ? 91  LEU A CD1 1 
ATOM   418  C  CD2 . LEU A 1 52  ? 11.323  -3.810  5.449   1.00 27.50 ? 91  LEU A CD2 1 
ATOM   419  N  N   . LEU A 1 53  ? 6.181   -2.113  4.349   1.00 19.58 ? 92  LEU A N   1 
ATOM   420  C  CA  . LEU A 1 53  ? 5.216   -1.870  3.258   1.00 19.24 ? 92  LEU A CA  1 
ATOM   421  C  C   . LEU A 1 53  ? 5.933   -1.114  2.147   1.00 19.30 ? 92  LEU A C   1 
ATOM   422  O  O   . LEU A 1 53  ? 6.593   -0.103  2.449   1.00 20.68 ? 92  LEU A O   1 
ATOM   423  C  CB  . LEU A 1 53  ? 4.044   -1.074  3.827   1.00 19.65 ? 92  LEU A CB  1 
ATOM   424  C  CG  . LEU A 1 53  ? 3.100   -0.442  2.808   1.00 19.73 ? 92  LEU A CG  1 
ATOM   425  C  CD1 . LEU A 1 53  ? 2.318   -1.498  2.035   1.00 20.67 ? 92  LEU A CD1 1 
ATOM   426  C  CD2 . LEU A 1 53  ? 2.169   0.527   3.516   1.00 19.98 ? 92  LEU A CD2 1 
ATOM   427  N  N   . ASP A 1 54  ? 5.802   -1.585  0.914   1.00 19.11 ? 93  ASP A N   1 
ATOM   428  C  CA  . ASP A 1 54  ? 6.228   -0.792  -0.264  1.00 19.39 ? 93  ASP A CA  1 
ATOM   429  C  C   . ASP A 1 54  ? 5.127   -0.880  -1.318  1.00 19.62 ? 93  ASP A C   1 
ATOM   430  O  O   . ASP A 1 54  ? 4.104   -1.558  -1.087  1.00 18.54 ? 93  ASP A O   1 
ATOM   431  C  CB  . ASP A 1 54  ? 7.637   -1.186  -0.723  1.00 19.74 ? 93  ASP A CB  1 
ATOM   432  C  CG  . ASP A 1 54  ? 7.760   -2.495  -1.481  1.00 21.38 ? 93  ASP A CG  1 
ATOM   433  O  OD1 . ASP A 1 54  ? 6.889   -3.353  -1.341  1.00 19.71 ? 93  ASP A OD1 1 
ATOM   434  O  OD2 . ASP A 1 54  ? 8.763   -2.643  -2.202  1.00 25.35 ? 93  ASP A OD2 1 
ATOM   435  N  N   . PHE A 1 55  ? 5.314   -0.154  -2.415  1.00 19.90 ? 94  PHE A N   1 
ATOM   436  C  CA  . PHE A 1 55  ? 4.300   0.000   -3.484  1.00 20.66 ? 94  PHE A CA  1 
ATOM   437  C  C   . PHE A 1 55  ? 4.971   -0.357  -4.801  1.00 21.13 ? 94  PHE A C   1 
ATOM   438  O  O   . PHE A 1 55  ? 6.006   0.249   -5.121  1.00 23.65 ? 94  PHE A O   1 
ATOM   439  C  CB  . PHE A 1 55  ? 3.727   1.416   -3.455  1.00 20.18 ? 94  PHE A CB  1 
ATOM   440  C  CG  . PHE A 1 55  ? 2.974   1.743   -2.192  1.00 19.67 ? 94  PHE A CG  1 
ATOM   441  C  CD1 . PHE A 1 55  ? 1.585   1.709   -2.162  1.00 20.06 ? 94  PHE A CD1 1 
ATOM   442  C  CD2 . PHE A 1 55  ? 3.651   2.061   -1.023  1.00 20.04 ? 94  PHE A CD2 1 
ATOM   443  C  CE1 . PHE A 1 55  ? 0.892   2.003   -0.997  1.00 19.80 ? 94  PHE A CE1 1 
ATOM   444  C  CE2 . PHE A 1 55  ? 2.958   2.352   0.141   1.00 19.65 ? 94  PHE A CE2 1 
ATOM   445  C  CZ  . PHE A 1 55  ? 1.580   2.325   0.154   1.00 19.65 ? 94  PHE A CZ  1 
ATOM   446  N  N   . VAL A 1 56  ? 4.426   -1.353  -5.496  1.00 21.83 ? 95  VAL A N   1 
ATOM   447  C  CA  . VAL A 1 56  ? 5.015   -1.880  -6.757  1.00 22.01 ? 95  VAL A CA  1 
ATOM   448  C  C   . VAL A 1 56  ? 4.279   -1.233  -7.932  1.00 21.82 ? 95  VAL A C   1 
ATOM   449  O  O   . VAL A 1 56  ? 3.041   -1.292  -7.947  1.00 21.52 ? 95  VAL A O   1 
ATOM   450  C  CB  . VAL A 1 56  ? 4.935   -3.412  -6.778  1.00 23.43 ? 95  VAL A CB  1 
ATOM   451  C  CG1 . VAL A 1 56  ? 5.550   -3.997  -8.039  1.00 24.08 ? 95  VAL A CG1 1 
ATOM   452  C  CG2 . VAL A 1 56  ? 5.588   -4.001  -5.532  1.00 23.58 ? 95  VAL A CG2 1 
ATOM   453  N  N   . ALA A 1 57  ? 5.025   -0.634  -8.858  1.00 22.77 ? 96  ALA A N   1 
ATOM   454  C  CA  . ALA A 1 57  ? 4.498   -0.051  -10.111 1.00 23.87 ? 96  ALA A CA  1 
ATOM   455  C  C   . ALA A 1 57  ? 3.881   -1.177  -10.945 1.00 24.49 ? 96  ALA A C   1 
ATOM   456  O  O   . ALA A 1 57  ? 4.558   -2.196  -11.155 1.00 26.04 ? 96  ALA A O   1 
ATOM   457  C  CB  . ALA A 1 57  ? 5.595   0.666   -10.860 1.00 24.17 ? 96  ALA A CB  1 
ATOM   458  N  N   . ALA A 1 58  ? 2.639   -1.000  -11.402 1.00 25.70 ? 97  ALA A N   1 
ATOM   459  C  CA  . ALA A 1 58  ? 1.835   -2.045  -12.076 1.00 26.64 ? 97  ALA A CA  1 
ATOM   460  C  C   . ALA A 1 58  ? 2.113   -2.077  -13.586 1.00 28.01 ? 97  ALA A C   1 
ATOM   461  O  O   . ALA A 1 58  ? 1.952   -3.169  -14.173 1.00 29.34 ? 97  ALA A O   1 
ATOM   462  C  CB  . ALA A 1 58  ? 0.368   -1.830  -11.787 1.00 27.57 ? 97  ALA A CB  1 
ATOM   463  N  N   . ASP A 1 59  ? 2.536   -0.965  -14.200 1.00 28.38 ? 98  ASP A N   1 
ATOM   464  C  CA  . ASP A 1 59  ? 2.496   -0.799  -15.684 1.00 28.88 ? 98  ASP A CA  1 
ATOM   465  C  C   . ASP A 1 59  ? 3.765   -0.146  -16.230 1.00 29.54 ? 98  ASP A C   1 
ATOM   466  O  O   . ASP A 1 59  ? 4.423   0.607   -15.489 1.00 29.79 ? 98  ASP A O   1 
ATOM   467  C  CB  . ASP A 1 59  ? 1.315   0.074   -16.105 1.00 28.84 ? 98  ASP A CB  1 
ATOM   468  C  CG  . ASP A 1 59  ? 0.027   -0.348  -15.439 1.00 27.75 ? 98  ASP A CG  1 
ATOM   469  O  OD1 . ASP A 1 59  ? -0.555  0.482   -14.723 1.00 29.94 ? 98  ASP A OD1 1 
ATOM   470  O  OD2 . ASP A 1 59  ? -0.356  -1.506  -15.616 1.00 30.47 ? 98  ASP A OD2 1 
ATOM   471  N  N   . ASN A 1 60  ? 4.034   -0.374  -17.522 1.00 30.25 ? 99  ASN A N   1 
ATOM   472  C  CA  . ASN A 1 60  ? 5.146   0.266   -18.278 1.00 31.60 ? 99  ASN A CA  1 
ATOM   473  C  C   . ASN A 1 60  ? 4.603   1.501   -19.012 1.00 30.64 ? 99  ASN A C   1 
ATOM   474  O  O   . ASN A 1 60  ? 5.143   1.852   -20.082 1.00 31.31 ? 99  ASN A O   1 
ATOM   475  C  CB  . ASN A 1 60  ? 5.830   -0.726  -19.228 1.00 34.64 ? 99  ASN A CB  1 
ATOM   476  C  CG  . ASN A 1 60  ? 4.998   -1.093  -20.442 1.00 38.30 ? 99  ASN A CG  1 
ATOM   477  O  OD1 . ASN A 1 60  ? 3.813   -0.767  -20.518 1.00 42.80 ? 99  ASN A OD1 1 
ATOM   478  N  ND2 . ASN A 1 60  ? 5.606   -1.775  -21.402 1.00 40.26 ? 99  ASN A ND2 1 
ATOM   479  N  N   . HIS A 1 61  ? 3.575   2.142   -18.450 1.00 27.90 ? 100 HIS A N   1 
ATOM   480  C  CA  . HIS A 1 61  ? 2.920   3.347   -19.018 1.00 26.33 ? 100 HIS A CA  1 
ATOM   481  C  C   . HIS A 1 61  ? 2.167   4.066   -17.898 1.00 26.48 ? 100 HIS A C   1 
ATOM   482  O  O   . HIS A 1 61  ? 1.921   3.443   -16.835 1.00 26.55 ? 100 HIS A O   1 
ATOM   483  C  CB  . HIS A 1 61  ? 2.000   2.964   -20.186 1.00 25.69 ? 100 HIS A CB  1 
ATOM   484  C  CG  . HIS A 1 61  ? 0.768   2.227   -19.781 1.00 25.29 ? 100 HIS A CG  1 
ATOM   485  N  ND1 . HIS A 1 61  ? 0.644   0.860   -19.908 1.00 25.89 ? 100 HIS A ND1 1 
ATOM   486  C  CD2 . HIS A 1 61  ? -0.397  2.666   -19.257 1.00 24.16 ? 100 HIS A CD2 1 
ATOM   487  C  CE1 . HIS A 1 61  ? -0.546  0.491   -19.492 1.00 23.87 ? 100 HIS A CE1 1 
ATOM   488  N  NE2 . HIS A 1 61  ? -1.203  1.580   -19.070 1.00 26.07 ? 100 HIS A NE2 1 
ATOM   489  N  N   . ARG A 1 62  ? 1.820   5.324   -18.123 1.00 26.27 ? 101 ARG A N   1 
ATOM   490  C  CA  . ARG A 1 62  ? 0.979   6.088   -17.178 1.00 26.92 ? 101 ARG A CA  1 
ATOM   491  C  C   . ARG A 1 62  ? -0.473  6.016   -17.652 1.00 24.49 ? 101 ARG A C   1 
ATOM   492  O  O   . ARG A 1 62  ? -0.768  5.434   -18.709 1.00 21.39 ? 101 ARG A O   1 
ATOM   493  C  CB  . ARG A 1 62  ? 1.497   7.520   -16.994 1.00 29.93 ? 101 ARG A CB  1 
ATOM   494  C  CG  . ARG A 1 62  ? 1.360   8.427   -18.205 1.00 34.34 ? 101 ARG A CG  1 
ATOM   495  C  CD  . ARG A 1 62  ? 1.959   9.793   -17.910 1.00 37.25 ? 101 ARG A CD  1 
ATOM   496  N  NE  . ARG A 1 62  ? 2.871   10.242  -18.954 1.00 42.09 ? 101 ARG A NE  1 
ATOM   497  C  CZ  . ARG A 1 62  ? 3.723   11.258  -18.839 1.00 45.97 ? 101 ARG A CZ  1 
ATOM   498  N  NH1 . ARG A 1 62  ? 4.507   11.574  -19.858 1.00 48.33 ? 101 ARG A NH1 1 
ATOM   499  N  NH2 . ARG A 1 62  ? 3.789   11.959  -17.718 1.00 47.06 ? 101 ARG A NH2 1 
ATOM   500  N  N   . TRP A 1 63  ? -1.356  6.557   -16.836 1.00 22.26 ? 102 TRP A N   1 
ATOM   501  C  CA  . TRP A 1 63  ? -2.814  6.556   -17.067 1.00 21.80 ? 102 TRP A CA  1 
ATOM   502  C  C   . TRP A 1 63  ? -3.270  8.001   -17.193 1.00 21.52 ? 102 TRP A C   1 
ATOM   503  O  O   . TRP A 1 63  ? -2.557  8.909   -16.754 1.00 21.31 ? 102 TRP A O   1 
ATOM   504  C  CB  . TRP A 1 63  ? -3.525  5.861   -15.906 1.00 20.86 ? 102 TRP A CB  1 
ATOM   505  C  CG  . TRP A 1 63  ? -3.257  4.394   -15.870 1.00 21.21 ? 102 TRP A CG  1 
ATOM   506  C  CD1 . TRP A 1 63  ? -2.271  3.753   -15.180 1.00 22.06 ? 102 TRP A CD1 1 
ATOM   507  C  CD2 . TRP A 1 63  ? -3.976  3.384   -16.588 1.00 21.19 ? 102 TRP A CD2 1 
ATOM   508  N  NE1 . TRP A 1 63  ? -2.331  2.413   -15.424 1.00 22.20 ? 102 TRP A NE1 1 
ATOM   509  C  CE2 . TRP A 1 63  ? -3.371  2.150   -16.274 1.00 21.66 ? 102 TRP A CE2 1 
ATOM   510  C  CE3 . TRP A 1 63  ? -5.068  3.397   -17.463 1.00 21.88 ? 102 TRP A CE3 1 
ATOM   511  C  CZ2 . TRP A 1 63  ? -3.826  0.943   -16.802 1.00 21.96 ? 102 TRP A CZ2 1 
ATOM   512  C  CZ3 . TRP A 1 63  ? -5.524  2.204   -17.977 1.00 22.65 ? 102 TRP A CZ3 1 
ATOM   513  C  CH2 . TRP A 1 63  ? -4.903  0.994   -17.658 1.00 22.42 ? 102 TRP A CH2 1 
ATOM   514  N  N   A LYS A 1 64  ? -4.440  8.200   -17.804 0.25 22.15 ? 103 LYS A N   1 
ATOM   515  N  N   B LYS A 1 64  ? -4.444  8.203   -17.786 0.25 21.85 ? 103 LYS A N   1 
ATOM   516  C  CA  A LYS A 1 64  ? -5.161  9.499   -17.826 0.25 22.18 ? 103 LYS A CA  1 
ATOM   517  C  CA  B LYS A 1 64  ? -5.160  9.501   -17.752 0.25 21.71 ? 103 LYS A CA  1 
ATOM   518  C  C   A LYS A 1 64  ? -6.666  9.221   -17.846 0.25 21.36 ? 103 LYS A C   1 
ATOM   519  C  C   B LYS A 1 64  ? -6.660  9.224   -17.834 0.25 21.10 ? 103 LYS A C   1 
ATOM   520  O  O   A LYS A 1 64  ? -7.066  8.165   -18.373 0.25 20.60 ? 103 LYS A O   1 
ATOM   521  O  O   B LYS A 1 64  ? -7.048  8.177   -18.387 0.25 20.40 ? 103 LYS A O   1 
ATOM   522  C  CB  A LYS A 1 64  ? -4.707  10.377  -18.998 0.25 23.33 ? 103 LYS A CB  1 
ATOM   523  C  CB  B LYS A 1 64  ? -4.664  10.446  -18.851 0.25 22.46 ? 103 LYS A CB  1 
ATOM   524  C  CG  A LYS A 1 64  ? -4.871  9.798   -20.397 0.25 24.52 ? 103 LYS A CG  1 
ATOM   525  C  CG  B LYS A 1 64  ? -4.951  10.020  -20.282 0.25 23.11 ? 103 LYS A CG  1 
ATOM   526  C  CD  A LYS A 1 64  ? -4.402  10.771  -21.469 0.25 25.29 ? 103 LYS A CD  1 
ATOM   527  C  CD  B LYS A 1 64  ? -4.514  11.060  -21.296 0.25 23.50 ? 103 LYS A CD  1 
ATOM   528  C  CE  A LYS A 1 64  ? -4.059  10.144  -22.806 0.25 25.95 ? 103 LYS A CE  1 
ATOM   529  C  CE  B LYS A 1 64  ? -4.687  10.613  -22.732 0.25 23.62 ? 103 LYS A CE  1 
ATOM   530  N  NZ  A LYS A 1 64  ? -5.168  9.331   -23.351 0.25 26.52 ? 103 LYS A NZ  1 
ATOM   531  N  NZ  B LYS A 1 64  ? -3.985  11.515  -23.677 0.25 23.84 ? 103 LYS A NZ  1 
ATOM   532  N  N   . TYR A 1 65  ? -7.451  10.127  -17.256 1.00 20.98 ? 104 TYR A N   1 
ATOM   533  C  CA  . TYR A 1 65  ? -8.916  10.000  -17.136 1.00 21.07 ? 104 TYR A CA  1 
ATOM   534  C  C   . TYR A 1 65  ? -9.525  10.844  -18.251 1.00 21.05 ? 104 TYR A C   1 
ATOM   535  O  O   . TYR A 1 65  ? -9.355  12.075  -18.227 1.00 22.21 ? 104 TYR A O   1 
ATOM   536  C  CB  . TYR A 1 65  ? -9.338  10.449  -15.738 1.00 21.20 ? 104 TYR A CB  1 
ATOM   537  C  CG  . TYR A 1 65  ? -10.723 10.024  -15.330 1.00 21.59 ? 104 TYR A CG  1 
ATOM   538  C  CD1 . TYR A 1 65  ? -11.019 8.693   -15.100 1.00 21.35 ? 104 TYR A CD1 1 
ATOM   539  C  CD2 . TYR A 1 65  ? -11.740 10.956  -15.170 1.00 22.24 ? 104 TYR A CD2 1 
ATOM   540  C  CE1 . TYR A 1 65  ? -12.287 8.288   -14.715 1.00 22.40 ? 104 TYR A CE1 1 
ATOM   541  C  CE2 . TYR A 1 65  ? -13.012 10.569  -14.773 1.00 21.68 ? 104 TYR A CE2 1 
ATOM   542  C  CZ  . TYR A 1 65  ? -13.288 9.232   -14.551 1.00 23.07 ? 104 TYR A CZ  1 
ATOM   543  O  OH  . TYR A 1 65  ? -14.542 8.844   -14.171 1.00 23.78 ? 104 TYR A OH  1 
ATOM   544  N  N   . VAL A 1 66  ? -10.137 10.179  -19.225 1.00 20.43 ? 105 VAL A N   1 
ATOM   545  C  CA  . VAL A 1 66  ? -10.664 10.820  -20.463 1.00 21.39 ? 105 VAL A CA  1 
ATOM   546  C  C   . VAL A 1 66  ? -12.099 10.342  -20.660 1.00 20.25 ? 105 VAL A C   1 
ATOM   547  O  O   . VAL A 1 66  ? -12.310 9.125   -20.714 1.00 20.31 ? 105 VAL A O   1 
ATOM   548  C  CB  . VAL A 1 66  ? -9.781  10.496  -21.681 1.00 21.81 ? 105 VAL A CB  1 
ATOM   549  C  CG1 . VAL A 1 66  ? -10.342 11.099  -22.965 1.00 22.38 ? 105 VAL A CG1 1 
ATOM   550  C  CG2 . VAL A 1 66  ? -8.346  10.947  -21.457 1.00 22.32 ? 105 VAL A CG2 1 
ATOM   551  N  N   . ASN A 1 67  ? -13.041 11.277  -20.748 1.00 21.98 ? 106 ASN A N   1 
ATOM   552  C  CA  . ASN A 1 67  ? -14.470 10.973  -21.029 1.00 22.54 ? 106 ASN A CA  1 
ATOM   553  C  C   . ASN A 1 67  ? -14.973 9.937   -20.017 1.00 22.41 ? 106 ASN A C   1 
ATOM   554  O  O   . ASN A 1 67  ? -15.722 9.026   -20.424 1.00 22.46 ? 106 ASN A O   1 
ATOM   555  C  CB  . ASN A 1 67  ? -14.645 10.524  -22.480 1.00 23.49 ? 106 ASN A CB  1 
ATOM   556  C  CG  . ASN A 1 67  ? -14.180 11.568  -23.472 1.00 24.35 ? 106 ASN A CG  1 
ATOM   557  O  OD1 . ASN A 1 67  ? -14.208 12.763  -23.183 1.00 26.29 ? 106 ASN A OD1 1 
ATOM   558  N  ND2 . ASN A 1 67  ? -13.740 11.127  -24.641 1.00 25.50 ? 106 ASN A ND2 1 
ATOM   559  N  N   . GLY A 1 68  ? -14.569 10.083  -18.748 1.00 25.05 ? 107 GLY A N   1 
ATOM   560  C  CA  . GLY A 1 68  ? -15.032 9.263   -17.610 1.00 25.89 ? 107 GLY A CA  1 
ATOM   561  C  C   . GLY A 1 68  ? -14.462 7.853   -17.608 1.00 26.72 ? 107 GLY A C   1 
ATOM   562  O  O   . GLY A 1 68  ? -15.084 6.967   -16.973 1.00 29.59 ? 107 GLY A O   1 
ATOM   563  N  N   . GLU A 1 69  ? -13.328 7.635   -18.285 1.00 27.04 ? 108 GLU A N   1 
ATOM   564  C  CA  . GLU A 1 69  ? -12.633 6.320   -18.365 1.00 28.38 ? 108 GLU A CA  1 
ATOM   565  C  C   . GLU A 1 69  ? -11.142 6.529   -18.112 1.00 25.12 ? 108 GLU A C   1 
ATOM   566  O  O   . GLU A 1 69  ? -10.576 7.498   -18.647 1.00 24.39 ? 108 GLU A O   1 
ATOM   567  C  CB  . GLU A 1 69  ? -12.748 5.668   -19.748 1.00 31.66 ? 108 GLU A CB  1 
ATOM   568  C  CG  . GLU A 1 69  ? -14.050 5.929   -20.464 1.00 36.54 ? 108 GLU A CG  1 
ATOM   569  C  CD  . GLU A 1 69  ? -15.270 5.524   -19.663 1.00 39.27 ? 108 GLU A CD  1 
ATOM   570  O  OE1 . GLU A 1 69  ? -15.104 4.767   -18.678 1.00 43.45 ? 108 GLU A OE1 1 
ATOM   571  O  OE2 . GLU A 1 69  ? -16.373 5.980   -20.012 1.00 38.96 ? 108 GLU A OE2 1 
ATOM   572  N  N   . TRP A 1 70  ? -10.521 5.625   -17.360 1.00 22.89 ? 109 TRP A N   1 
ATOM   573  C  CA  . TRP A 1 70  ? -9.043  5.554   -17.296 1.00 22.28 ? 109 TRP A CA  1 
ATOM   574  C  C   . TRP A 1 70  ? -8.521  4.850   -18.547 1.00 22.52 ? 109 TRP A C   1 
ATOM   575  O  O   . TRP A 1 70  ? -8.997  3.745   -18.852 1.00 23.65 ? 109 TRP A O   1 
ATOM   576  C  CB  . TRP A 1 70  ? -8.587  4.849   -16.025 1.00 21.23 ? 109 TRP A CB  1 
ATOM   577  C  CG  . TRP A 1 70  ? -8.751  5.688   -14.803 1.00 21.23 ? 109 TRP A CG  1 
ATOM   578  C  CD1 . TRP A 1 70  ? -9.754  5.619   -13.881 1.00 21.91 ? 109 TRP A CD1 1 
ATOM   579  C  CD2 . TRP A 1 70  ? -7.874  6.740   -14.372 1.00 20.41 ? 109 TRP A CD2 1 
ATOM   580  N  NE1 . TRP A 1 70  ? -9.541  6.544   -12.898 1.00 21.33 ? 109 TRP A NE1 1 
ATOM   581  C  CE2 . TRP A 1 70  ? -8.399  7.245   -13.169 1.00 21.12 ? 109 TRP A CE2 1 
ATOM   582  C  CE3 . TRP A 1 70  ? -6.695  7.296   -14.880 1.00 20.07 ? 109 TRP A CE3 1 
ATOM   583  C  CZ2 . TRP A 1 70  ? -7.773  8.271   -12.467 1.00 21.57 ? 109 TRP A CZ2 1 
ATOM   584  C  CZ3 . TRP A 1 70  ? -6.073  8.306   -14.184 1.00 21.08 ? 109 TRP A CZ3 1 
ATOM   585  C  CH2 . TRP A 1 70  ? -6.611  8.789   -12.989 1.00 22.12 ? 109 TRP A CH2 1 
ATOM   586  N  N   . VAL A 1 71  ? -7.593  5.492   -19.253 1.00 20.94 ? 110 VAL A N   1 
ATOM   587  C  CA  . VAL A 1 71  ? -6.972  4.935   -20.485 1.00 21.95 ? 110 VAL A CA  1 
ATOM   588  C  C   . VAL A 1 71  ? -5.465  5.119   -20.390 1.00 20.24 ? 110 VAL A C   1 
ATOM   589  O  O   . VAL A 1 71  ? -4.968  5.985   -19.669 1.00 18.92 ? 110 VAL A O   1 
ATOM   590  C  CB  . VAL A 1 71  ? -7.539  5.600   -21.750 1.00 22.08 ? 110 VAL A CB  1 
ATOM   591  C  CG1 . VAL A 1 71  ? -9.022  5.320   -21.902 1.00 23.21 ? 110 VAL A CG1 1 
ATOM   592  C  CG2 . VAL A 1 71  ? -7.261  7.094   -21.761 1.00 22.37 ? 110 VAL A CG2 1 
ATOM   593  N  N   . PRO A 1 72  ? -4.679  4.290   -21.107 1.00 21.69 ? 111 PRO A N   1 
ATOM   594  C  CA  . PRO A 1 72  ? -3.246  4.541   -21.238 1.00 21.83 ? 111 PRO A CA  1 
ATOM   595  C  C   . PRO A 1 72  ? -2.954  6.000   -21.626 1.00 22.62 ? 111 PRO A C   1 
ATOM   596  O  O   . PRO A 1 72  ? -3.580  6.505   -22.554 1.00 22.83 ? 111 PRO A O   1 
ATOM   597  C  CB  . PRO A 1 72  ? -2.841  3.531   -22.321 1.00 21.79 ? 111 PRO A CB  1 
ATOM   598  C  CG  . PRO A 1 72  ? -3.800  2.374   -22.113 1.00 22.03 ? 111 PRO A CG  1 
ATOM   599  C  CD  . PRO A 1 72  ? -5.108  3.048   -21.764 1.00 22.56 ? 111 PRO A CD  1 
ATOM   600  N  N   . GLY A 1 73  ? -2.023  6.631   -20.905 1.00 22.48 ? 112 GLY A N   1 
ATOM   601  C  CA  . GLY A 1 73  ? -1.820  8.094   -20.874 1.00 24.52 ? 112 GLY A CA  1 
ATOM   602  C  C   . GLY A 1 73  ? -0.437  8.525   -21.325 1.00 25.60 ? 112 GLY A C   1 
ATOM   603  O  O   . GLY A 1 73  ? -0.134  9.730   -21.237 1.00 27.87 ? 112 GLY A O   1 
ATOM   604  N  N   . GLY A 1 74  ? 0.383   7.589   -21.793 1.00 25.72 ? 113 GLY A N   1 
ATOM   605  C  CA  . GLY A 1 74  ? 1.727   7.897   -22.309 1.00 27.71 ? 113 GLY A CA  1 
ATOM   606  C  C   . GLY A 1 74  ? 2.792   7.033   -21.669 1.00 29.61 ? 113 GLY A C   1 
ATOM   607  O  O   . GLY A 1 74  ? 2.447   6.105   -20.902 1.00 27.83 ? 113 GLY A O   1 
ATOM   608  N  N   . LYS A 1 75  ? 4.055   7.315   -21.985 1.00 32.05 ? 114 LYS A N   1 
ATOM   609  C  CA  . LYS A 1 75  ? 5.194   6.548   -21.434 1.00 34.73 ? 114 LYS A CA  1 
ATOM   610  C  C   . LYS A 1 75  ? 5.331   6.932   -19.965 1.00 35.11 ? 114 LYS A C   1 
ATOM   611  O  O   . LYS A 1 75  ? 4.903   8.007   -19.543 1.00 35.26 ? 114 LYS A O   1 
ATOM   612  C  CB  . LYS A 1 75  ? 6.455   6.747   -22.282 1.00 37.85 ? 114 LYS A CB  1 
ATOM   613  C  CG  . LYS A 1 75  ? 6.517   5.860   -23.524 1.00 38.25 ? 114 LYS A CG  1 
ATOM   614  C  CD  . LYS A 1 75  ? 7.905   5.680   -24.107 1.00 39.94 ? 114 LYS A CD  1 
ATOM   615  C  CE  . LYS A 1 75  ? 8.006   4.497   -25.050 1.00 40.95 ? 114 LYS A CE  1 
ATOM   616  N  NZ  . LYS A 1 75  ? 9.383   3.948   -25.122 1.00 44.54 ? 114 LYS A NZ  1 
ATOM   617  N  N   . PRO A 1 76  ? 5.901   6.039   -19.135 1.00 35.10 ? 115 PRO A N   1 
ATOM   618  C  CA  . PRO A 1 76  ? 5.992   6.286   -17.701 1.00 34.84 ? 115 PRO A CA  1 
ATOM   619  C  C   . PRO A 1 76  ? 7.124   7.275   -17.399 1.00 36.23 ? 115 PRO A C   1 
ATOM   620  O  O   . PRO A 1 76  ? 8.027   7.428   -18.214 1.00 34.77 ? 115 PRO A O   1 
ATOM   621  C  CB  . PRO A 1 76  ? 6.293   4.886   -17.158 1.00 35.05 ? 115 PRO A CB  1 
ATOM   622  C  CG  . PRO A 1 76  ? 7.156   4.275   -18.238 1.00 35.25 ? 115 PRO A CG  1 
ATOM   623  C  CD  . PRO A 1 76  ? 6.549   4.779   -19.531 1.00 35.34 ? 115 PRO A CD  1 
ATOM   624  N  N   . GLU A 1 77  ? 7.035   7.938   -16.250 1.00 35.09 ? 116 GLU A N   1 
ATOM   625  C  CA  . GLU A 1 77  ? 8.176   8.652   -15.635 1.00 35.15 ? 116 GLU A CA  1 
ATOM   626  C  C   . GLU A 1 77  ? 9.139   7.585   -15.121 1.00 35.16 ? 116 GLU A C   1 
ATOM   627  O  O   . GLU A 1 77  ? 8.730   6.456   -14.838 1.00 33.33 ? 116 GLU A O   1 
ATOM   628  C  CB  . GLU A 1 77  ? 7.676   9.613   -14.555 1.00 38.29 ? 116 GLU A CB  1 
ATOM   629  C  CG  . GLU A 1 77  ? 6.731   10.677  -15.090 1.00 40.83 ? 116 GLU A CG  1 
ATOM   630  C  CD  . GLU A 1 77  ? 6.110   11.579  -14.039 1.00 44.52 ? 116 GLU A CD  1 
ATOM   631  O  OE1 . GLU A 1 77  ? 6.665   11.662  -12.925 1.00 47.64 ? 116 GLU A OE1 1 
ATOM   632  O  OE2 . GLU A 1 77  ? 5.073   12.203  -14.341 1.00 49.36 ? 116 GLU A OE2 1 
ATOM   633  N  N   . PRO A 1 78  ? 10.456  7.877   -15.034 1.00 33.87 ? 117 PRO A N   1 
ATOM   634  C  CA  . PRO A 1 78  ? 11.401  6.946   -14.418 1.00 34.71 ? 117 PRO A CA  1 
ATOM   635  C  C   . PRO A 1 78  ? 10.878  6.497   -13.043 1.00 34.93 ? 117 PRO A C   1 
ATOM   636  O  O   . PRO A 1 78  ? 10.253  7.301   -12.374 1.00 32.39 ? 117 PRO A O   1 
ATOM   637  C  CB  . PRO A 1 78  ? 12.690  7.771   -14.313 1.00 34.89 ? 117 PRO A CB  1 
ATOM   638  C  CG  . PRO A 1 78  ? 12.583  8.768   -15.453 1.00 34.96 ? 117 PRO A CG  1 
ATOM   639  C  CD  . PRO A 1 78  ? 11.106  9.098   -15.533 1.00 35.26 ? 117 PRO A CD  1 
ATOM   640  N  N   . GLN A 1 79  ? 11.110  5.232   -12.682 1.00 36.98 ? 118 GLN A N   1 
ATOM   641  C  CA  . GLN A 1 79  ? 10.592  4.613   -11.432 1.00 41.07 ? 118 GLN A CA  1 
ATOM   642  C  C   . GLN A 1 79  ? 10.872  5.533   -10.241 1.00 41.25 ? 118 GLN A C   1 
ATOM   643  O  O   . GLN A 1 79  ? 12.019  6.002   -10.113 1.00 40.28 ? 118 GLN A O   1 
ATOM   644  C  CB  . GLN A 1 79  ? 11.226  3.242   -11.194 1.00 44.14 ? 118 GLN A CB  1 
ATOM   645  C  CG  . GLN A 1 79  ? 10.525  2.115   -11.940 1.00 47.98 ? 118 GLN A CG  1 
ATOM   646  C  CD  . GLN A 1 79  ? 10.388  0.880   -11.084 1.00 49.98 ? 118 GLN A CD  1 
ATOM   647  O  OE1 . GLN A 1 79  ? 11.349  0.416   -10.472 1.00 51.31 ? 118 GLN A OE1 1 
ATOM   648  N  NE2 . GLN A 1 79  ? 9.178   0.344   -11.029 1.00 50.55 ? 118 GLN A NE2 1 
ATOM   649  N  N   . ALA A 1 80  ? 9.852   5.775   -9.409  1.00 41.71 ? 119 ALA A N   1 
ATOM   650  C  CA  . ALA A 1 80  ? 9.971   6.449   -8.095  1.00 42.22 ? 119 ALA A CA  1 
ATOM   651  C  C   . ALA A 1 80  ? 11.081  5.764   -7.301  1.00 44.26 ? 119 ALA A C   1 
ATOM   652  O  O   . ALA A 1 80  ? 11.298  4.562   -7.454  1.00 42.32 ? 119 ALA A O   1 
ATOM   653  C  CB  . ALA A 1 80  ? 8.651   6.394   -7.361  1.00 41.93 ? 119 ALA A CB  1 
ATOM   654  N  N   . PRO A 1 81  ? 11.843  6.492   -6.451  1.00 46.97 ? 120 PRO A N   1 
ATOM   655  C  CA  . PRO A 1 81  ? 12.874  5.857   -5.632  1.00 48.47 ? 120 PRO A CA  1 
ATOM   656  C  C   . PRO A 1 81  ? 12.240  4.811   -4.703  1.00 48.81 ? 120 PRO A C   1 
ATOM   657  O  O   . PRO A 1 81  ? 11.139  5.042   -4.219  1.00 48.21 ? 120 PRO A O   1 
ATOM   658  C  CB  . PRO A 1 81  ? 13.526  7.006   -4.848  1.00 48.50 ? 120 PRO A CB  1 
ATOM   659  C  CG  . PRO A 1 81  ? 12.541  8.154   -4.947  1.00 48.80 ? 120 PRO A CG  1 
ATOM   660  C  CD  . PRO A 1 81  ? 11.767  7.944   -6.235  1.00 48.24 ? 120 PRO A CD  1 
ATOM   661  N  N   . SER A 1 82  ? 12.920  3.676   -4.524  1.00 48.22 ? 121 SER A N   1 
ATOM   662  C  CA  . SER A 1 82  ? 12.481  2.552   -3.658  1.00 47.75 ? 121 SER A CA  1 
ATOM   663  C  C   . SER A 1 82  ? 12.297  3.068   -2.227  1.00 44.05 ? 121 SER A C   1 
ATOM   664  O  O   . SER A 1 82  ? 13.313  3.252   -1.525  1.00 47.95 ? 121 SER A O   1 
ATOM   665  C  CB  . SER A 1 82  ? 13.455  1.403   -3.718  1.00 49.88 ? 121 SER A CB  1 
ATOM   666  O  OG  . SER A 1 82  ? 13.413  0.779   -4.992  1.00 52.16 ? 121 SER A OG  1 
ATOM   667  N  N   . CYS A 1 83  ? 11.051  3.353   -1.844  1.00 37.35 ? 122 CYS A N   1 
ATOM   668  C  CA  . CYS A 1 83  ? 10.657  3.791   -0.481  1.00 33.51 ? 122 CYS A CA  1 
ATOM   669  C  C   . CYS A 1 83  ? 10.006  2.617   0.251   1.00 31.17 ? 122 CYS A C   1 
ATOM   670  O  O   . CYS A 1 83  ? 9.041   2.037   -0.290  1.00 30.42 ? 122 CYS A O   1 
ATOM   671  C  CB  . CYS A 1 83  ? 9.691   4.966   -0.527  1.00 33.11 ? 122 CYS A CB  1 
ATOM   672  S  SG  . CYS A 1 83  ? 10.415  6.466   -1.244  1.00 32.73 ? 122 CYS A SG  1 
ATOM   673  N  N   . VAL A 1 84  ? 10.524  2.274   1.430   1.00 28.93 ? 123 VAL A N   1 
ATOM   674  C  CA  . VAL A 1 84  ? 9.927   1.226   2.303   1.00 27.36 ? 123 VAL A CA  1 
ATOM   675  C  C   . VAL A 1 84  ? 9.461   1.895   3.597   1.00 25.59 ? 123 VAL A C   1 
ATOM   676  O  O   . VAL A 1 84  ? 10.224  2.685   4.179   1.00 27.36 ? 123 VAL A O   1 
ATOM   677  C  CB  . VAL A 1 84  ? 10.911  0.073   2.566   1.00 27.72 ? 123 VAL A CB  1 
ATOM   678  C  CG1 . VAL A 1 84  ? 10.276  -1.011  3.422   1.00 28.88 ? 123 VAL A CG1 1 
ATOM   679  C  CG2 . VAL A 1 84  ? 11.444  -0.518  1.268   1.00 28.45 ? 123 VAL A CG2 1 
ATOM   680  N  N   . TYR A 1 85  ? 8.227   1.613   4.001   1.00 22.24 ? 124 TYR A N   1 
ATOM   681  C  CA  . TYR A 1 85  ? 7.630   2.061   5.279   1.00 21.41 ? 124 TYR A CA  1 
ATOM   682  C  C   . TYR A 1 85  ? 7.747   0.924   6.294   1.00 21.69 ? 124 TYR A C   1 
ATOM   683  O  O   . TYR A 1 85  ? 7.321   -0.202  5.985   1.00 22.52 ? 124 TYR A O   1 
ATOM   684  C  CB  . TYR A 1 85  ? 6.173   2.467   5.071   1.00 21.21 ? 124 TYR A CB  1 
ATOM   685  C  CG  . TYR A 1 85  ? 5.462   2.885   6.331   1.00 21.73 ? 124 TYR A CG  1 
ATOM   686  C  CD1 . TYR A 1 85  ? 5.652   4.145   6.874   1.00 22.86 ? 124 TYR A CD1 1 
ATOM   687  C  CD2 . TYR A 1 85  ? 4.606   2.020   6.986   1.00 21.44 ? 124 TYR A CD2 1 
ATOM   688  C  CE1 . TYR A 1 85  ? 5.004   4.537   8.031   1.00 22.19 ? 124 TYR A CE1 1 
ATOM   689  C  CE2 . TYR A 1 85  ? 3.949   2.396   8.146   1.00 21.95 ? 124 TYR A CE2 1 
ATOM   690  C  CZ  . TYR A 1 85  ? 4.147   3.660   8.668   1.00 22.60 ? 124 TYR A CZ  1 
ATOM   691  O  OH  . TYR A 1 85  ? 3.498   4.025   9.808   1.00 22.60 ? 124 TYR A OH  1 
ATOM   692  N  N   . ILE A 1 86  ? 8.326   1.210   7.460   1.00 21.22 ? 125 ILE A N   1 
ATOM   693  C  CA  . ILE A 1 86  ? 8.456   0.223   8.567   1.00 21.05 ? 125 ILE A CA  1 
ATOM   694  C  C   . ILE A 1 86  ? 7.245   0.423   9.471   1.00 20.18 ? 125 ILE A C   1 
ATOM   695  O  O   . ILE A 1 86  ? 7.067   1.545   9.985   1.00 21.20 ? 125 ILE A O   1 
ATOM   696  C  CB  . ILE A 1 86  ? 9.783   0.388   9.334   1.00 23.07 ? 125 ILE A CB  1 
ATOM   697  C  CG1 . ILE A 1 86  ? 11.005  0.209   8.432   1.00 24.53 ? 125 ILE A CG1 1 
ATOM   698  C  CG2 . ILE A 1 86  ? 9.832   -0.561  10.525  1.00 23.42 ? 125 ILE A CG2 1 
ATOM   699  C  CD1 . ILE A 1 86  ? 12.285  0.761   9.025   1.00 25.62 ? 125 ILE A CD1 1 
ATOM   700  N  N   . HIS A 1 87  ? 6.423   -0.609  9.654   1.00 19.53 ? 126 HIS A N   1 
ATOM   701  C  CA  . HIS A 1 87  ? 5.274   -0.537  10.585  1.00 19.39 ? 126 HIS A CA  1 
ATOM   702  C  C   . HIS A 1 87  ? 5.803   -0.123  11.959  1.00 20.21 ? 126 HIS A C   1 
ATOM   703  O  O   . HIS A 1 87  ? 6.786   -0.683  12.435  1.00 20.17 ? 126 HIS A O   1 
ATOM   704  C  CB  . HIS A 1 87  ? 4.500   -1.856  10.626  1.00 19.21 ? 126 HIS A CB  1 
ATOM   705  C  CG  . HIS A 1 87  ? 3.219   -1.679  11.360  1.00 19.32 ? 126 HIS A CG  1 
ATOM   706  N  ND1 . HIS A 1 87  ? 3.175   -1.563  12.739  1.00 20.61 ? 126 HIS A ND1 1 
ATOM   707  C  CD2 . HIS A 1 87  ? 1.955   -1.526  10.921  1.00 19.52 ? 126 HIS A CD2 1 
ATOM   708  C  CE1 . HIS A 1 87  ? 1.931   -1.378  13.112  1.00 20.74 ? 126 HIS A CE1 1 
ATOM   709  N  NE2 . HIS A 1 87  ? 1.167   -1.348  12.023  1.00 20.55 ? 126 HIS A NE2 1 
ATOM   710  N  N   . PRO A 1 88  ? 5.222   0.907   12.616  1.00 21.11 ? 127 PRO A N   1 
ATOM   711  C  CA  . PRO A 1 88  ? 5.783   1.412   13.870  1.00 22.49 ? 127 PRO A CA  1 
ATOM   712  C  C   . PRO A 1 88  ? 5.855   0.411   15.041  1.00 22.54 ? 127 PRO A C   1 
ATOM   713  O  O   . PRO A 1 88  ? 6.618   0.660   15.957  1.00 23.41 ? 127 PRO A O   1 
ATOM   714  C  CB  . PRO A 1 88  ? 4.880   2.592   14.264  1.00 22.89 ? 127 PRO A CB  1 
ATOM   715  C  CG  . PRO A 1 88  ? 3.684   2.549   13.326  1.00 23.17 ? 127 PRO A CG  1 
ATOM   716  C  CD  . PRO A 1 88  ? 4.066   1.681   12.145  1.00 22.36 ? 127 PRO A CD  1 
ATOM   717  N  N   . ASP A 1 89  ? 5.100   -0.692  14.990  1.00 21.41 ? 128 ASP A N   1 
ATOM   718  C  CA  . ASP A 1 89  ? 5.112   -1.750  16.040  1.00 21.52 ? 128 ASP A CA  1 
ATOM   719  C  C   . ASP A 1 89  ? 6.382   -2.606  15.911  1.00 21.34 ? 128 ASP A C   1 
ATOM   720  O  O   . ASP A 1 89  ? 6.649   -3.402  16.836  1.00 21.56 ? 128 ASP A O   1 
ATOM   721  C  CB  . ASP A 1 89  ? 3.865   -2.639  15.972  1.00 22.47 ? 128 ASP A CB  1 
ATOM   722  C  CG  . ASP A 1 89  ? 2.552   -1.959  16.332  1.00 22.98 ? 128 ASP A CG  1 
ATOM   723  O  OD1 . ASP A 1 89  ? 2.564   -0.730  16.562  1.00 24.95 ? 128 ASP A OD1 1 
ATOM   724  O  OD2 . ASP A 1 89  ? 1.521   -2.660  16.359  1.00 23.46 ? 128 ASP A OD2 1 
ATOM   725  N  N   . SER A 1 90  ? 7.142   -2.463  14.820  1.00 20.63 ? 129 SER A N   1 
ATOM   726  C  CA  . SER A 1 90  ? 8.351   -3.276  14.523  1.00 20.27 ? 129 SER A CA  1 
ATOM   727  C  C   . SER A 1 90  ? 9.497   -2.888  15.458  1.00 20.87 ? 129 SER A C   1 
ATOM   728  O  O   . SER A 1 90  ? 9.621   -1.719  15.816  1.00 22.52 ? 129 SER A O   1 
ATOM   729  C  CB  . SER A 1 90  ? 8.777   -3.110  13.086  1.00 19.61 ? 129 SER A CB  1 
ATOM   730  O  OG  . SER A 1 90  ? 7.711   -3.393  12.194  1.00 19.21 ? 129 SER A OG  1 
ATOM   731  N  N   . PRO A 1 91  ? 10.371  -3.828  15.893  1.00 21.73 ? 130 PRO A N   1 
ATOM   732  C  CA  . PRO A 1 91  ? 10.154  -5.268  15.766  1.00 21.24 ? 130 PRO A CA  1 
ATOM   733  C  C   . PRO A 1 91  ? 9.211   -5.753  16.874  1.00 21.11 ? 130 PRO A C   1 
ATOM   734  O  O   . PRO A 1 91  ? 9.163   -5.138  17.918  1.00 21.42 ? 130 PRO A O   1 
ATOM   735  C  CB  . PRO A 1 91  ? 11.549  -5.868  15.977  1.00 21.95 ? 130 PRO A CB  1 
ATOM   736  C  CG  . PRO A 1 91  ? 12.222  -4.888  16.922  1.00 22.42 ? 130 PRO A CG  1 
ATOM   737  C  CD  . PRO A 1 91  ? 11.646  -3.532  16.566  1.00 22.14 ? 130 PRO A CD  1 
ATOM   738  N  N   . ASN A 1 92  ? 8.489   -6.843  16.640  1.00 21.24 ? 131 ASN A N   1 
ATOM   739  C  CA  . ASN A 1 92  ? 7.547   -7.355  17.663  1.00 20.65 ? 131 ASN A CA  1 
ATOM   740  C  C   . ASN A 1 92  ? 7.349   -8.861  17.519  1.00 20.26 ? 131 ASN A C   1 
ATOM   741  O  O   . ASN A 1 92  ? 7.677   -9.431  16.466  1.00 19.52 ? 131 ASN A O   1 
ATOM   742  C  CB  . ASN A 1 92  ? 6.214   -6.615  17.587  1.00 21.27 ? 131 ASN A CB  1 
ATOM   743  C  CG  . ASN A 1 92  ? 5.721   -6.208  18.955  1.00 22.75 ? 131 ASN A CG  1 
ATOM   744  O  OD1 . ASN A 1 92  ? 5.778   -6.998  19.895  1.00 24.44 ? 131 ASN A OD1 1 
ATOM   745  N  ND2 . ASN A 1 92  ? 5.244   -4.980  19.073  1.00 23.75 ? 131 ASN A ND2 1 
ATOM   746  N  N   . PHE A 1 93  ? 6.818   -9.477  18.567  1.00 20.33 ? 132 PHE A N   1 
ATOM   747  C  CA  . PHE A 1 93  ? 6.576   -10.935 18.622  1.00 20.59 ? 132 PHE A CA  1 
ATOM   748  C  C   . PHE A 1 93  ? 5.528   -11.336 17.585  1.00 20.31 ? 132 PHE A C   1 
ATOM   749  O  O   . PHE A 1 93  ? 4.574   -10.578 17.337  1.00 19.56 ? 132 PHE A O   1 
ATOM   750  C  CB  . PHE A 1 93  ? 6.066   -11.347 19.998  1.00 20.45 ? 132 PHE A CB  1 
ATOM   751  C  CG  . PHE A 1 93  ? 7.065   -11.142 21.105  1.00 21.23 ? 132 PHE A CG  1 
ATOM   752  C  CD1 . PHE A 1 93  ? 8.134   -12.008 21.253  1.00 22.64 ? 132 PHE A CD1 1 
ATOM   753  C  CD2 . PHE A 1 93  ? 6.934   -10.082 21.985  1.00 21.84 ? 132 PHE A CD2 1 
ATOM   754  C  CE1 . PHE A 1 93  ? 9.049   -11.823 22.278  1.00 23.11 ? 132 PHE A CE1 1 
ATOM   755  C  CE2 . PHE A 1 93  ? 7.849   -9.900  23.006  1.00 22.82 ? 132 PHE A CE2 1 
ATOM   756  C  CZ  . PHE A 1 93  ? 8.900   -10.769 23.149  1.00 22.57 ? 132 PHE A CZ  1 
ATOM   757  N  N   . GLY A 1 94  ? 5.674   -12.528 17.011  1.00 19.61 ? 133 GLY A N   1 
ATOM   758  C  CA  . GLY A 1 94  ? 4.606   -13.153 16.212  1.00 19.73 ? 133 GLY A CA  1 
ATOM   759  C  C   . GLY A 1 94  ? 3.266   -12.993 16.908  1.00 19.95 ? 133 GLY A C   1 
ATOM   760  O  O   . GLY A 1 94  ? 2.283   -12.631 16.241  1.00 20.10 ? 133 GLY A O   1 
ATOM   761  N  N   . ALA A 1 95  ? 3.209   -13.220 18.222  1.00 20.34 ? 134 ALA A N   1 
ATOM   762  C  CA  . ALA A 1 95  ? 1.942   -13.185 18.987  1.00 20.25 ? 134 ALA A CA  1 
ATOM   763  C  C   . ALA A 1 95  ? 1.308   -11.794 18.857  1.00 20.98 ? 134 ALA A C   1 
ATOM   764  O  O   . ALA A 1 95  ? 0.075   -11.715 18.770  1.00 20.83 ? 134 ALA A O   1 
ATOM   765  C  CB  . ALA A 1 95  ? 2.181   -13.554 20.431  1.00 20.38 ? 134 ALA A CB  1 
ATOM   766  N  N   . HIS A 1 96  ? 2.127   -10.742 18.839  1.00 20.73 ? 135 HIS A N   1 
ATOM   767  C  CA  . HIS A 1 96  ? 1.664   -9.337  18.702  1.00 20.62 ? 135 HIS A CA  1 
ATOM   768  C  C   . HIS A 1 96  ? 1.001   -9.138  17.338  1.00 20.04 ? 135 HIS A C   1 
ATOM   769  O  O   . HIS A 1 96  ? -0.116  -8.589  17.268  1.00 20.67 ? 135 HIS A O   1 
ATOM   770  C  CB  . HIS A 1 96  ? 2.820   -8.357  18.872  1.00 21.12 ? 135 HIS A CB  1 
ATOM   771  C  CG  . HIS A 1 96  ? 2.411   -6.959  18.588  1.00 21.92 ? 135 HIS A CG  1 
ATOM   772  N  ND1 . HIS A 1 96  ? 1.887   -6.145  19.568  1.00 23.11 ? 135 HIS A ND1 1 
ATOM   773  C  CD2 . HIS A 1 96  ? 2.419   -6.241  17.445  1.00 21.68 ? 135 HIS A CD2 1 
ATOM   774  C  CE1 . HIS A 1 96  ? 1.603   -4.970  19.038  1.00 22.70 ? 135 HIS A CE1 1 
ATOM   775  N  NE2 . HIS A 1 96  ? 1.917   -5.004  17.740  1.00 23.21 ? 135 HIS A NE2 1 
ATOM   776  N  N   . TRP A 1 97  ? 1.678   -9.554  16.274  1.00 18.89 ? 136 TRP A N   1 
ATOM   777  C  CA  . TRP A 1 97  ? 1.181   -9.365  14.893  1.00 18.15 ? 136 TRP A CA  1 
ATOM   778  C  C   . TRP A 1 97  ? -0.098  -10.174 14.668  1.00 18.52 ? 136 TRP A C   1 
ATOM   779  O  O   . TRP A 1 97  ? -0.892  -9.753  13.838  1.00 18.51 ? 136 TRP A O   1 
ATOM   780  C  CB  . TRP A 1 97  ? 2.263   -9.732  13.876  1.00 17.78 ? 136 TRP A CB  1 
ATOM   781  C  CG  . TRP A 1 97  ? 3.527   -8.940  13.996  1.00 18.19 ? 136 TRP A CG  1 
ATOM   782  C  CD1 . TRP A 1 97  ? 4.754   -9.424  14.351  1.00 18.07 ? 136 TRP A CD1 1 
ATOM   783  C  CD2 . TRP A 1 97  ? 3.709   -7.532  13.754  1.00 17.81 ? 136 TRP A CD2 1 
ATOM   784  N  NE1 . TRP A 1 97  ? 5.686   -8.421  14.333  1.00 17.46 ? 136 TRP A NE1 1 
ATOM   785  C  CE2 . TRP A 1 97  ? 5.075   -7.247  13.972  1.00 17.80 ? 136 TRP A CE2 1 
ATOM   786  C  CE3 . TRP A 1 97  ? 2.867   -6.487  13.357  1.00 17.55 ? 136 TRP A CE3 1 
ATOM   787  C  CZ2 . TRP A 1 97  ? 5.611   -5.971  13.805  1.00 17.73 ? 136 TRP A CZ2 1 
ATOM   788  C  CZ3 . TRP A 1 97  ? 3.399   -5.228  13.200  1.00 17.70 ? 136 TRP A CZ3 1 
ATOM   789  C  CH2 . TRP A 1 97  ? 4.751   -4.974  13.411  1.00 17.86 ? 136 TRP A CH2 1 
ATOM   790  N  N   . MET A 1 98  ? -0.283  -11.304 15.362  1.00 19.06 ? 137 MET A N   1 
ATOM   791  C  CA  . MET A 1 98  ? -1.399  -12.246 15.084  1.00 20.32 ? 137 MET A CA  1 
ATOM   792  C  C   . MET A 1 98  ? -2.620  -11.978 15.974  1.00 21.10 ? 137 MET A C   1 
ATOM   793  O  O   . MET A 1 98  ? -3.683  -12.511 15.645  1.00 23.74 ? 137 MET A O   1 
ATOM   794  C  CB  . MET A 1 98  ? -0.934  -13.691 15.277  1.00 20.03 ? 137 MET A CB  1 
ATOM   795  C  CG  . MET A 1 98  ? 0.130   -14.083 14.282  1.00 20.65 ? 137 MET A CG  1 
ATOM   796  S  SD  . MET A 1 98  ? 0.492   -15.855 14.256  1.00 21.22 ? 137 MET A SD  1 
ATOM   797  C  CE  . MET A 1 98  ? 1.436   -16.043 15.768  1.00 21.52 ? 137 MET A CE  1 
ATOM   798  N  N   . LYS A 1 99  ? -2.493  -11.196 17.049  1.00 22.39 ? 138 LYS A N   1 
ATOM   799  C  CA  . LYS A 1 99  ? -3.570  -11.072 18.068  1.00 23.97 ? 138 LYS A CA  1 
ATOM   800  C  C   . LYS A 1 99  ? -4.673  -10.147 17.558  1.00 24.10 ? 138 LYS A C   1 
ATOM   801  O  O   . LYS A 1 99  ? -5.791  -10.217 18.086  1.00 26.16 ? 138 LYS A O   1 
ATOM   802  C  CB  . LYS A 1 99  ? -3.020  -10.548 19.392  1.00 25.94 ? 138 LYS A CB  1 
ATOM   803  C  CG  . LYS A 1 99  ? -2.636  -9.079  19.396  1.00 27.66 ? 138 LYS A CG  1 
ATOM   804  C  CD  . LYS A 1 99  ? -1.994  -8.675  20.689  1.00 29.82 ? 138 LYS A CD  1 
ATOM   805  C  CE  . LYS A 1 99  ? -1.186  -7.402  20.600  1.00 33.06 ? 138 LYS A CE  1 
ATOM   806  N  NZ  . LYS A 1 99  ? -0.455  -7.145  21.865  1.00 35.29 ? 138 LYS A NZ  1 
ATOM   807  N  N   . ALA A 1 100 ? -4.356  -9.289  16.593  1.00 22.44 ? 139 ALA A N   1 
ATOM   808  C  CA  . ALA A 1 100 ? -5.299  -8.300  16.030  1.00 22.95 ? 139 ALA A CA  1 
ATOM   809  C  C   . ALA A 1 100 ? -4.773  -7.846  14.681  1.00 22.29 ? 139 ALA A C   1 
ATOM   810  O  O   . ALA A 1 100 ? -3.573  -7.910  14.427  1.00 21.22 ? 139 ALA A O   1 
ATOM   811  C  CB  . ALA A 1 100 ? -5.463  -7.133  16.970  1.00 23.67 ? 139 ALA A CB  1 
ATOM   812  N  N   . PRO A 1 101 ? -5.653  -7.395  13.766  1.00 22.45 ? 140 PRO A N   1 
ATOM   813  C  CA  . PRO A 1 101 ? -5.206  -6.958  12.445  1.00 21.69 ? 140 PRO A CA  1 
ATOM   814  C  C   . PRO A 1 101 ? -4.101  -5.897  12.527  1.00 20.50 ? 140 PRO A C   1 
ATOM   815  O  O   . PRO A 1 101 ? -4.117  -5.061  13.420  1.00 21.80 ? 140 PRO A O   1 
ATOM   816  C  CB  . PRO A 1 101 ? -6.479  -6.398  11.806  1.00 22.30 ? 140 PRO A CB  1 
ATOM   817  C  CG  . PRO A 1 101 ? -7.589  -7.176  12.480  1.00 23.59 ? 140 PRO A CG  1 
ATOM   818  C  CD  . PRO A 1 101 ? -7.116  -7.346  13.910  1.00 22.92 ? 140 PRO A CD  1 
ATOM   819  N  N   . VAL A 1 102 ? -3.154  -5.989  11.602  1.00 19.57 ? 141 VAL A N   1 
ATOM   820  C  CA  . VAL A 1 102 ? -1.993  -5.068  11.447  1.00 20.32 ? 141 VAL A CA  1 
ATOM   821  C  C   . VAL A 1 102 ? -2.444  -3.959  10.496  1.00 20.42 ? 141 VAL A C   1 
ATOM   822  O  O   . VAL A 1 102 ? -2.734  -4.245  9.318   1.00 20.57 ? 141 VAL A O   1 
ATOM   823  C  CB  . VAL A 1 102 ? -0.768  -5.824  10.906  1.00 20.62 ? 141 VAL A CB  1 
ATOM   824  C  CG1 . VAL A 1 102 ? 0.443   -4.917  10.788  1.00 21.10 ? 141 VAL A CG1 1 
ATOM   825  C  CG2 . VAL A 1 102 ? -0.453  -7.048  11.759  1.00 20.31 ? 141 VAL A CG2 1 
ATOM   826  N  N   A SER A 1 103 ? -2.488  -2.726  11.011  0.25 20.36 ? 142 SER A N   1 
ATOM   827  N  N   B SER A 1 103 ? -2.502  -2.719  10.986  0.25 20.57 ? 142 SER A N   1 
ATOM   828  C  CA  A SER A 1 103 ? -3.001  -1.513  10.323  0.25 20.41 ? 142 SER A CA  1 
ATOM   829  C  CA  B SER A 1 103 ? -3.048  -1.552  10.244  0.25 20.66 ? 142 SER A CA  1 
ATOM   830  C  C   A SER A 1 103 ? -1.836  -0.608  9.915   0.25 20.17 ? 142 SER A C   1 
ATOM   831  C  C   B SER A 1 103 ? -1.929  -0.553  9.926   0.25 20.36 ? 142 SER A C   1 
ATOM   832  O  O   A SER A 1 103 ? -1.008  -0.294  10.786  0.25 20.43 ? 142 SER A O   1 
ATOM   833  O  O   B SER A 1 103 ? -1.243  -0.117  10.864  0.25 20.49 ? 142 SER A O   1 
ATOM   834  C  CB  A SER A 1 103 ? -3.959  -0.768  11.212  0.25 20.76 ? 142 SER A CB  1 
ATOM   835  C  CB  B SER A 1 103 ? -4.166  -0.904  11.015  0.25 21.32 ? 142 SER A CB  1 
ATOM   836  O  OG  A SER A 1 103 ? -4.087  0.581   10.787  0.25 20.89 ? 142 SER A OG  1 
ATOM   837  O  OG  B SER A 1 103 ? -5.280  -1.780  11.115  0.25 21.67 ? 142 SER A OG  1 
ATOM   838  N  N   . PHE A 1 104 ? -1.791  -0.193  8.647   1.00 19.87 ? 143 PHE A N   1 
ATOM   839  C  CA  . PHE A 1 104 ? -0.784  0.781   8.152   1.00 20.05 ? 143 PHE A CA  1 
ATOM   840  C  C   . PHE A 1 104 ? -1.439  2.163   8.063   1.00 21.12 ? 143 PHE A C   1 
ATOM   841  O  O   . PHE A 1 104 ? -1.348  2.815   7.011   1.00 21.00 ? 143 PHE A O   1 
ATOM   842  C  CB  . PHE A 1 104 ? -0.211  0.284   6.824   1.00 19.90 ? 143 PHE A CB  1 
ATOM   843  C  CG  . PHE A 1 104 ? 0.659   -0.935  6.968   1.00 20.69 ? 143 PHE A CG  1 
ATOM   844  C  CD1 . PHE A 1 104 ? 2.033   -0.804  7.078   1.00 20.68 ? 143 PHE A CD1 1 
ATOM   845  C  CD2 . PHE A 1 104 ? 0.101   -2.203  7.049   1.00 21.00 ? 143 PHE A CD2 1 
ATOM   846  C  CE1 . PHE A 1 104 ? 2.839   -1.921  7.218   1.00 20.59 ? 143 PHE A CE1 1 
ATOM   847  C  CE2 . PHE A 1 104 ? 0.908   -3.322  7.184   1.00 21.46 ? 143 PHE A CE2 1 
ATOM   848  C  CZ  . PHE A 1 104 ? 2.273   -3.178  7.286   1.00 21.22 ? 143 PHE A CZ  1 
ATOM   849  N  N   . SER A 1 105 ? -2.070  2.616   9.147   1.00 22.03 ? 144 SER A N   1 
ATOM   850  C  CA  . SER A 1 105 ? -2.933  3.826   9.149   1.00 23.72 ? 144 SER A CA  1 
ATOM   851  C  C   . SER A 1 105 ? -2.105  5.103   8.946   1.00 24.99 ? 144 SER A C   1 
ATOM   852  O  O   . SER A 1 105 ? -2.674  6.085   8.428   1.00 25.99 ? 144 SER A O   1 
ATOM   853  C  CB  . SER A 1 105 ? -3.756  3.904   10.408  1.00 25.07 ? 144 SER A CB  1 
ATOM   854  O  OG  . SER A 1 105 ? -2.914  3.989   11.536  1.00 27.50 ? 144 SER A OG  1 
ATOM   855  N  N   . LYS A 1 106 ? -0.821  5.105   9.318   1.00 24.11 ? 145 LYS A N   1 
ATOM   856  C  CA  . LYS A 1 106 ? -0.006  6.350   9.412   1.00 25.15 ? 145 LYS A CA  1 
ATOM   857  C  C   . LYS A 1 106 ? 0.868   6.565   8.173   1.00 25.31 ? 145 LYS A C   1 
ATOM   858  O  O   . LYS A 1 106 ? 1.460   7.659   8.068   1.00 24.30 ? 145 LYS A O   1 
ATOM   859  C  CB  . LYS A 1 106 ? 0.884   6.319   10.657  1.00 27.30 ? 145 LYS A CB  1 
ATOM   860  C  CG  . LYS A 1 106 ? 0.138   6.110   11.967  1.00 30.61 ? 145 LYS A CG  1 
ATOM   861  C  CD  . LYS A 1 106 ? -0.858  7.204   12.273  1.00 34.68 ? 145 LYS A CD  1 
ATOM   862  C  CE  . LYS A 1 106 ? -1.190  7.305   13.748  1.00 37.59 ? 145 LYS A CE  1 
ATOM   863  N  NZ  . LYS A 1 106 ? -1.975  8.527   14.044  1.00 40.00 ? 145 LYS A NZ  1 
ATOM   864  N  N   . VAL A 1 107 ? 0.987   5.583   7.276   1.00 22.51 ? 146 VAL A N   1 
ATOM   865  C  CA  . VAL A 1 107 ? 1.817   5.756   6.048   1.00 22.59 ? 146 VAL A CA  1 
ATOM   866  C  C   . VAL A 1 107 ? 1.248   6.929   5.232   1.00 21.69 ? 146 VAL A C   1 
ATOM   867  O  O   . VAL A 1 107 ? 0.011   7.066   5.133   1.00 21.21 ? 146 VAL A O   1 
ATOM   868  C  CB  . VAL A 1 107 ? 1.944   4.459   5.222   1.00 23.06 ? 146 VAL A CB  1 
ATOM   869  C  CG1 . VAL A 1 107 ? 0.614   3.996   4.636   1.00 23.05 ? 146 VAL A CG1 1 
ATOM   870  C  CG2 . VAL A 1 107 ? 2.998   4.624   4.135   1.00 23.20 ? 146 VAL A CG2 1 
ATOM   871  N  N   . LYS A 1 108 ? 2.132   7.799   4.737   1.00 22.34 ? 147 LYS A N   1 
ATOM   872  C  CA  . LYS A 1 108 ? 1.769   8.975   3.907   1.00 22.66 ? 147 LYS A CA  1 
ATOM   873  C  C   . LYS A 1 108 ? 2.358   8.809   2.504   1.00 22.23 ? 147 LYS A C   1 
ATOM   874  O  O   . LYS A 1 108 ? 3.544   8.439   2.376   1.00 22.65 ? 147 LYS A O   1 
ATOM   875  C  CB  . LYS A 1 108 ? 2.262   10.267  4.567   1.00 24.01 ? 147 LYS A CB  1 
ATOM   876  C  CG  . LYS A 1 108 ? 1.422   10.747  5.738   1.00 26.05 ? 147 LYS A CG  1 
ATOM   877  C  CD  . LYS A 1 108 ? 1.915   12.059  6.314   1.00 28.61 ? 147 LYS A CD  1 
ATOM   878  C  CE  . LYS A 1 108 ? 1.151   12.477  7.549   1.00 30.47 ? 147 LYS A CE  1 
ATOM   879  N  NZ  . LYS A 1 108 ? 1.637   13.771  8.078   1.00 32.80 ? 147 LYS A NZ  1 
ATOM   880  N  N   . LEU A 1 109 ? 1.543   9.105   1.492   1.00 22.05 ? 148 LEU A N   1 
ATOM   881  C  CA  . LEU A 1 109 ? 1.946   9.061   0.067   1.00 21.90 ? 148 LEU A CA  1 
ATOM   882  C  C   . LEU A 1 109 ? 2.255   10.488  -0.383  1.00 21.85 ? 148 LEU A C   1 
ATOM   883  O  O   . LEU A 1 109 ? 1.444   11.376  -0.102  1.00 23.32 ? 148 LEU A O   1 
ATOM   884  C  CB  . LEU A 1 109 ? 0.809   8.446   -0.748  1.00 21.45 ? 148 LEU A CB  1 
ATOM   885  C  CG  . LEU A 1 109 ? 0.324   7.074   -0.285  1.00 21.46 ? 148 LEU A CG  1 
ATOM   886  C  CD1 . LEU A 1 109 ? -0.706  6.536   -1.271  1.00 21.21 ? 148 LEU A CD1 1 
ATOM   887  C  CD2 . LEU A 1 109 ? 1.478   6.093   -0.115  1.00 21.94 ? 148 LEU A CD2 1 
ATOM   888  N  N   . THR A 1 110 ? 3.391   10.678  -1.049  1.00 23.44 ? 149 THR A N   1 
ATOM   889  C  CA  . THR A 1 110 ? 3.907   12.016  -1.436  1.00 23.85 ? 149 THR A CA  1 
ATOM   890  C  C   . THR A 1 110 ? 4.397   12.007  -2.885  1.00 24.56 ? 149 THR A C   1 
ATOM   891  O  O   . THR A 1 110 ? 4.672   10.926  -3.427  1.00 22.84 ? 149 THR A O   1 
ATOM   892  C  CB  . THR A 1 110 ? 5.024   12.464  -0.488  1.00 25.41 ? 149 THR A CB  1 
ATOM   893  O  OG1 . THR A 1 110 ? 5.302   13.831  -0.780  1.00 25.72 ? 149 THR A OG1 1 
ATOM   894  C  CG2 . THR A 1 110 ? 6.285   11.637  -0.610  1.00 25.12 ? 149 THR A CG2 1 
ATOM   895  N  N   . ASN A 1 111 ? 4.517   13.199  -3.468  1.00 27.23 ? 150 ASN A N   1 
ATOM   896  C  CA  . ASN A 1 111 ? 5.131   13.422  -4.805  1.00 31.13 ? 150 ASN A CA  1 
ATOM   897  C  C   . ASN A 1 111 ? 6.357   14.334  -4.653  1.00 35.82 ? 150 ASN A C   1 
ATOM   898  O  O   . ASN A 1 111 ? 6.801   14.905  -5.672  1.00 37.51 ? 150 ASN A O   1 
ATOM   899  C  CB  . ASN A 1 111 ? 4.106   13.943  -5.816  1.00 31.21 ? 150 ASN A CB  1 
ATOM   900  C  CG  . ASN A 1 111 ? 3.485   15.282  -5.472  1.00 30.99 ? 150 ASN A CG  1 
ATOM   901  O  OD1 . ASN A 1 111 ? 2.760   15.845  -6.289  1.00 33.43 ? 150 ASN A OD1 1 
ATOM   902  N  ND2 . ASN A 1 111 ? 3.744   15.799  -4.283  1.00 30.70 ? 150 ASN A ND2 1 
ATOM   903  N  N   . LYS A 1 112 ? 6.898   14.440  -3.435  1.00 39.65 ? 151 LYS A N   1 
ATOM   904  C  CA  . LYS A 1 112 ? 8.106   15.249  -3.120  1.00 45.50 ? 151 LYS A CA  1 
ATOM   905  C  C   . LYS A 1 112 ? 8.951   14.520  -2.069  1.00 49.01 ? 151 LYS A C   1 
ATOM   906  O  O   . LYS A 1 112 ? 8.419   14.224  -0.980  1.00 46.12 ? 151 LYS A O   1 
ATOM   907  C  CB  . LYS A 1 112 ? 7.702   16.644  -2.631  1.00 48.76 ? 151 LYS A CB  1 
ATOM   908  C  CG  . LYS A 1 112 ? 7.609   17.715  -3.714  1.00 53.24 ? 151 LYS A CG  1 
ATOM   909  C  CD  . LYS A 1 112 ? 8.959   18.270  -4.147  1.00 55.70 ? 151 LYS A CD  1 
ATOM   910  C  CE  . LYS A 1 112 ? 8.889   19.696  -4.659  1.00 57.99 ? 151 LYS A CE  1 
ATOM   911  N  NZ  . LYS A 1 112 ? 8.132   19.798  -5.930  1.00 59.53 ? 151 LYS A NZ  1 
ATOM   912  N  N   . LEU A 1 113 ? 10.208  14.226  -2.417  1.00 54.82 ? 152 LEU A N   1 
ATOM   913  C  CA  . LEU A 1 113 ? 11.283  13.750  -1.500  1.00 60.66 ? 152 LEU A CA  1 
ATOM   914  C  C   . LEU A 1 113 ? 11.557  14.785  -0.393  1.00 61.73 ? 152 LEU A C   1 
ATOM   915  O  O   . LEU A 1 113 ? 12.666  15.348  -0.377  1.00 64.88 ? 152 LEU A O   1 
ATOM   916  C  CB  . LEU A 1 113 ? 12.558  13.447  -2.309  1.00 63.66 ? 152 LEU A CB  1 
ATOM   917  C  CG  . LEU A 1 113 ? 13.049  14.464  -3.356  1.00 66.17 ? 152 LEU A CG  1 
ATOM   918  C  CD1 . LEU A 1 113 ? 12.677  14.036  -4.771  1.00 66.78 ? 152 LEU A CD1 1 
ATOM   919  C  CD2 . LEU A 1 113 ? 12.598  15.903  -3.102  1.00 66.09 ? 152 LEU A CD2 1 
ATOM   920  N  N   . ASN A 1 114 ? 10.606  14.997  0.525   1.00 64.04 ? 153 ASN A N   1 
ATOM   921  C  CA  . ASN A 1 114 ? 10.726  15.990  1.630   1.00 65.23 ? 153 ASN A CA  1 
ATOM   922  C  C   . ASN A 1 114 ? 10.744  15.268  2.987   1.00 65.26 ? 153 ASN A C   1 
ATOM   923  O  O   . ASN A 1 114 ? 10.270  15.864  3.976   1.00 64.96 ? 153 ASN A O   1 
ATOM   924  C  CB  . ASN A 1 114 ? 9.637   17.065  1.547   1.00 67.20 ? 153 ASN A CB  1 
ATOM   925  C  CG  . ASN A 1 114 ? 8.245   16.553  1.849   1.00 68.97 ? 153 ASN A CG  1 
ATOM   926  O  OD1 . ASN A 1 114 ? 7.957   15.369  1.678   1.00 73.32 ? 153 ASN A OD1 1 
ATOM   927  N  ND2 . ASN A 1 114 ? 7.371   17.442  2.291   1.00 69.58 ? 153 ASN A ND2 1 
ATOM   928  N  N   . GLY A 1 115 ? 11.280  14.041  3.026   1.00 65.00 ? 154 GLY A N   1 
ATOM   929  C  CA  . GLY A 1 115 ? 11.555  13.269  4.257   1.00 62.67 ? 154 GLY A CA  1 
ATOM   930  C  C   . GLY A 1 115 ? 10.286  12.827  4.971   1.00 61.56 ? 154 GLY A C   1 
ATOM   931  O  O   . GLY A 1 115 ? 9.236   12.710  4.305   1.00 63.45 ? 154 GLY A O   1 
ATOM   932  N  N   . GLY A 1 116 ? 10.394  12.569  6.280   1.00 58.36 ? 155 GLY A N   1 
ATOM   933  C  CA  . GLY A 1 116 ? 9.269   12.228  7.174   1.00 55.03 ? 155 GLY A CA  1 
ATOM   934  C  C   . GLY A 1 116 ? 8.759   10.810  6.967   1.00 52.67 ? 155 GLY A C   1 
ATOM   935  O  O   . GLY A 1 116 ? 7.582   10.563  7.296   1.00 50.31 ? 155 GLY A O   1 
ATOM   936  N  N   . GLY A 1 117 ? 9.603   9.909   6.449   1.00 50.68 ? 156 GLY A N   1 
ATOM   937  C  CA  . GLY A 1 117 ? 9.281   8.485   6.222   1.00 47.59 ? 156 GLY A CA  1 
ATOM   938  C  C   . GLY A 1 117 ? 8.097   8.298   5.286   1.00 46.81 ? 156 GLY A C   1 
ATOM   939  O  O   . GLY A 1 117 ? 7.394   7.278   5.420   1.00 48.11 ? 156 GLY A O   1 
ATOM   940  N  N   . GLN A 1 118 ? 7.891   9.239   4.362   1.00 43.46 ? 157 GLN A N   1 
ATOM   941  C  CA  . GLN A 1 118 ? 6.770   9.230   3.385   1.00 40.21 ? 157 GLN A CA  1 
ATOM   942  C  C   . GLN A 1 118 ? 7.147   8.316   2.215   1.00 35.99 ? 157 GLN A C   1 
ATOM   943  O  O   . GLN A 1 118 ? 8.344   8.019   2.051   1.00 38.69 ? 157 GLN A O   1 
ATOM   944  C  CB  . GLN A 1 118 ? 6.477   10.653  2.911   1.00 41.33 ? 157 GLN A CB  1 
ATOM   945  C  CG  . GLN A 1 118 ? 6.019   11.577  4.029   1.00 42.44 ? 157 GLN A CG  1 
ATOM   946  C  CD  . GLN A 1 118 ? 6.057   13.025  3.615   1.00 43.88 ? 157 GLN A CD  1 
ATOM   947  O  OE1 . GLN A 1 118 ? 5.684   13.382  2.501   1.00 44.82 ? 157 GLN A OE1 1 
ATOM   948  N  NE2 . GLN A 1 118 ? 6.519   13.876  4.515   1.00 46.52 ? 157 GLN A NE2 1 
ATOM   949  N  N   . ILE A 1 119 ? 6.156   7.880   1.438   1.00 29.92 ? 158 ILE A N   1 
ATOM   950  C  CA  . ILE A 1 119 ? 6.366   7.026   0.234   1.00 27.73 ? 158 ILE A CA  1 
ATOM   951  C  C   . ILE A 1 119 ? 6.179   7.916   -0.998  1.00 25.19 ? 158 ILE A C   1 
ATOM   952  O  O   . ILE A 1 119 ? 5.066   8.437   -1.178  1.00 23.73 ? 158 ILE A O   1 
ATOM   953  C  CB  . ILE A 1 119 ? 5.396   5.830   0.215   1.00 27.56 ? 158 ILE A CB  1 
ATOM   954  C  CG1 . ILE A 1 119 ? 5.530   4.944   1.460   1.00 28.37 ? 158 ILE A CG1 1 
ATOM   955  C  CG2 . ILE A 1 119 ? 5.559   5.036   -1.074  1.00 26.64 ? 158 ILE A CG2 1 
ATOM   956  C  CD1 . ILE A 1 119 ? 6.661   3.947   1.404   1.00 29.27 ? 158 ILE A CD1 1 
ATOM   957  N  N   . MET A 1 120 ? 7.228   8.089   -1.805  1.00 25.99 ? 159 MET A N   1 
ATOM   958  C  CA  . MET A 1 120 ? 7.142   8.875   -3.061  1.00 28.25 ? 159 MET A CA  1 
ATOM   959  C  C   . MET A 1 120 ? 6.537   8.003   -4.167  1.00 25.61 ? 159 MET A C   1 
ATOM   960  O  O   . MET A 1 120 ? 7.060   6.903   -4.418  1.00 25.14 ? 159 MET A O   1 
ATOM   961  C  CB  . MET A 1 120 ? 8.510   9.382   -3.519  1.00 32.65 ? 159 MET A CB  1 
ATOM   962  C  CG  . MET A 1 120 ? 8.423   10.163  -4.820  1.00 37.05 ? 159 MET A CG  1 
ATOM   963  S  SD  . MET A 1 120 ? 9.405   11.664  -4.751  1.00 47.12 ? 159 MET A SD  1 
ATOM   964  C  CE  . MET A 1 120 ? 11.048  10.952  -4.728  1.00 47.07 ? 159 MET A CE  1 
ATOM   965  N  N   . LEU A 1 121 ? 5.484   8.505   -4.817  1.00 23.98 ? 160 LEU A N   1 
ATOM   966  C  CA  . LEU A 1 121 ? 4.850   7.848   -5.986  1.00 24.49 ? 160 LEU A CA  1 
ATOM   967  C  C   . LEU A 1 121 ? 4.773   8.861   -7.128  1.00 25.54 ? 160 LEU A C   1 
ATOM   968  O  O   . LEU A 1 121 ? 4.772   10.071  -6.842  1.00 27.64 ? 160 LEU A O   1 
ATOM   969  C  CB  . LEU A 1 121 ? 3.452   7.356   -5.604  1.00 23.17 ? 160 LEU A CB  1 
ATOM   970  C  CG  . LEU A 1 121 ? 3.384   6.345   -4.456  1.00 21.62 ? 160 LEU A CG  1 
ATOM   971  C  CD1 . LEU A 1 121 ? 1.937   5.997   -4.156  1.00 21.40 ? 160 LEU A CD1 1 
ATOM   972  C  CD2 . LEU A 1 121 ? 4.176   5.081   -4.772  1.00 22.20 ? 160 LEU A CD2 1 
ATOM   973  N  N   . ASN A 1 122 ? 4.727   8.369   -8.365  1.00 25.26 ? 161 ASN A N   1 
ATOM   974  C  CA  . ASN A 1 122 ? 4.551   9.202   -9.581  1.00 25.35 ? 161 ASN A CA  1 
ATOM   975  C  C   . ASN A 1 122 ? 3.049   9.367   -9.835  1.00 24.24 ? 161 ASN A C   1 
ATOM   976  O  O   . ASN A 1 122 ? 2.333   8.349   -9.924  1.00 23.05 ? 161 ASN A O   1 
ATOM   977  C  CB  . ASN A 1 122 ? 5.300   8.604   -10.774 1.00 26.27 ? 161 ASN A CB  1 
ATOM   978  C  CG  . ASN A 1 122 ? 6.800   8.548   -10.550 1.00 27.48 ? 161 ASN A CG  1 
ATOM   979  O  OD1 . ASN A 1 122 ? 7.360   9.395   -9.861  1.00 30.95 ? 161 ASN A OD1 1 
ATOM   980  N  ND2 . ASN A 1 122 ? 7.455   7.559   -11.126 1.00 31.12 ? 161 ASN A ND2 1 
ATOM   981  N  N   . SER A 1 123 ? 2.586   10.610  -9.928  1.00 25.51 ? 162 SER A N   1 
ATOM   982  C  CA  . SER A 1 123 ? 1.188   10.953  -10.287 1.00 26.86 ? 162 SER A CA  1 
ATOM   983  C  C   . SER A 1 123 ? 0.817   10.266  -11.610 1.00 24.49 ? 162 SER A C   1 
ATOM   984  O  O   . SER A 1 123 ? 1.687   10.190  -12.522 1.00 24.17 ? 162 SER A O   1 
ATOM   985  C  CB  . SER A 1 123 ? 0.999   12.444  -10.354 1.00 29.70 ? 162 SER A CB  1 
ATOM   986  O  OG  . SER A 1 123 ? 1.880   13.024  -11.302 1.00 34.18 ? 162 SER A OG  1 
ATOM   987  N  N   . LEU A 1 124 ? -0.410  9.742   -11.676 1.00 23.06 ? 163 LEU A N   1 
ATOM   988  C  CA  . LEU A 1 124 ? -1.035  9.100   -12.864 1.00 23.30 ? 163 LEU A CA  1 
ATOM   989  C  C   . LEU A 1 124 ? -0.353  7.767   -13.191 1.00 22.15 ? 163 LEU A C   1 
ATOM   990  O  O   . LEU A 1 124 ? -0.552  7.252   -14.308 1.00 22.45 ? 163 LEU A O   1 
ATOM   991  C  CB  . LEU A 1 124 ? -1.008  10.077  -14.049 1.00 23.57 ? 163 LEU A CB  1 
ATOM   992  C  CG  . LEU A 1 124 ? -1.777  11.383  -13.837 1.00 25.12 ? 163 LEU A CG  1 
ATOM   993  C  CD1 . LEU A 1 124 ? -1.752  12.249  -15.090 1.00 26.77 ? 163 LEU A CD1 1 
ATOM   994  C  CD2 . LEU A 1 124 ? -3.215  11.111  -13.413 1.00 25.38 ? 163 LEU A CD2 1 
ATOM   995  N  N   . HIS A 1 125 ? 0.359   7.179   -12.223 1.00 21.78 ? 164 HIS A N   1 
ATOM   996  C  CA  . HIS A 1 125 ? 0.884   5.792   -12.301 1.00 21.40 ? 164 HIS A CA  1 
ATOM   997  C  C   . HIS A 1 125 ? 0.134   4.914   -11.300 1.00 20.88 ? 164 HIS A C   1 
ATOM   998  O  O   . HIS A 1 125 ? -0.269  5.428   -10.208 1.00 19.45 ? 164 HIS A O   1 
ATOM   999  C  CB  . HIS A 1 125 ? 2.398   5.750   -12.067 1.00 21.68 ? 164 HIS A CB  1 
ATOM   1000 C  CG  . HIS A 1 125 ? 3.189   6.467   -13.105 1.00 22.36 ? 164 HIS A CG  1 
ATOM   1001 N  ND1 . HIS A 1 125 ? 3.106   7.827   -13.277 1.00 22.96 ? 164 HIS A ND1 1 
ATOM   1002 C  CD2 . HIS A 1 125 ? 4.089   6.020   -14.009 1.00 24.39 ? 164 HIS A CD2 1 
ATOM   1003 C  CE1 . HIS A 1 125 ? 3.917   8.195   -14.252 1.00 23.74 ? 164 HIS A CE1 1 
ATOM   1004 N  NE2 . HIS A 1 125 ? 4.523   7.103   -14.718 1.00 24.38 ? 164 HIS A NE2 1 
ATOM   1005 N  N   . LYS A 1 126 ? -0.089  3.661   -11.687 1.00 20.94 ? 165 LYS A N   1 
ATOM   1006 C  CA  . LYS A 1 126 ? -0.822  2.659   -10.881 1.00 20.96 ? 165 LYS A CA  1 
ATOM   1007 C  C   . LYS A 1 126 ? 0.181   1.893   -10.022 1.00 20.71 ? 165 LYS A C   1 
ATOM   1008 O  O   . LYS A 1 126 ? 1.269   1.534   -10.529 1.00 19.86 ? 165 LYS A O   1 
ATOM   1009 C  CB  . LYS A 1 126 ? -1.614  1.703   -11.767 1.00 22.44 ? 165 LYS A CB  1 
ATOM   1010 C  CG  . LYS A 1 126 ? -2.507  0.733   -11.013 1.00 24.45 ? 165 LYS A CG  1 
ATOM   1011 C  CD  . LYS A 1 126 ? -3.268  -0.210  -11.920 1.00 26.33 ? 165 LYS A CD  1 
ATOM   1012 C  CE  . LYS A 1 126 ? -4.378  0.489   -12.678 1.00 29.40 ? 165 LYS A CE  1 
ATOM   1013 N  NZ  . LYS A 1 126 ? -5.181  -0.469  -13.472 1.00 31.48 ? 165 LYS A NZ  1 
ATOM   1014 N  N   . TYR A 1 127 ? -0.188  1.656   -8.766  1.00 19.69 ? 166 TYR A N   1 
ATOM   1015 C  CA  . TYR A 1 127 ? 0.644   0.942   -7.769  1.00 19.84 ? 166 TYR A CA  1 
ATOM   1016 C  C   . TYR A 1 127 ? -0.183  -0.105  -7.032  1.00 20.62 ? 166 TYR A C   1 
ATOM   1017 O  O   . TYR A 1 127 ? -1.408  0.064   -6.868  1.00 20.13 ? 166 TYR A O   1 
ATOM   1018 C  CB  . TYR A 1 127 ? 1.239   1.929   -6.772  1.00 20.17 ? 166 TYR A CB  1 
ATOM   1019 C  CG  . TYR A 1 127 ? 2.204   2.905   -7.384  1.00 20.85 ? 166 TYR A CG  1 
ATOM   1020 C  CD1 . TYR A 1 127 ? 3.539   2.573   -7.549  1.00 20.59 ? 166 TYR A CD1 1 
ATOM   1021 C  CD2 . TYR A 1 127 ? 1.784   4.152   -7.816  1.00 20.05 ? 166 TYR A CD2 1 
ATOM   1022 C  CE1 . TYR A 1 127 ? 4.440   3.467   -8.105  1.00 20.87 ? 166 TYR A CE1 1 
ATOM   1023 C  CE2 . TYR A 1 127 ? 2.673   5.058   -8.370  1.00 20.28 ? 166 TYR A CE2 1 
ATOM   1024 C  CZ  . TYR A 1 127 ? 4.003   4.713   -8.523  1.00 21.01 ? 166 TYR A CZ  1 
ATOM   1025 O  OH  . TYR A 1 127 ? 4.890   5.593   -9.079  1.00 23.69 ? 166 TYR A OH  1 
ATOM   1026 N  N   . GLU A 1 128 ? 0.523   -1.133  -6.556  1.00 21.15 ? 167 GLU A N   1 
ATOM   1027 C  CA  . GLU A 1 128 ? -0.032  -2.266  -5.777  1.00 22.04 ? 167 GLU A CA  1 
ATOM   1028 C  C   . GLU A 1 128 ? 0.753   -2.364  -4.475  1.00 21.49 ? 167 GLU A C   1 
ATOM   1029 O  O   . GLU A 1 128 ? 1.962   -2.617  -4.496  1.00 20.90 ? 167 GLU A O   1 
ATOM   1030 C  CB  . GLU A 1 128 ? 0.082   -3.553  -6.585  1.00 25.64 ? 167 GLU A CB  1 
ATOM   1031 C  CG  . GLU A 1 128 ? -0.620  -4.730  -5.949  1.00 27.85 ? 167 GLU A CG  1 
ATOM   1032 C  CD  . GLU A 1 128 ? -0.601  -5.952  -6.841  1.00 31.03 ? 167 GLU A CD  1 
ATOM   1033 O  OE1 . GLU A 1 128 ? 0.444   -6.633  -6.872  1.00 33.71 ? 167 GLU A OE1 1 
ATOM   1034 O  OE2 . GLU A 1 128 ? -1.602  -6.183  -7.547  1.00 35.17 ? 167 GLU A OE2 1 
ATOM   1035 N  N   . PRO A 1 129 ? 0.103   -2.107  -3.321  1.00 20.33 ? 168 PRO A N   1 
ATOM   1036 C  CA  . PRO A 1 129 ? 0.714   -2.337  -2.015  1.00 19.75 ? 168 PRO A CA  1 
ATOM   1037 C  C   . PRO A 1 129 ? 1.252   -3.766  -1.864  1.00 19.55 ? 168 PRO A C   1 
ATOM   1038 O  O   . PRO A 1 129 ? 0.634   -4.713  -2.357  1.00 19.78 ? 168 PRO A O   1 
ATOM   1039 C  CB  . PRO A 1 129 ? -0.438  -2.082  -1.037  1.00 20.20 ? 168 PRO A CB  1 
ATOM   1040 C  CG  . PRO A 1 129 ? -1.319  -1.095  -1.762  1.00 20.31 ? 168 PRO A CG  1 
ATOM   1041 C  CD  . PRO A 1 129 ? -1.243  -1.519  -3.209  1.00 19.97 ? 168 PRO A CD  1 
ATOM   1042 N  N   . ARG A 1 130 ? 2.403   -3.870  -1.200  1.00 18.91 ? 169 ARG A N   1 
ATOM   1043 C  CA  . ARG A 1 130 ? 3.104   -5.142  -0.915  1.00 19.04 ? 169 ARG A CA  1 
ATOM   1044 C  C   . ARG A 1 130 ? 3.644   -5.087  0.516   1.00 18.78 ? 169 ARG A C   1 
ATOM   1045 O  O   . ARG A 1 130 ? 4.317   -4.118  0.857   1.00 19.25 ? 169 ARG A O   1 
ATOM   1046 C  CB  . ARG A 1 130 ? 4.214   -5.347  -1.946  1.00 20.03 ? 169 ARG A CB  1 
ATOM   1047 C  CG  . ARG A 1 130 ? 5.029   -6.614  -1.737  1.00 19.93 ? 169 ARG A CG  1 
ATOM   1048 C  CD  . ARG A 1 130 ? 6.000   -6.872  -2.870  1.00 20.61 ? 169 ARG A CD  1 
ATOM   1049 N  NE  . ARG A 1 130 ? 7.014   -5.830  -2.967  1.00 19.65 ? 169 ARG A NE  1 
ATOM   1050 C  CZ  . ARG A 1 130 ? 8.021   -5.843  -3.834  1.00 20.86 ? 169 ARG A CZ  1 
ATOM   1051 N  NH1 . ARG A 1 130 ? 8.135   -6.839  -4.695  1.00 21.61 ? 169 ARG A NH1 1 
ATOM   1052 N  NH2 . ARG A 1 130 ? 8.907   -4.864  -3.835  1.00 22.37 ? 169 ARG A NH2 1 
ATOM   1053 N  N   . ILE A 1 131 ? 3.335   -6.097  1.322   1.00 18.41 ? 170 ILE A N   1 
ATOM   1054 C  CA  . ILE A 1 131 ? 3.803   -6.190  2.732   1.00 19.15 ? 170 ILE A CA  1 
ATOM   1055 C  C   . ILE A 1 131 ? 4.892   -7.258  2.799   1.00 19.04 ? 170 ILE A C   1 
ATOM   1056 O  O   . ILE A 1 131 ? 4.708   -8.333  2.196   1.00 20.71 ? 170 ILE A O   1 
ATOM   1057 C  CB  . ILE A 1 131 ? 2.633   -6.485  3.685   1.00 19.78 ? 170 ILE A CB  1 
ATOM   1058 C  CG1 . ILE A 1 131 ? 1.678   -5.289  3.755   1.00 20.58 ? 170 ILE A CG1 1 
ATOM   1059 C  CG2 . ILE A 1 131 ? 3.139   -6.887  5.065   1.00 19.20 ? 170 ILE A CG2 1 
ATOM   1060 C  CD1 . ILE A 1 131 ? 0.367   -5.599  4.441   1.00 21.13 ? 170 ILE A CD1 1 
ATOM   1061 N  N   . HIS A 1 132 ? 5.967   -6.947  3.518   1.00 19.44 ? 171 HIS A N   1 
ATOM   1062 C  CA  . HIS A 1 132 ? 7.104   -7.851  3.802   1.00 19.54 ? 171 HIS A CA  1 
ATOM   1063 C  C   . HIS A 1 132 ? 7.132   -8.154  5.293   1.00 18.94 ? 171 HIS A C   1 
ATOM   1064 O  O   . HIS A 1 132 ? 7.017   -7.206  6.094   1.00 19.20 ? 171 HIS A O   1 
ATOM   1065 C  CB  . HIS A 1 132 ? 8.424   -7.221  3.374   1.00 20.22 ? 171 HIS A CB  1 
ATOM   1066 C  CG  . HIS A 1 132 ? 8.360   -6.653  2.004   1.00 21.20 ? 171 HIS A CG  1 
ATOM   1067 N  ND1 . HIS A 1 132 ? 8.818   -7.347  0.912   1.00 22.05 ? 171 HIS A ND1 1 
ATOM   1068 C  CD2 . HIS A 1 132 ? 7.828   -5.501  1.543   1.00 22.47 ? 171 HIS A CD2 1 
ATOM   1069 C  CE1 . HIS A 1 132 ? 8.609   -6.627  -0.175  1.00 22.34 ? 171 HIS A CE1 1 
ATOM   1070 N  NE2 . HIS A 1 132 ? 7.993   -5.498  0.187   1.00 21.92 ? 171 HIS A NE2 1 
ATOM   1071 N  N   . ILE A 1 133 ? 7.300   -9.426  5.633   1.00 17.99 ? 172 ILE A N   1 
ATOM   1072 C  CA  . ILE A 1 133 ? 7.520   -9.867  7.035   1.00 17.73 ? 172 ILE A CA  1 
ATOM   1073 C  C   . ILE A 1 133 ? 8.974   -10.318 7.132   1.00 18.67 ? 172 ILE A C   1 
ATOM   1074 O  O   . ILE A 1 133 ? 9.324   -11.271 6.431   1.00 17.56 ? 172 ILE A O   1 
ATOM   1075 C  CB  . ILE A 1 133 ? 6.507   -10.937 7.466   1.00 18.25 ? 172 ILE A CB  1 
ATOM   1076 C  CG1 . ILE A 1 133 ? 5.064   -10.446 7.294   1.00 18.20 ? 172 ILE A CG1 1 
ATOM   1077 C  CG2 . ILE A 1 133 ? 6.782   -11.378 8.894   1.00 17.85 ? 172 ILE A CG2 1 
ATOM   1078 C  CD1 . ILE A 1 133 ? 4.020   -11.507 7.505   1.00 18.40 ? 172 ILE A CD1 1 
ATOM   1079 N  N   . VAL A 1 134 ? 9.756   -9.615  7.954   1.00 19.67 ? 173 VAL A N   1 
ATOM   1080 C  CA  . VAL A 1 134 ? 11.232  -9.762  8.105   1.00 21.72 ? 173 VAL A CA  1 
ATOM   1081 C  C   . VAL A 1 134 ? 11.479  -10.411 9.468   1.00 22.29 ? 173 VAL A C   1 
ATOM   1082 O  O   . VAL A 1 134 ? 11.097  -9.799  10.482  1.00 22.92 ? 173 VAL A O   1 
ATOM   1083 C  CB  . VAL A 1 134 ? 11.925  -8.389  7.996   1.00 24.14 ? 173 VAL A CB  1 
ATOM   1084 C  CG1 . VAL A 1 134 ? 13.442  -8.491  8.114   1.00 26.69 ? 173 VAL A CG1 1 
ATOM   1085 C  CG2 . VAL A 1 134 ? 11.544  -7.659  6.720   1.00 25.06 ? 173 VAL A CG2 1 
ATOM   1086 N  N   . ARG A 1 135 ? 12.064  -11.609 9.504   1.00 21.39 ? 174 ARG A N   1 
ATOM   1087 C  CA  . ARG A 1 135 ? 12.370  -12.294 10.780  1.00 22.77 ? 174 ARG A CA  1 
ATOM   1088 C  C   . ARG A 1 135 ? 13.604  -11.648 11.415  1.00 23.03 ? 174 ARG A C   1 
ATOM   1089 O  O   . ARG A 1 135 ? 14.591  -11.414 10.695  1.00 25.03 ? 174 ARG A O   1 
ATOM   1090 C  CB  . ARG A 1 135 ? 12.581  -13.792 10.568  1.00 24.26 ? 174 ARG A CB  1 
ATOM   1091 C  CG  . ARG A 1 135 ? 12.658  -14.563 11.874  1.00 25.91 ? 174 ARG A CG  1 
ATOM   1092 C  CD  . ARG A 1 135 ? 12.345  -16.019 11.632  1.00 28.33 ? 174 ARG A CD  1 
ATOM   1093 N  NE  . ARG A 1 135 ? 13.281  -16.591 10.675  1.00 30.89 ? 174 ARG A NE  1 
ATOM   1094 C  CZ  . ARG A 1 135 ? 13.131  -17.771 10.075  1.00 31.47 ? 174 ARG A CZ  1 
ATOM   1095 N  NH1 . ARG A 1 135 ? 14.053  -18.199 9.228   1.00 29.83 ? 174 ARG A NH1 1 
ATOM   1096 N  NH2 . ARG A 1 135 ? 12.051  -18.505 10.303  1.00 32.89 ? 174 ARG A NH2 1 
ATOM   1097 N  N   . VAL A 1 136 ? 13.523  -11.328 12.704  1.00 22.23 ? 175 VAL A N   1 
ATOM   1098 C  CA  . VAL A 1 136 ? 14.596  -10.624 13.463  1.00 22.57 ? 175 VAL A CA  1 
ATOM   1099 C  C   . VAL A 1 136 ? 15.639  -11.653 13.905  1.00 22.66 ? 175 VAL A C   1 
ATOM   1100 O  O   . VAL A 1 136 ? 15.243  -12.776 14.262  1.00 21.67 ? 175 VAL A O   1 
ATOM   1101 C  CB  . VAL A 1 136 ? 13.985  -9.865  14.654  1.00 23.08 ? 175 VAL A CB  1 
ATOM   1102 C  CG1 . VAL A 1 136 ? 15.049  -9.317  15.590  1.00 23.41 ? 175 VAL A CG1 1 
ATOM   1103 C  CG2 . VAL A 1 136 ? 13.047  -8.767  14.172  1.00 24.23 ? 175 VAL A CG2 1 
ATOM   1104 N  N   . GLY A 1 137 ? 16.918  -11.268 13.864  1.00 23.45 ? 176 GLY A N   1 
ATOM   1105 C  CA  . GLY A 1 137 ? 18.052  -12.066 14.371  1.00 24.93 ? 176 GLY A CA  1 
ATOM   1106 C  C   . GLY A 1 137 ? 18.289  -13.313 13.536  1.00 24.71 ? 176 GLY A C   1 
ATOM   1107 O  O   . GLY A 1 137 ? 18.835  -14.306 14.068  1.00 26.24 ? 176 GLY A O   1 
ATOM   1108 N  N   . ASP A 1 138 ? 17.887  -13.282 12.265  1.00 23.80 ? 177 ASP A N   1 
ATOM   1109 C  CA  . ASP A 1 138 ? 17.968  -14.453 11.357  1.00 22.81 ? 177 ASP A CA  1 
ATOM   1110 C  C   . ASP A 1 138 ? 19.209  -14.327 10.476  1.00 21.86 ? 177 ASP A C   1 
ATOM   1111 O  O   . ASP A 1 138 ? 19.303  -13.404 9.670   1.00 23.12 ? 177 ASP A O   1 
ATOM   1112 C  CB  . ASP A 1 138 ? 16.710  -14.559 10.504  1.00 23.20 ? 177 ASP A CB  1 
ATOM   1113 C  CG  . ASP A 1 138 ? 16.683  -15.781 9.610   1.00 23.44 ? 177 ASP A CG  1 
ATOM   1114 O  OD1 . ASP A 1 138 ? 17.594  -16.639 9.720   1.00 24.35 ? 177 ASP A OD1 1 
ATOM   1115 O  OD2 . ASP A 1 138 ? 15.747  -15.870 8.827   1.00 25.29 ? 177 ASP A OD2 1 
ATOM   1116 N  N   . PRO A 1 139 ? 20.209  -15.234 10.607  1.00 21.99 ? 178 PRO A N   1 
ATOM   1117 C  CA  . PRO A 1 139 ? 21.396  -15.174 9.754   1.00 21.46 ? 178 PRO A CA  1 
ATOM   1118 C  C   . PRO A 1 139 ? 21.047  -15.345 8.265   1.00 21.02 ? 178 PRO A C   1 
ATOM   1119 O  O   . PRO A 1 139 ? 21.811  -14.887 7.445   1.00 21.18 ? 178 PRO A O   1 
ATOM   1120 C  CB  . PRO A 1 139 ? 22.314  -16.298 10.264  1.00 23.52 ? 178 PRO A CB  1 
ATOM   1121 C  CG  . PRO A 1 139 ? 21.446  -17.170 11.143  1.00 23.30 ? 178 PRO A CG  1 
ATOM   1122 C  CD  . PRO A 1 139 ? 20.286  -16.311 11.602  1.00 22.32 ? 178 PRO A CD  1 
ATOM   1123 N  N   . GLN A 1 140 ? 19.898  -15.950 7.953   1.00 20.83 ? 179 GLN A N   1 
ATOM   1124 C  CA  . GLN A 1 140 ? 19.429  -16.148 6.556   1.00 21.45 ? 179 GLN A CA  1 
ATOM   1125 C  C   . GLN A 1 140 ? 18.608  -14.948 6.086   1.00 20.56 ? 179 GLN A C   1 
ATOM   1126 O  O   . GLN A 1 140 ? 18.259  -14.911 4.885   1.00 20.32 ? 179 GLN A O   1 
ATOM   1127 C  CB  . GLN A 1 140 ? 18.612  -17.428 6.442   1.00 22.61 ? 179 GLN A CB  1 
ATOM   1128 C  CG  . GLN A 1 140 ? 19.463  -18.674 6.621   1.00 25.13 ? 179 GLN A CG  1 
ATOM   1129 C  CD  . GLN A 1 140 ? 18.731  -19.906 6.158   1.00 26.81 ? 179 GLN A CD  1 
ATOM   1130 O  OE1 . GLN A 1 140 ? 19.070  -20.499 5.136   1.00 31.43 ? 179 GLN A OE1 1 
ATOM   1131 N  NE2 . GLN A 1 140 ? 17.698  -20.275 6.895   1.00 27.90 ? 179 GLN A NE2 1 
ATOM   1132 N  N   . ARG A 1 141 ? 18.296  -14.018 6.979   1.00 20.09 ? 180 ARG A N   1 
ATOM   1133 C  CA  . ARG A 1 141 ? 17.530  -12.809 6.598   1.00 21.38 ? 180 ARG A CA  1 
ATOM   1134 C  C   . ARG A 1 141 ? 16.325  -13.222 5.781   1.00 20.42 ? 180 ARG A C   1 
ATOM   1135 O  O   . ARG A 1 141 ? 15.960  -12.527 4.847   1.00 20.49 ? 180 ARG A O   1 
ATOM   1136 C  CB  . ARG A 1 141 ? 18.434  -11.813 5.898   1.00 24.27 ? 180 ARG A CB  1 
ATOM   1137 C  CG  . ARG A 1 141 ? 19.645  -11.555 6.773   1.00 27.31 ? 180 ARG A CG  1 
ATOM   1138 C  CD  . ARG A 1 141 ? 19.993  -10.104 6.845   1.00 31.07 ? 180 ARG A CD  1 
ATOM   1139 N  NE  . ARG A 1 141 ? 20.393  -10.124 5.487   1.00 33.93 ? 180 ARG A NE  1 
ATOM   1140 C  CZ  . ARG A 1 141 ? 21.470  -10.710 5.084   1.00 35.04 ? 180 ARG A CZ  1 
ATOM   1141 N  NH1 . ARG A 1 141 ? 22.366  -11.176 5.920   1.00 38.31 ? 180 ARG A NH1 1 
ATOM   1142 N  NH2 . ARG A 1 141 ? 21.687  -10.737 3.822   1.00 37.03 ? 180 ARG A NH2 1 
ATOM   1143 N  N   A MET A 1 142 ? 15.578  -14.146 6.351   0.25 20.07 ? 181 MET A N   1 
ATOM   1144 N  N   B MET A 1 142 ? 15.558  -14.121 6.385   0.25 20.34 ? 181 MET A N   1 
ATOM   1145 C  CA  A MET A 1 142 ? 14.351  -14.627 5.674   0.25 19.99 ? 181 MET A CA  1 
ATOM   1146 C  CA  B MET A 1 142 ? 14.333  -14.674 5.745   0.25 20.45 ? 181 MET A CA  1 
ATOM   1147 C  C   A MET A 1 142 ? 13.360  -13.464 5.590   0.25 19.11 ? 181 MET A C   1 
ATOM   1148 C  C   B MET A 1 142 ? 13.244  -13.596 5.721   0.25 20.25 ? 181 MET A C   1 
ATOM   1149 O  O   A MET A 1 142 ? 13.204  -12.733 6.586   0.25 18.53 ? 181 MET A O   1 
ATOM   1150 O  O   B MET A 1 142 ? 12.961  -13.007 6.782   0.25 20.21 ? 181 MET A O   1 
ATOM   1151 C  CB  A MET A 1 142 ? 13.709  -15.801 6.414   0.25 20.69 ? 181 MET A CB  1 
ATOM   1152 C  CB  B MET A 1 142 ? 13.828  -15.908 6.498   0.25 20.78 ? 181 MET A CB  1 
ATOM   1153 C  CG  A MET A 1 142 ? 12.448  -16.291 5.737   0.25 21.41 ? 181 MET A CG  1 
ATOM   1154 C  CG  B MET A 1 142 ? 12.662  -16.605 5.822   0.25 21.07 ? 181 MET A CG  1 
ATOM   1155 S  SD  A MET A 1 142 ? 11.846  -17.847 6.414   0.25 22.55 ? 181 MET A SD  1 
ATOM   1156 S  SD  B MET A 1 142 ? 11.067  -15.859 6.232   0.25 21.62 ? 181 MET A SD  1 
ATOM   1157 C  CE  A MET A 1 142 ? 10.273  -17.984 5.567   0.25 22.08 ? 181 MET A CE  1 
ATOM   1158 C  CE  B MET A 1 142 ? 10.852  -16.464 7.904   0.25 21.54 ? 181 MET A CE  1 
ATOM   1159 N  N   A ILE A 1 143 ? 12.763  -13.283 4.416   0.25 18.27 ? 182 ILE A N   1 
ATOM   1160 N  N   B ILE A 1 143 ? 12.670  -13.353 4.542   0.25 19.68 ? 182 ILE A N   1 
ATOM   1161 C  CA  A ILE A 1 143 ? 11.675  -12.294 4.178   0.25 17.94 ? 182 ILE A CA  1 
ATOM   1162 C  CA  B ILE A 1 143 ? 11.615  -12.325 4.307   0.25 19.62 ? 182 ILE A CA  1 
ATOM   1163 C  C   A ILE A 1 143 ? 10.554  -13.012 3.426   0.25 17.42 ? 182 ILE A C   1 
ATOM   1164 C  C   B ILE A 1 143 ? 10.511  -12.953 3.452   0.25 18.90 ? 182 ILE A C   1 
ATOM   1165 O  O   A ILE A 1 143 ? 10.859  -13.844 2.551   0.25 17.15 ? 182 ILE A O   1 
ATOM   1166 O  O   B ILE A 1 143 ? 10.840  -13.547 2.407   0.25 18.59 ? 182 ILE A O   1 
ATOM   1167 C  CB  A ILE A 1 143 ? 12.202  -11.064 3.415   0.25 18.10 ? 182 ILE A CB  1 
ATOM   1168 C  CB  B ILE A 1 143 ? 12.222  -11.076 3.638   0.25 20.19 ? 182 ILE A CB  1 
ATOM   1169 C  CG1 A ILE A 1 143 ? 13.284  -10.338 4.220   0.25 18.33 ? 182 ILE A CG1 1 
ATOM   1170 C  CG1 B ILE A 1 143 ? 11.236  -9.906  3.600   0.25 20.49 ? 182 ILE A CG1 1 
ATOM   1171 C  CG2 A ILE A 1 143 ? 11.056  -10.138 3.037   0.25 17.93 ? 182 ILE A CG2 1 
ATOM   1172 C  CG2 B ILE A 1 143 ? 12.748  -11.414 2.252   0.25 20.51 ? 182 ILE A CG2 1 
ATOM   1173 C  CD1 A ILE A 1 143 ? 13.982  -9.231  3.464   0.25 18.57 ? 182 ILE A CD1 1 
ATOM   1174 C  CD1 B ILE A 1 143 ? 11.877  -8.591  3.207   0.25 20.92 ? 182 ILE A CD1 1 
ATOM   1175 N  N   A THR A 1 144 ? 9.307   -12.729 3.796   0.25 16.77 ? 183 THR A N   1 
ATOM   1176 N  N   B THR A 1 144 ? 9.253   -12.833 3.888   0.25 18.04 ? 183 THR A N   1 
ATOM   1177 C  CA  A THR A 1 144 ? 8.101   -13.148 3.041   0.25 16.98 ? 183 THR A CA  1 
ATOM   1178 C  CA  B THR A 1 144 ? 8.053   -13.291 3.139   0.25 18.07 ? 183 THR A CA  1 
ATOM   1179 C  C   A THR A 1 144 ? 7.452   -11.880 2.487   0.25 17.14 ? 183 THR A C   1 
ATOM   1180 C  C   B THR A 1 144 ? 7.244   -12.072 2.696   0.25 18.12 ? 183 THR A C   1 
ATOM   1181 O  O   A THR A 1 144 ? 7.458   -10.862 3.202   0.25 16.33 ? 183 THR A O   1 
ATOM   1182 O  O   B THR A 1 144 ? 6.837   -11.290 3.577   0.25 17.76 ? 183 THR A O   1 
ATOM   1183 C  CB  A THR A 1 144 ? 7.165   -13.989 3.916   0.25 17.22 ? 183 THR A CB  1 
ATOM   1184 C  CB  B THR A 1 144 ? 7.175   -14.229 3.975   0.25 18.29 ? 183 THR A CB  1 
ATOM   1185 O  OG1 A THR A 1 144 ? 6.562   -13.135 4.887   0.25 17.61 ? 183 THR A OG1 1 
ATOM   1186 O  OG1 B THR A 1 144 ? 8.005   -15.260 4.508   0.25 18.58 ? 183 THR A OG1 1 
ATOM   1187 C  CG2 A THR A 1 144 ? 7.881   -15.128 4.608   0.25 17.32 ? 183 THR A CG2 1 
ATOM   1188 C  CG2 B THR A 1 144 ? 6.045   -14.832 3.169   0.25 18.32 ? 183 THR A CG2 1 
ATOM   1189 N  N   A SER A 1 145 ? 6.963   -11.939 1.248   0.25 17.48 ? 184 SER A N   1 
ATOM   1190 N  N   B SER A 1 145 ? 7.021   -11.931 1.386   0.25 17.81 ? 184 SER A N   1 
ATOM   1191 C  CA  A SER A 1 145 ? 6.307   -10.810 0.545   0.25 18.12 ? 184 SER A CA  1 
ATOM   1192 C  CA  B SER A 1 145 ? 6.272   -10.806 0.771   0.25 17.92 ? 184 SER A CA  1 
ATOM   1193 C  C   A SER A 1 145 ? 4.905   -11.242 0.113   0.25 17.98 ? 184 SER A C   1 
ATOM   1194 C  C   B SER A 1 145 ? 4.896   -11.294 0.305   0.25 17.82 ? 184 SER A C   1 
ATOM   1195 O  O   A SER A 1 145 ? 4.788   -12.335 -0.471  0.25 17.86 ? 184 SER A O   1 
ATOM   1196 O  O   B SER A 1 145 ? 4.783   -12.471 -0.078  0.25 17.41 ? 184 SER A O   1 
ATOM   1197 C  CB  A SER A 1 145 ? 7.122   -10.351 -0.634  0.25 18.40 ? 184 SER A CB  1 
ATOM   1198 C  CB  B SER A 1 145 ? 7.045   -10.180 -0.360  0.25 17.83 ? 184 SER A CB  1 
ATOM   1199 O  OG  A SER A 1 145 ? 8.443   -10.026 -0.233  0.25 19.65 ? 184 SER A OG  1 
ATOM   1200 O  OG  B SER A 1 145 ? 7.216   -11.099 -1.429  0.25 18.09 ? 184 SER A OG  1 
ATOM   1201 N  N   . HIS A 1 146 ? 3.896   -10.409 0.386   1.00 18.06 ? 185 HIS A N   1 
ATOM   1202 C  CA  . HIS A 1 146 ? 2.500   -10.648 -0.052  1.00 18.61 ? 185 HIS A CA  1 
ATOM   1203 C  C   . HIS A 1 146 ? 2.055   -9.384  -0.785  1.00 18.11 ? 185 HIS A C   1 
ATOM   1204 O  O   . HIS A 1 146 ? 2.278   -8.279  -0.260  1.00 17.23 ? 185 HIS A O   1 
ATOM   1205 C  CB  . HIS A 1 146 ? 1.554   -10.952 1.122   1.00 19.80 ? 185 HIS A CB  1 
ATOM   1206 C  CG  . HIS A 1 146 ? 1.603   -12.350 1.661   1.00 21.97 ? 185 HIS A CG  1 
ATOM   1207 N  ND1 . HIS A 1 146 ? 2.513   -12.711 2.619   1.00 21.42 ? 185 HIS A ND1 1 
ATOM   1208 C  CD2 . HIS A 1 146 ? 0.811   -13.432 1.457   1.00 21.69 ? 185 HIS A CD2 1 
ATOM   1209 C  CE1 . HIS A 1 146 ? 2.311   -13.962 2.979   1.00 23.50 ? 185 HIS A CE1 1 
ATOM   1210 N  NE2 . HIS A 1 146 ? 1.270   -14.436 2.274   1.00 23.71 ? 185 HIS A NE2 1 
ATOM   1211 N  N   . CYS A 1 147 ? 1.404   -9.561  -1.929  1.00 19.08 ? 186 CYS A N   1 
ATOM   1212 C  CA  . CYS A 1 147 ? 0.773   -8.472  -2.710  1.00 20.65 ? 186 CYS A CA  1 
ATOM   1213 C  C   . CYS A 1 147 ? -0.736  -8.518  -2.501  1.00 20.72 ? 186 CYS A C   1 
ATOM   1214 O  O   . CYS A 1 147 ? -1.256  -9.604  -2.228  1.00 22.08 ? 186 CYS A O   1 
ATOM   1215 C  CB  . CYS A 1 147 ? 1.104   -8.633  -4.180  1.00 22.19 ? 186 CYS A CB  1 
ATOM   1216 S  SG  . CYS A 1 147 ? 2.881   -8.474  -4.462  1.00 24.70 ? 186 CYS A SG  1 
ATOM   1217 N  N   . PHE A 1 148 ? -1.406  -7.374  -2.647  1.00 21.18 ? 187 PHE A N   1 
ATOM   1218 C  CA  . PHE A 1 148 ? -2.854  -7.224  -2.354  1.00 22.02 ? 187 PHE A CA  1 
ATOM   1219 C  C   . PHE A 1 148 ? -3.551  -6.642  -3.577  1.00 22.71 ? 187 PHE A C   1 
ATOM   1220 O  O   . PHE A 1 148 ? -3.655  -5.425  -3.709  1.00 21.28 ? 187 PHE A O   1 
ATOM   1221 C  CB  . PHE A 1 148 ? -3.031  -6.405  -1.077  1.00 21.32 ? 187 PHE A CB  1 
ATOM   1222 C  CG  . PHE A 1 148 ? -2.395  -7.088  0.102   1.00 20.33 ? 187 PHE A CG  1 
ATOM   1223 C  CD1 . PHE A 1 148 ? -3.063  -8.096  0.779   1.00 20.62 ? 187 PHE A CD1 1 
ATOM   1224 C  CD2 . PHE A 1 148 ? -1.092  -6.787  0.465   1.00 21.46 ? 187 PHE A CD2 1 
ATOM   1225 C  CE1 . PHE A 1 148 ? -2.455  -8.748  1.838   1.00 21.49 ? 187 PHE A CE1 1 
ATOM   1226 C  CE2 . PHE A 1 148 ? -0.487  -7.450  1.519   1.00 21.33 ? 187 PHE A CE2 1 
ATOM   1227 C  CZ  . PHE A 1 148 ? -1.167  -8.427  2.196   1.00 21.26 ? 187 PHE A CZ  1 
ATOM   1228 N  N   . PRO A 1 149 ? -4.012  -7.502  -4.515  1.00 23.10 ? 188 PRO A N   1 
ATOM   1229 C  CA  . PRO A 1 149 ? -4.515  -7.034  -5.807  1.00 23.59 ? 188 PRO A CA  1 
ATOM   1230 C  C   . PRO A 1 149 ? -5.735  -6.118  -5.659  1.00 22.56 ? 188 PRO A C   1 
ATOM   1231 O  O   . PRO A 1 149 ? -5.912  -5.214  -6.484  1.00 21.42 ? 188 PRO A O   1 
ATOM   1232 C  CB  . PRO A 1 149 ? -4.898  -8.321  -6.559  1.00 23.90 ? 188 PRO A CB  1 
ATOM   1233 C  CG  . PRO A 1 149 ? -5.024  -9.385  -5.488  1.00 25.22 ? 188 PRO A CG  1 
ATOM   1234 C  CD  . PRO A 1 149 ? -4.081  -8.968  -4.379  1.00 24.60 ? 188 PRO A CD  1 
ATOM   1235 N  N   . GLU A 1 150 ? -6.533  -6.350  -4.618  1.00 22.06 ? 189 GLU A N   1 
ATOM   1236 C  CA  . GLU A 1 150 ? -7.778  -5.587  -4.333  1.00 21.83 ? 189 GLU A CA  1 
ATOM   1237 C  C   . GLU A 1 150 ? -7.445  -4.127  -4.032  1.00 21.13 ? 189 GLU A C   1 
ATOM   1238 O  O   . GLU A 1 150 ? -8.374  -3.300  -4.078  1.00 19.77 ? 189 GLU A O   1 
ATOM   1239 C  CB  . GLU A 1 150 ? -8.529  -6.162  -3.132  1.00 23.47 ? 189 GLU A CB  1 
ATOM   1240 C  CG  . GLU A 1 150 ? -8.985  -7.596  -3.318  1.00 24.39 ? 189 GLU A CG  1 
ATOM   1241 C  CD  . GLU A 1 150 ? -8.083  -8.640  -2.689  1.00 25.36 ? 189 GLU A CD  1 
ATOM   1242 O  OE1 . GLU A 1 150 ? -8.596  -9.722  -2.354  1.00 27.48 ? 189 GLU A OE1 1 
ATOM   1243 O  OE2 . GLU A 1 150 ? -6.887  -8.359  -2.513  1.00 25.45 ? 189 GLU A OE2 1 
ATOM   1244 N  N   . THR A 1 151 ? -6.189  -3.824  -3.691  1.00 19.63 ? 190 THR A N   1 
ATOM   1245 C  CA  . THR A 1 151 ? -5.774  -2.510  -3.134  1.00 18.76 ? 190 THR A CA  1 
ATOM   1246 C  C   . THR A 1 151 ? -5.042  -1.665  -4.186  1.00 18.52 ? 190 THR A C   1 
ATOM   1247 O  O   . THR A 1 151 ? -4.580  -0.578  -3.811  1.00 19.26 ? 190 THR A O   1 
ATOM   1248 C  CB  . THR A 1 151 ? -4.928  -2.683  -1.867  1.00 18.74 ? 190 THR A CB  1 
ATOM   1249 O  OG1 . THR A 1 151 ? -3.642  -3.186  -2.224  1.00 18.70 ? 190 THR A OG1 1 
ATOM   1250 C  CG2 . THR A 1 151 ? -5.580  -3.597  -0.852  1.00 17.92 ? 190 THR A CG2 1 
ATOM   1251 N  N   . GLN A 1 152 ? -4.967  -2.120  -5.441  1.00 19.12 ? 191 GLN A N   1 
ATOM   1252 C  CA  . GLN A 1 152 ? -4.339  -1.350  -6.548  1.00 19.70 ? 191 GLN A CA  1 
ATOM   1253 C  C   . GLN A 1 152 ? -5.007  0.022   -6.652  1.00 18.19 ? 191 GLN A C   1 
ATOM   1254 O  O   . GLN A 1 152 ? -6.245  0.112   -6.517  1.00 17.83 ? 191 GLN A O   1 
ATOM   1255 C  CB  . GLN A 1 152 ? -4.512  -2.058  -7.889  1.00 22.52 ? 191 GLN A CB  1 
ATOM   1256 C  CG  . GLN A 1 152 ? -3.712  -3.343  -8.021  1.00 25.81 ? 191 GLN A CG  1 
ATOM   1257 C  CD  . GLN A 1 152 ? -4.222  -4.164  -9.179  1.00 28.45 ? 191 GLN A CD  1 
ATOM   1258 O  OE1 . GLN A 1 152 ? -5.120  -3.743  -9.907  1.00 32.29 ? 191 GLN A OE1 1 
ATOM   1259 N  NE2 . GLN A 1 152 ? -3.671  -5.357  -9.334  1.00 31.65 ? 191 GLN A NE2 1 
ATOM   1260 N  N   . PHE A 1 153 ? -4.229  1.057   -6.917  1.00 16.98 ? 192 PHE A N   1 
ATOM   1261 C  CA  . PHE A 1 153 ? -4.777  2.424   -7.074  1.00 17.44 ? 192 PHE A CA  1 
ATOM   1262 C  C   . PHE A 1 153 ? -3.875  3.219   -8.005  1.00 17.68 ? 192 PHE A C   1 
ATOM   1263 O  O   . PHE A 1 153 ? -2.700  2.833   -8.189  1.00 17.01 ? 192 PHE A O   1 
ATOM   1264 C  CB  . PHE A 1 153 ? -4.886  3.110   -5.710  1.00 17.76 ? 192 PHE A CB  1 
ATOM   1265 C  CG  . PHE A 1 153 ? -3.554  3.330   -5.040  1.00 17.27 ? 192 PHE A CG  1 
ATOM   1266 C  CD1 . PHE A 1 153 ? -2.788  4.450   -5.331  1.00 17.61 ? 192 PHE A CD1 1 
ATOM   1267 C  CD2 . PHE A 1 153 ? -3.049  2.398   -4.146  1.00 17.64 ? 192 PHE A CD2 1 
ATOM   1268 C  CE1 . PHE A 1 153 ? -1.555  4.643   -4.724  1.00 18.07 ? 192 PHE A CE1 1 
ATOM   1269 C  CE2 . PHE A 1 153 ? -1.817  2.593   -3.543  1.00 17.32 ? 192 PHE A CE2 1 
ATOM   1270 C  CZ  . PHE A 1 153 ? -1.075  3.718   -3.828  1.00 17.81 ? 192 PHE A CZ  1 
ATOM   1271 N  N   . ILE A 1 154 ? -4.417  4.299   -8.565  1.00 17.70 ? 193 ILE A N   1 
ATOM   1272 C  CA  . ILE A 1 154 ? -3.628  5.298   -9.324  1.00 18.09 ? 193 ILE A CA  1 
ATOM   1273 C  C   . ILE A 1 154 ? -3.337  6.465   -8.384  1.00 17.74 ? 193 ILE A C   1 
ATOM   1274 O  O   . ILE A 1 154 ? -4.287  6.988   -7.770  1.00 17.83 ? 193 ILE A O   1 
ATOM   1275 C  CB  . ILE A 1 154 ? -4.377  5.716   -10.602 1.00 18.11 ? 193 ILE A CB  1 
ATOM   1276 C  CG1 . ILE A 1 154 ? -4.653  4.483   -11.469 1.00 18.68 ? 193 ILE A CG1 1 
ATOM   1277 C  CG2 . ILE A 1 154 ? -3.615  6.800   -11.347 1.00 18.66 ? 193 ILE A CG2 1 
ATOM   1278 C  CD1 . ILE A 1 154 ? -5.484  4.756   -12.702 1.00 19.05 ? 193 ILE A CD1 1 
ATOM   1279 N  N   . ALA A 1 155 ? -2.068  6.853   -8.266  1.00 17.99 ? 194 ALA A N   1 
ATOM   1280 C  CA  . ALA A 1 155 ? -1.642  8.046   -7.507  1.00 19.76 ? 194 ALA A CA  1 
ATOM   1281 C  C   . ALA A 1 155 ? -2.076  9.278   -8.303  1.00 20.60 ? 194 ALA A C   1 
ATOM   1282 O  O   . ALA A 1 155 ? -1.869  9.282   -9.532  1.00 22.26 ? 194 ALA A O   1 
ATOM   1283 C  CB  . ALA A 1 155 ? -0.154  8.012   -7.267  1.00 20.35 ? 194 ALA A CB  1 
ATOM   1284 N  N   . VAL A 1 156 ? -2.698  10.253  -7.646  1.00 20.29 ? 195 VAL A N   1 
ATOM   1285 C  CA  . VAL A 1 156 ? -3.194  11.484  -8.329  1.00 20.78 ? 195 VAL A CA  1 
ATOM   1286 C  C   . VAL A 1 156 ? -2.882  12.689  -7.438  1.00 22.15 ? 195 VAL A C   1 
ATOM   1287 O  O   . VAL A 1 156 ? -2.815  12.514  -6.211  1.00 22.40 ? 195 VAL A O   1 
ATOM   1288 C  CB  . VAL A 1 156 ? -4.697  11.380  -8.647  1.00 20.28 ? 195 VAL A CB  1 
ATOM   1289 C  CG1 . VAL A 1 156 ? -5.011  10.201  -9.552  1.00 20.29 ? 195 VAL A CG1 1 
ATOM   1290 C  CG2 . VAL A 1 156 ? -5.546  11.318  -7.381  1.00 19.20 ? 195 VAL A CG2 1 
ATOM   1291 N  N   . THR A 1 157 ? -2.712  13.874  -8.030  1.00 24.18 ? 196 THR A N   1 
ATOM   1292 C  CA  . THR A 1 157 ? -2.554  15.148  -7.273  1.00 25.03 ? 196 THR A CA  1 
ATOM   1293 C  C   . THR A 1 157 ? -3.936  15.679  -6.877  1.00 25.11 ? 196 THR A C   1 
ATOM   1294 O  O   . THR A 1 157 ? -4.003  16.501  -5.949  1.00 25.65 ? 196 THR A O   1 
ATOM   1295 C  CB  . THR A 1 157 ? -1.732  16.160  -8.076  1.00 27.41 ? 196 THR A CB  1 
ATOM   1296 O  OG1 . THR A 1 157 ? -2.389  16.357  -9.330  1.00 28.39 ? 196 THR A OG1 1 
ATOM   1297 C  CG2 . THR A 1 157 ? -0.312  15.692  -8.292  1.00 27.95 ? 196 THR A CG2 1 
ATOM   1298 N  N   . ALA A 1 158 ? -4.985  15.178  -7.530  1.00 24.26 ? 197 ALA A N   1 
ATOM   1299 C  CA  . ALA A 1 158 ? -6.404  15.544  -7.340  1.00 24.17 ? 197 ALA A CA  1 
ATOM   1300 C  C   . ALA A 1 158 ? -7.279  14.429  -7.923  1.00 23.75 ? 197 ALA A C   1 
ATOM   1301 O  O   . ALA A 1 158 ? -6.900  13.855  -8.962  1.00 22.84 ? 197 ALA A O   1 
ATOM   1302 C  CB  . ALA A 1 158 ? -6.678  16.879  -7.994  1.00 24.65 ? 197 ALA A CB  1 
ATOM   1303 N  N   . TYR A 1 159 ? -8.407  14.122  -7.287  1.00 22.59 ? 198 TYR A N   1 
ATOM   1304 C  CA  . TYR A 1 159 ? -9.334  13.059  -7.745  1.00 22.33 ? 198 TYR A CA  1 
ATOM   1305 C  C   . TYR A 1 159 ? -9.839  13.404  -9.149  1.00 23.09 ? 198 TYR A C   1 
ATOM   1306 O  O   . TYR A 1 159 ? -10.199 14.564  -9.406  1.00 23.72 ? 198 TYR A O   1 
ATOM   1307 C  CB  . TYR A 1 159 ? -10.473 12.845  -6.749  1.00 22.14 ? 198 TYR A CB  1 
ATOM   1308 C  CG  . TYR A 1 159 ? -10.039 12.221  -5.447  1.00 23.12 ? 198 TYR A CG  1 
ATOM   1309 C  CD1 . TYR A 1 159 ? -9.138  11.166  -5.420  1.00 22.84 ? 198 TYR A CD1 1 
ATOM   1310 C  CD2 . TYR A 1 159 ? -10.554 12.668  -4.242  1.00 24.44 ? 198 TYR A CD2 1 
ATOM   1311 C  CE1 . TYR A 1 159 ? -8.735  10.588  -4.226  1.00 23.61 ? 198 TYR A CE1 1 
ATOM   1312 C  CE2 . TYR A 1 159 ? -10.169 12.097  -3.040  1.00 25.37 ? 198 TYR A CE2 1 
ATOM   1313 C  CZ  . TYR A 1 159 ? -9.252  11.061  -3.032  1.00 25.74 ? 198 TYR A CZ  1 
ATOM   1314 O  OH  . TYR A 1 159 ? -8.875  10.492  -1.849  1.00 26.83 ? 198 TYR A OH  1 
ATOM   1315 N  N   . GLN A 1 160 ? -9.824  12.411  -10.035 1.00 23.90 ? 199 GLN A N   1 
ATOM   1316 C  CA  . GLN A 1 160 ? -10.284 12.524  -11.441 1.00 23.38 ? 199 GLN A CA  1 
ATOM   1317 C  C   . GLN A 1 160 ? -11.749 12.091  -11.525 1.00 23.17 ? 199 GLN A C   1 
ATOM   1318 O  O   . GLN A 1 160 ? -12.540 12.779  -12.179 1.00 26.40 ? 199 GLN A O   1 
ATOM   1319 C  CB  . GLN A 1 160 ? -9.403  11.649  -12.333 1.00 23.82 ? 199 GLN A CB  1 
ATOM   1320 C  CG  . GLN A 1 160 ? -7.924  11.995  -12.244 1.00 23.78 ? 199 GLN A CG  1 
ATOM   1321 C  CD  . GLN A 1 160 ? -7.659  13.398  -12.727 1.00 24.48 ? 199 GLN A CD  1 
ATOM   1322 O  OE1 . GLN A 1 160 ? -7.715  13.672  -13.923 1.00 25.30 ? 199 GLN A OE1 1 
ATOM   1323 N  NE2 . GLN A 1 160 ? -7.366  14.294  -11.800 1.00 24.88 ? 199 GLN A NE2 1 
ATOM   1324 N  N   . ASN A 1 161 ? -12.083 10.965  -10.898 1.00 21.86 ? 200 ASN A N   1 
ATOM   1325 C  CA  . ASN A 1 161 ? -13.419 10.326  -10.963 1.00 21.72 ? 200 ASN A CA  1 
ATOM   1326 C  C   . ASN A 1 161 ? -14.282 10.914  -9.845  1.00 23.30 ? 200 ASN A C   1 
ATOM   1327 O  O   . ASN A 1 161 ? -13.922 10.726  -8.671  1.00 21.94 ? 200 ASN A O   1 
ATOM   1328 C  CB  . ASN A 1 161 ? -13.279 8.806   -10.859 1.00 21.73 ? 200 ASN A CB  1 
ATOM   1329 C  CG  . ASN A 1 161 ? -14.565 8.037   -11.043 1.00 21.11 ? 200 ASN A CG  1 
ATOM   1330 O  OD1 . ASN A 1 161 ? -15.654 8.608   -11.071 1.00 22.71 ? 200 ASN A OD1 1 
ATOM   1331 N  ND2 . ASN A 1 161 ? -14.447 6.725   -11.186 1.00 21.21 ? 200 ASN A ND2 1 
ATOM   1332 N  N   . GLU A 1 162 ? -15.370 11.609  -10.184 1.00 23.90 ? 201 GLU A N   1 
ATOM   1333 C  CA  . GLU A 1 162 ? -16.255 12.233  -9.163  1.00 25.22 ? 201 GLU A CA  1 
ATOM   1334 C  C   . GLU A 1 162 ? -16.874 11.136  -8.290  1.00 23.61 ? 201 GLU A C   1 
ATOM   1335 O  O   . GLU A 1 162 ? -17.232 11.450  -7.141  1.00 24.08 ? 201 GLU A O   1 
ATOM   1336 C  CB  . GLU A 1 162 ? -17.323 13.123  -9.804  1.00 26.60 ? 201 GLU A CB  1 
ATOM   1337 C  CG  . GLU A 1 162 ? -18.489 12.373  -10.430 1.00 28.69 ? 201 GLU A CG  1 
ATOM   1338 C  CD  . GLU A 1 162 ? -18.212 11.642  -11.732 1.00 29.62 ? 201 GLU A CD  1 
ATOM   1339 O  OE1 . GLU A 1 162 ? -18.993 10.722  -12.065 1.00 33.61 ? 201 GLU A OE1 1 
ATOM   1340 O  OE2 . GLU A 1 162 ? -17.213 11.980  -12.406 1.00 32.71 ? 201 GLU A OE2 1 
ATOM   1341 N  N   . GLU A 1 163 ? -17.006 9.908   -8.803  1.00 23.31 ? 202 GLU A N   1 
ATOM   1342 C  CA  . GLU A 1 163 ? -17.537 8.759   -8.013  1.00 23.51 ? 202 GLU A CA  1 
ATOM   1343 C  C   . GLU A 1 163 ? -16.525 8.389   -6.921  1.00 23.06 ? 202 GLU A C   1 
ATOM   1344 O  O   . GLU A 1 163 ? -16.969 7.990   -5.838  1.00 21.79 ? 202 GLU A O   1 
ATOM   1345 C  CB  . GLU A 1 163 ? -17.899 7.567   -8.907  1.00 25.63 ? 202 GLU A CB  1 
ATOM   1346 C  CG  . GLU A 1 163 ? -19.171 7.793   -9.714  1.00 28.31 ? 202 GLU A CG  1 
ATOM   1347 C  CD  . GLU A 1 163 ? -19.868 6.551   -10.248 1.00 30.25 ? 202 GLU A CD  1 
ATOM   1348 O  OE1 . GLU A 1 163 ? -19.282 5.460   -10.195 1.00 35.04 ? 202 GLU A OE1 1 
ATOM   1349 O  OE2 . GLU A 1 163 ? -21.015 6.685   -10.715 1.00 34.60 ? 202 GLU A OE2 1 
ATOM   1350 N  N   . ILE A 1 164 ? -15.220 8.543   -7.162  1.00 20.97 ? 203 ILE A N   1 
ATOM   1351 C  CA  . ILE A 1 164 ? -14.186 8.283   -6.113  1.00 20.79 ? 203 ILE A CA  1 
ATOM   1352 C  C   . ILE A 1 164 ? -14.279 9.396   -5.067  1.00 21.67 ? 203 ILE A C   1 
ATOM   1353 O  O   . ILE A 1 164 ? -14.338 9.082   -3.861  1.00 22.24 ? 203 ILE A O   1 
ATOM   1354 C  CB  . ILE A 1 164 ? -12.777 8.145   -6.728  1.00 20.78 ? 203 ILE A CB  1 
ATOM   1355 C  CG1 . ILE A 1 164 ? -12.592 6.772   -7.376  1.00 19.89 ? 203 ILE A CG1 1 
ATOM   1356 C  CG2 . ILE A 1 164 ? -11.689 8.447   -5.707  1.00 20.62 ? 203 ILE A CG2 1 
ATOM   1357 C  CD1 . ILE A 1 164 ? -12.509 5.624   -6.391  1.00 20.63 ? 203 ILE A CD1 1 
ATOM   1358 N  N   . THR A 1 165 ? -14.321 10.653  -5.501  1.00 21.81 ? 204 THR A N   1 
ATOM   1359 C  CA  . THR A 1 165 ? -14.490 11.818  -4.605  1.00 23.43 ? 204 THR A CA  1 
ATOM   1360 C  C   . THR A 1 165 ? -15.636 11.523  -3.633  1.00 22.48 ? 204 THR A C   1 
ATOM   1361 O  O   . THR A 1 165 ? -15.408 11.643  -2.415  1.00 23.74 ? 204 THR A O   1 
ATOM   1362 C  CB  . THR A 1 165 ? -14.731 13.092  -5.419  1.00 24.29 ? 204 THR A CB  1 
ATOM   1363 O  OG1 . THR A 1 165 ? -13.625 13.205  -6.313  1.00 25.29 ? 204 THR A OG1 1 
ATOM   1364 C  CG2 . THR A 1 165 ? -14.841 14.329  -4.560  1.00 25.83 ? 204 THR A CG2 1 
ATOM   1365 N  N   . ALA A 1 166 ? -16.784 11.093  -4.156  1.00 22.61 ? 205 ALA A N   1 
ATOM   1366 C  CA  . ALA A 1 166 ? -18.026 10.847  -3.383  1.00 22.36 ? 205 ALA A CA  1 
ATOM   1367 C  C   . ALA A 1 166 ? -17.833 9.654   -2.436  1.00 23.78 ? 205 ALA A C   1 
ATOM   1368 O  O   . ALA A 1 166 ? -18.222 9.763   -1.253  1.00 24.71 ? 205 ALA A O   1 
ATOM   1369 C  CB  . ALA A 1 166 ? -19.185 10.621  -4.320  1.00 22.24 ? 205 ALA A CB  1 
ATOM   1370 N  N   . LEU A 1 167 ? -17.238 8.564   -2.932  1.00 23.80 ? 206 LEU A N   1 
ATOM   1371 C  CA  . LEU A 1 167 ? -17.007 7.313   -2.154  1.00 23.83 ? 206 LEU A CA  1 
ATOM   1372 C  C   . LEU A 1 167 ? -16.097 7.611   -0.953  1.00 23.59 ? 206 LEU A C   1 
ATOM   1373 O  O   . LEU A 1 167 ? -16.369 7.066   0.153   1.00 23.43 ? 206 LEU A O   1 
ATOM   1374 C  CB  . LEU A 1 167 ? -16.357 6.266   -3.070  1.00 25.01 ? 206 LEU A CB  1 
ATOM   1375 C  CG  . LEU A 1 167 ? -17.086 4.939   -3.291  1.00 28.31 ? 206 LEU A CG  1 
ATOM   1376 C  CD1 . LEU A 1 167 ? -16.121 3.772   -3.154  1.00 27.90 ? 206 LEU A CD1 1 
ATOM   1377 C  CD2 . LEU A 1 167 ? -18.283 4.755   -2.379  1.00 29.49 ? 206 LEU A CD2 1 
ATOM   1378 N  N   . LYS A 1 168 ? -15.032 8.393   -1.164  1.00 23.26 ? 207 LYS A N   1 
ATOM   1379 C  CA  . LYS A 1 168 ? -14.032 8.761   -0.125  1.00 24.54 ? 207 LYS A CA  1 
ATOM   1380 C  C   . LYS A 1 168 ? -14.749 9.495   1.013   1.00 27.67 ? 207 LYS A C   1 
ATOM   1381 O  O   . LYS A 1 168 ? -14.448 9.211   2.189   1.00 29.40 ? 207 LYS A O   1 
ATOM   1382 C  CB  . LYS A 1 168 ? -12.921 9.626   -0.731  1.00 23.90 ? 207 LYS A CB  1 
ATOM   1383 C  CG  . LYS A 1 168 ? -12.047 8.918   -1.761  1.00 23.06 ? 207 LYS A CG  1 
ATOM   1384 C  CD  . LYS A 1 168 ? -10.897 8.153   -1.168  1.00 21.87 ? 207 LYS A CD  1 
ATOM   1385 C  CE  . LYS A 1 168 ? -10.031 7.497   -2.231  1.00 21.81 ? 207 LYS A CE  1 
ATOM   1386 N  NZ  . LYS A 1 168 ? -8.715  7.080   -1.690  1.00 22.60 ? 207 LYS A NZ  1 
ATOM   1387 N  N   . ILE A 1 169 ? -15.698 10.364  0.666   1.00 28.12 ? 208 ILE A N   1 
ATOM   1388 C  CA  . ILE A 1 169 ? -16.534 11.120  1.645   1.00 31.74 ? 208 ILE A CA  1 
ATOM   1389 C  C   . ILE A 1 169 ? -17.511 10.148  2.315   1.00 31.89 ? 208 ILE A C   1 
ATOM   1390 O  O   . ILE A 1 169 ? -17.627 10.208  3.555   1.00 36.84 ? 208 ILE A O   1 
ATOM   1391 C  CB  . ILE A 1 169 ? -17.232 12.305  0.950   1.00 32.38 ? 208 ILE A CB  1 
ATOM   1392 C  CG1 . ILE A 1 169 ? -16.219 13.404  0.613   1.00 33.66 ? 208 ILE A CG1 1 
ATOM   1393 C  CG2 . ILE A 1 169 ? -18.389 12.840  1.785   1.00 33.54 ? 208 ILE A CG2 1 
ATOM   1394 C  CD1 . ILE A 1 169 ? -16.661 14.337  -0.490  1.00 33.65 ? 208 ILE A CD1 1 
ATOM   1395 N  N   . LYS A 1 170 ? -18.160 9.272   1.543   1.00 32.49 ? 209 LYS A N   1 
ATOM   1396 C  CA  . LYS A 1 170 ? -19.196 8.322   2.034   1.00 33.53 ? 209 LYS A CA  1 
ATOM   1397 C  C   . LYS A 1 170 ? -18.618 7.408   3.128   1.00 34.89 ? 209 LYS A C   1 
ATOM   1398 O  O   . LYS A 1 170 ? -19.259 7.306   4.191   1.00 35.41 ? 209 LYS A O   1 
ATOM   1399 C  CB  . LYS A 1 170 ? -19.776 7.492   0.883   1.00 36.00 ? 209 LYS A CB  1 
ATOM   1400 C  CG  . LYS A 1 170 ? -20.848 6.483   1.285   1.00 37.47 ? 209 LYS A CG  1 
ATOM   1401 C  CD  . LYS A 1 170 ? -21.510 5.786   0.118   1.00 39.10 ? 209 LYS A CD  1 
ATOM   1402 C  CE  . LYS A 1 170 ? -22.436 4.664   0.535   1.00 42.03 ? 209 LYS A CE  1 
ATOM   1403 N  NZ  . LYS A 1 170 ? -23.687 5.178   1.141   1.00 42.38 ? 209 LYS A NZ  1 
ATOM   1404 N  N   . TYR A 1 171 ? -17.465 6.770   2.888   1.00 33.85 ? 210 TYR A N   1 
ATOM   1405 C  CA  . TYR A 1 171 ? -16.936 5.652   3.724   1.00 33.99 ? 210 TYR A CA  1 
ATOM   1406 C  C   . TYR A 1 171 ? -15.912 6.130   4.753   1.00 33.96 ? 210 TYR A C   1 
ATOM   1407 O  O   . TYR A 1 171 ? -15.606 5.334   5.667   1.00 31.09 ? 210 TYR A O   1 
ATOM   1408 C  CB  . TYR A 1 171 ? -16.332 4.548   2.857   1.00 34.08 ? 210 TYR A CB  1 
ATOM   1409 C  CG  . TYR A 1 171 ? -17.385 3.732   2.163   1.00 34.22 ? 210 TYR A CG  1 
ATOM   1410 C  CD1 . TYR A 1 171 ? -18.389 3.112   2.885   1.00 35.31 ? 210 TYR A CD1 1 
ATOM   1411 C  CD2 . TYR A 1 171 ? -17.404 3.615   0.786   1.00 36.47 ? 210 TYR A CD2 1 
ATOM   1412 C  CE1 . TYR A 1 171 ? -19.384 2.387   2.257   1.00 37.06 ? 210 TYR A CE1 1 
ATOM   1413 C  CE2 . TYR A 1 171 ? -18.388 2.886   0.143   1.00 37.65 ? 210 TYR A CE2 1 
ATOM   1414 C  CZ  . TYR A 1 171 ? -19.384 2.280   0.881   1.00 37.54 ? 210 TYR A CZ  1 
ATOM   1415 O  OH  . TYR A 1 171 ? -20.361 1.586   0.237   1.00 37.23 ? 210 TYR A OH  1 
ATOM   1416 N  N   . ASN A 1 172 ? -15.407 7.358   4.626   1.00 35.48 ? 211 ASN A N   1 
ATOM   1417 C  CA  . ASN A 1 172 ? -14.459 7.954   5.603   1.00 40.65 ? 211 ASN A CA  1 
ATOM   1418 C  C   . ASN A 1 172 ? -15.262 8.848   6.548   1.00 44.57 ? 211 ASN A C   1 
ATOM   1419 O  O   . ASN A 1 172 ? -16.034 8.312   7.341   1.00 46.75 ? 211 ASN A O   1 
ATOM   1420 C  CB  . ASN A 1 172 ? -13.313 8.694   4.906   1.00 42.21 ? 211 ASN A CB  1 
ATOM   1421 C  CG  . ASN A 1 172 ? -12.093 8.883   5.786   1.00 41.29 ? 211 ASN A CG  1 
ATOM   1422 O  OD1 . ASN A 1 172 ? -12.059 8.429   6.927   1.00 46.13 ? 211 ASN A OD1 1 
ATOM   1423 N  ND2 . ASN A 1 172 ? -11.077 9.540   5.257   1.00 42.24 ? 211 ASN A ND2 1 
ATOM   1424 O  OXT . ASN A 1 172 ? -15.166 10.076  6.528   1.00 50.42 ? 211 ASN A OXT 1 
HETATM 1425 N  N1  . O0G B 2 .   ? -17.177 -0.427  5.174   0.45 48.42 ? 301 O0G A N1  1 
HETATM 1426 C  C4  . O0G B 2 .   ? -16.649 0.417   5.906   0.45 59.94 ? 301 O0G A C4  1 
HETATM 1427 C  C5  . O0G B 2 .   ? -15.705 0.110   6.775   0.45 64.05 ? 301 O0G A C5  1 
HETATM 1428 C  C6  . O0G B 2 .   ? -15.213 -1.015  6.834   0.45 65.98 ? 301 O0G A C6  1 
HETATM 1429 C  C7  . O0G B 2 .   ? -15.681 -2.006  6.060   0.45 62.99 ? 301 O0G A C7  1 
HETATM 1430 N  N   . O0G B 2 .   ? -17.373 -2.579  4.535   0.45 52.96 ? 301 O0G A N   1 
HETATM 1431 C  C   . O0G B 2 .   ? -17.950 -1.372  2.743   0.45 50.14 ? 301 O0G A C   1 
HETATM 1432 O  O   . O0G B 2 .   ? -19.996 -4.018  4.274   0.45 49.62 ? 301 O0G A O   1 
HETATM 1433 C  C1  . O0G B 2 .   ? -18.533 -2.148  3.758   0.45 50.53 ? 301 O0G A C1  1 
HETATM 1434 C  C2  . O0G B 2 .   ? -19.334 -3.323  3.223   0.45 50.15 ? 301 O0G A C2  1 
HETATM 1435 C  C3  . O0G B 2 .   ? -16.752 -1.708  5.210   0.45 54.06 ? 301 O0G A C3  1 
HETATM 1436 F  F   . O0G B 2 .   ? -15.191 -3.028  6.166   0.45 64.08 ? 301 O0G A F   1 
HETATM 1437 CL CL  . O0G B 2 .   ? -15.384 1.221   7.902   0.45 67.74 ? 301 O0G A CL  1 
HETATM 1438 O  O   . HOH C 3 .   ? -2.169  -20.290 9.444   1.00 31.23 ? 401 HOH A O   1 
HETATM 1439 O  O   . HOH C 3 .   ? -9.348  -17.694 6.181   1.00 40.76 ? 402 HOH A O   1 
HETATM 1440 O  O   . HOH C 3 .   ? 7.902   3.743   10.690  1.00 47.69 ? 403 HOH A O   1 
HETATM 1441 O  O   . HOH C 3 .   ? -7.234  9.425   -24.673 1.00 30.34 ? 404 HOH A O   1 
HETATM 1442 O  O   . HOH C 3 .   ? -17.342 8.042   -18.849 1.00 52.67 ? 405 HOH A O   1 
HETATM 1443 O  O   . HOH C 3 .   ? 17.668  -19.117 9.714   1.00 28.73 ? 406 HOH A O   1 
HETATM 1444 O  O   . HOH C 3 .   ? -12.046 -7.310  7.763   0.50 24.48 ? 407 HOH A O   1 
HETATM 1445 O  O   . HOH C 3 .   ? 4.919   7.586   5.728   1.00 28.29 ? 408 HOH A O   1 
HETATM 1446 O  O   . HOH C 3 .   ? 10.805  -9.130  0.006   1.00 34.68 ? 409 HOH A O   1 
HETATM 1447 O  O   . HOH C 3 .   ? 7.464   1.933   -2.281  1.00 24.39 ? 410 HOH A O   1 
HETATM 1448 O  O   . HOH C 3 .   ? -6.777  -6.822  -10.775 1.00 46.17 ? 411 HOH A O   1 
HETATM 1449 O  O   . HOH C 3 .   ? -12.441 14.542  -14.042 1.00 40.02 ? 412 HOH A O   1 
HETATM 1450 O  O   . HOH C 3 .   ? 4.623   -19.751 23.337  1.00 43.87 ? 413 HOH A O   1 
HETATM 1451 O  O   . HOH C 3 .   ? 15.685  -21.848 7.252   1.00 34.47 ? 414 HOH A O   1 
HETATM 1452 O  O   . HOH C 3 .   ? -11.135 13.865  -17.619 1.00 34.23 ? 415 HOH A O   1 
HETATM 1453 O  O   . HOH C 3 .   ? 1.204   -19.669 14.720  1.00 34.31 ? 416 HOH A O   1 
HETATM 1454 O  O   . HOH C 3 .   ? -11.522 9.591   2.691   1.00 49.60 ? 417 HOH A O   1 
HETATM 1455 O  O   . HOH C 3 .   ? -15.299 6.354   -14.345 1.00 26.08 ? 418 HOH A O   1 
HETATM 1456 O  O   . HOH C 3 .   ? 5.108   -6.783  22.409  1.00 31.58 ? 419 HOH A O   1 
HETATM 1457 O  O   . HOH C 3 .   ? 3.679   -22.225 1.219   1.00 38.11 ? 420 HOH A O   1 
HETATM 1458 O  O   . HOH C 3 .   ? -5.985  11.258  3.497   1.00 40.68 ? 421 HOH A O   1 
HETATM 1459 O  O   . HOH C 3 .   ? -13.500 4.520   -13.745 1.00 28.80 ? 422 HOH A O   1 
HETATM 1460 O  O   . HOH C 3 .   ? -16.433 10.713  -14.579 1.00 29.60 ? 423 HOH A O   1 
HETATM 1461 O  O   . HOH C 3 .   ? -19.958 10.747  -14.526 1.00 87.99 ? 424 HOH A O   1 
HETATM 1462 O  O   . HOH C 3 .   ? -0.773  -2.311  17.634  1.00 27.21 ? 425 HOH A O   1 
HETATM 1463 O  O   . HOH C 3 .   ? -17.438 11.325  5.953   1.00 64.28 ? 426 HOH A O   1 
HETATM 1464 O  O   . HOH C 3 .   ? -5.180  6.888   8.765   1.00 30.25 ? 427 HOH A O   1 
HETATM 1465 O  O   . HOH C 3 .   ? -14.414 -4.484  -7.525  1.00 43.87 ? 428 HOH A O   1 
HETATM 1466 O  O   . HOH C 3 .   ? 23.556  -12.937 7.912   1.00 38.83 ? 429 HOH A O   1 
HETATM 1467 O  O   . HOH C 3 .   ? 3.931   8.651   8.049   1.00 40.28 ? 430 HOH A O   1 
HETATM 1468 O  O   . HOH C 3 .   ? 4.653   5.931   11.268  1.00 31.89 ? 431 HOH A O   1 
HETATM 1469 O  O   . HOH C 3 .   ? 4.182   -10.938 3.701   1.00 23.34 ? 432 HOH A O   1 
HETATM 1470 O  O   . HOH C 3 .   ? -12.005 -7.393  11.387  1.00 19.06 ? 433 HOH A O   1 
HETATM 1471 O  O   . HOH C 3 .   ? -5.170  5.762   -24.569 1.00 35.39 ? 434 HOH A O   1 
HETATM 1472 O  O   . HOH C 3 .   ? -9.511  11.955  0.294   1.00 31.83 ? 435 HOH A O   1 
HETATM 1473 O  O   . HOH C 3 .   ? -12.517 -3.762  10.096  1.00 20.75 ? 436 HOH A O   1 
HETATM 1474 O  O   . HOH C 3 .   ? -4.483  -14.642 8.192   1.00 29.09 ? 437 HOH A O   1 
HETATM 1475 O  O   . HOH C 3 .   ? 8.163   2.761   16.553  1.00 42.47 ? 438 HOH A O   1 
HETATM 1476 O  O   . HOH C 3 .   ? -17.421 -5.056  -2.531  1.00 28.88 ? 439 HOH A O   1 
HETATM 1477 O  O   . HOH C 3 .   ? -11.142 -10.366 -2.884  1.00 34.13 ? 440 HOH A O   1 
HETATM 1478 O  O   . HOH C 3 .   ? 16.249  -12.751 2.193   1.00 24.78 ? 441 HOH A O   1 
HETATM 1479 O  O   . HOH C 3 .   ? -18.302 0.817   -6.216  1.00 29.32 ? 442 HOH A O   1 
HETATM 1480 O  O   . HOH C 3 .   ? 4.412   9.755   -23.041 1.00 53.16 ? 443 HOH A O   1 
HETATM 1481 O  O   . HOH C 3 .   ? -20.478 11.125  -0.735  1.00 28.36 ? 444 HOH A O   1 
HETATM 1482 O  O   . HOH C 3 .   ? -1.751  17.089  -4.605  1.00 35.13 ? 445 HOH A O   1 
HETATM 1483 O  O   . HOH C 3 .   ? -2.314  5.763   5.479   1.00 23.57 ? 446 HOH A O   1 
HETATM 1484 O  O   . HOH C 3 .   ? -11.336 6.495   -10.715 1.00 19.21 ? 447 HOH A O   1 
HETATM 1485 O  O   . HOH C 3 .   ? 2.399   11.742  -14.601 1.00 48.70 ? 448 HOH A O   1 
HETATM 1486 O  O   . HOH C 3 .   ? 9.673   -20.730 18.981  1.00 44.30 ? 449 HOH A O   1 
HETATM 1487 O  O   . HOH C 3 .   ? 9.864   -13.555 7.757   1.00 34.65 ? 450 HOH A O   1 
HETATM 1488 O  O   . HOH C 3 .   ? -1.494  -13.858 19.265  1.00 29.41 ? 451 HOH A O   1 
HETATM 1489 O  O   . HOH C 3 .   ? 3.176   15.127  -8.861  1.00 45.40 ? 452 HOH A O   1 
HETATM 1490 O  O   . HOH C 3 .   ? -5.324  -9.993  -1.032  1.00 26.60 ? 453 HOH A O   1 
HETATM 1491 O  O   . HOH C 3 .   ? -5.518  -16.997 8.604   1.00 30.68 ? 454 HOH A O   1 
HETATM 1492 O  O   . HOH C 3 .   ? -6.306  -13.149 15.416  1.00 57.42 ? 455 HOH A O   1 
HETATM 1493 O  O   . HOH C 3 .   ? -19.517 7.157   -5.427  1.00 26.17 ? 456 HOH A O   1 
HETATM 1494 O  O   . HOH C 3 .   ? -14.328 15.161  -8.055  1.00 33.41 ? 457 HOH A O   1 
HETATM 1495 O  O   . HOH C 3 .   ? -11.689 7.646   -22.903 1.00 28.39 ? 458 HOH A O   1 
HETATM 1496 O  O   . HOH C 3 .   ? 2.624   -2.548  -18.850 1.00 40.47 ? 459 HOH A O   1 
HETATM 1497 O  O   . HOH C 3 .   ? -7.127  7.183   6.597   1.00 33.24 ? 460 HOH A O   1 
HETATM 1498 O  O   . HOH C 3 .   ? 5.889   13.901  -19.557 1.00 41.42 ? 461 HOH A O   1 
HETATM 1499 O  O   . HOH C 3 .   ? 17.790  -8.803  13.105  1.00 36.47 ? 462 HOH A O   1 
HETATM 1500 O  O   . HOH C 3 .   ? -6.120  17.874  -4.923  1.00 45.97 ? 463 HOH A O   1 
HETATM 1501 O  O   . HOH C 3 .   ? 15.144  -11.286 8.028   1.00 28.42 ? 464 HOH A O   1 
HETATM 1502 O  O   . HOH C 3 .   ? 2.859   2.010   -12.698 1.00 27.15 ? 465 HOH A O   1 
HETATM 1503 O  O   . HOH C 3 .   ? 7.072   2.699   -5.732  1.00 35.40 ? 466 HOH A O   1 
HETATM 1504 O  O   . HOH C 3 .   ? -10.430 -10.662 11.080  1.00 27.86 ? 467 HOH A O   1 
HETATM 1505 O  O   . HOH C 3 .   ? -9.532  7.519   7.495   1.00 46.72 ? 468 HOH A O   1 
HETATM 1506 O  O   . HOH C 3 .   ? -6.390  -11.345 1.240   1.00 27.07 ? 469 HOH A O   1 
HETATM 1507 O  O   . HOH C 3 .   ? 0.913   2.856   -14.346 1.00 23.40 ? 470 HOH A O   1 
HETATM 1508 O  O   . HOH C 3 .   ? -3.027  9.050   -0.098  1.00 23.13 ? 471 HOH A O   1 
HETATM 1509 O  O   . HOH C 3 .   ? -11.984 14.139  -24.029 1.00 30.35 ? 472 HOH A O   1 
HETATM 1510 O  O   . HOH C 3 .   ? 6.379   12.118  -7.737  1.00 43.84 ? 473 HOH A O   1 
HETATM 1511 O  O   . HOH C 3 .   ? -17.634 7.944   -12.862 1.00 26.70 ? 474 HOH A O   1 
HETATM 1512 O  O   . HOH C 3 .   ? 7.546   2.409   -21.314 1.00 46.12 ? 475 HOH A O   1 
HETATM 1513 O  O   . HOH C 3 .   ? 0.639   15.742  5.854   1.00 36.59 ? 476 HOH A O   1 
HETATM 1514 O  O   . HOH C 3 .   ? -3.063  1.964   13.402  1.00 38.69 ? 477 HOH A O   1 
HETATM 1515 O  O   . HOH C 3 .   ? 13.952  2.177   0.937   1.00 58.88 ? 478 HOH A O   1 
HETATM 1516 O  O   . HOH C 3 .   ? 1.009   2.841   10.001  1.00 23.70 ? 479 HOH A O   1 
HETATM 1517 O  O   . HOH C 3 .   ? -6.212  12.425  -15.887 1.00 27.65 ? 480 HOH A O   1 
HETATM 1518 O  O   . HOH C 3 .   ? -21.658 -5.479  5.945   1.00 32.82 ? 481 HOH A O   1 
HETATM 1519 O  O   . HOH C 3 .   ? 0.505   9.863   9.456   1.00 32.29 ? 482 HOH A O   1 
HETATM 1520 O  O   . HOH C 3 .   ? 17.524  -11.020 10.677  1.00 35.27 ? 483 HOH A O   1 
HETATM 1521 O  O   . HOH C 3 .   ? -3.430  -10.445 12.549  1.00 22.81 ? 484 HOH A O   1 
HETATM 1522 O  O   . HOH C 3 .   ? -13.231 1.267   -13.183 1.00 38.92 ? 485 HOH A O   1 
HETATM 1523 O  O   . HOH C 3 .   ? -7.535  -3.150  4.610   1.00 18.60 ? 486 HOH A O   1 
HETATM 1524 O  O   . HOH C 3 .   ? -7.410  8.327   0.456   1.00 30.63 ? 487 HOH A O   1 
HETATM 1525 O  O   . HOH C 3 .   ? 12.363  13.629  7.973   1.00 41.39 ? 488 HOH A O   1 
HETATM 1526 O  O   . HOH C 3 .   ? 7.948   -0.672  -8.712  1.00 28.11 ? 489 HOH A O   1 
HETATM 1527 O  O   . HOH C 3 .   ? 4.436   12.699  -9.571  1.00 43.55 ? 490 HOH A O   1 
HETATM 1528 O  O   . HOH C 3 .   ? -8.266  -0.507  -4.649  1.00 20.50 ? 491 HOH A O   1 
HETATM 1529 O  O   . HOH C 3 .   ? -8.082  0.342   -8.653  1.00 23.19 ? 492 HOH A O   1 
HETATM 1530 O  O   . HOH C 3 .   ? 13.504  -20.520 7.707   1.00 34.52 ? 493 HOH A O   1 
HETATM 1531 O  O   . HOH C 3 .   ? -6.994  17.040  -12.382 1.00 43.27 ? 494 HOH A O   1 
HETATM 1532 O  O   . HOH C 3 .   ? -6.981  -23.149 4.772   1.00 59.69 ? 495 HOH A O   1 
HETATM 1533 O  O   . HOH C 3 .   ? -1.345  -6.569  15.664  1.00 22.46 ? 496 HOH A O   1 
HETATM 1534 O  O   . HOH C 3 .   ? 0.206   0.860   16.288  1.00 31.22 ? 497 HOH A O   1 
HETATM 1535 O  O   . HOH C 3 .   ? -1.138  10.781  -18.387 1.00 36.98 ? 498 HOH A O   1 
HETATM 1536 O  O   . HOH C 3 .   ? 4.315   -20.921 6.065   1.00 39.39 ? 499 HOH A O   1 
HETATM 1537 O  O   . HOH C 3 .   ? 4.781   -3.470  21.467  1.00 33.91 ? 500 HOH A O   1 
HETATM 1538 O  O   . HOH C 3 .   ? 11.648  0.088   16.749  1.00 42.84 ? 501 HOH A O   1 
HETATM 1539 O  O   . HOH C 3 .   ? 8.219   4.328   -3.888  1.00 28.74 ? 502 HOH A O   1 
HETATM 1540 O  O   . HOH C 3 .   ? 5.981   -18.560 9.562   1.00 38.65 ? 503 HOH A O   1 
HETATM 1541 O  O   . HOH C 3 .   ? 7.210   4.213   -10.068 1.00 30.29 ? 504 HOH A O   1 
HETATM 1542 O  O   . HOH C 3 .   ? -1.284  -18.799 13.971  1.00 32.16 ? 505 HOH A O   1 
HETATM 1543 O  O   . HOH C 3 .   ? -2.479  2.117   4.456   1.00 24.08 ? 506 HOH A O   1 
HETATM 1544 O  O   . HOH C 3 .   ? -13.237 13.220  -1.369  1.00 33.43 ? 507 HOH A O   1 
HETATM 1545 O  O   . HOH C 3 .   ? 13.073  -13.848 15.870  1.00 25.33 ? 508 HOH A O   1 
HETATM 1546 O  O   . HOH C 3 .   ? -5.626  9.976   -0.542  1.00 30.57 ? 509 HOH A O   1 
HETATM 1547 O  O   . HOH C 3 .   ? 8.725   -0.500  -4.435  1.00 35.55 ? 510 HOH A O   1 
HETATM 1548 O  O   . HOH C 3 .   ? -1.550  -2.221  13.715  1.00 25.22 ? 511 HOH A O   1 
HETATM 1549 O  O   . HOH C 3 .   ? -0.027  -4.300  14.514  1.00 24.32 ? 512 HOH A O   1 
HETATM 1550 O  O   . HOH C 3 .   ? -13.044 8.339   -25.162 1.00 27.25 ? 513 HOH A O   1 
HETATM 1551 O  O   . HOH C 3 .   ? -6.564  2.105   11.137  1.00 40.45 ? 514 HOH A O   1 
HETATM 1552 O  O   . HOH C 3 .   ? 10.395  -12.213 -0.186  0.50 24.31 ? 515 HOH A O   1 
HETATM 1553 O  O   . HOH C 3 .   ? 4.216   23.144  3.388   1.00 47.46 ? 516 HOH A O   1 
HETATM 1554 O  O   . HOH C 3 .   ? -9.095  -10.766 0.342   1.00 36.68 ? 517 HOH A O   1 
HETATM 1555 O  O   . HOH C 3 .   ? -9.380  16.007  -5.254  1.00 28.88 ? 518 HOH A O   1 
HETATM 1556 O  O   . HOH C 3 .   ? 0.791   -0.217  18.856  1.00 58.47 ? 519 HOH A O   1 
HETATM 1557 O  O   . HOH C 3 .   ? -11.891 13.994  -20.802 1.00 32.33 ? 520 HOH A O   1 
HETATM 1558 O  O   . HOH C 3 .   ? 9.312   3.947   7.961   1.00 29.29 ? 521 HOH A O   1 
HETATM 1559 O  O   . HOH C 3 .   ? 0.113   2.107   12.310  1.00 33.01 ? 522 HOH A O   1 
HETATM 1560 O  O   . HOH C 3 .   ? -13.747 12.806  -17.848 1.00 30.41 ? 523 HOH A O   1 
HETATM 1561 O  O   . HOH C 3 .   ? 1.180   19.374  -2.900  1.00 34.43 ? 524 HOH A O   1 
HETATM 1562 O  O   . HOH C 3 .   ? -12.138 3.543   -15.948 1.00 31.43 ? 525 HOH A O   1 
HETATM 1563 O  O   . HOH C 3 .   ? 1.162   19.059  1.075   1.00 34.98 ? 526 HOH A O   1 
HETATM 1564 O  O   . HOH C 3 .   ? 6.442   -9.291  -5.067  1.00 32.00 ? 527 HOH A O   1 
HETATM 1565 O  O   . HOH C 3 .   ? -8.577  14.541  -0.369  1.00 51.62 ? 528 HOH A O   1 
HETATM 1566 O  O   . HOH C 3 .   ? 12.771  4.026   2.383   1.00 44.05 ? 529 HOH A O   1 
HETATM 1567 O  O   . HOH C 3 .   ? -2.957  12.891  5.761   1.00 28.29 ? 530 HOH A O   1 
HETATM 1568 O  O   . HOH C 3 .   ? -3.077  13.914  -11.037 1.00 34.64 ? 531 HOH A O   1 
HETATM 1569 O  O   . HOH C 3 .   ? 7.484   -14.273 7.547   1.00 32.70 ? 532 HOH A O   1 
HETATM 1570 O  O   . HOH C 3 .   ? -16.846 4.908   -11.930 1.00 27.19 ? 533 HOH A O   1 
HETATM 1571 O  O   . HOH C 3 .   ? 12.552  -2.730  12.538  1.00 41.09 ? 534 HOH A O   1 
HETATM 1572 O  O   . HOH C 3 .   ? -20.941 2.459   -2.620  1.00 39.49 ? 535 HOH A O   1 
HETATM 1573 O  O   . HOH C 3 .   ? -21.847 -6.049  2.958   1.00 61.84 ? 536 HOH A O   1 
HETATM 1574 O  O   . HOH C 3 .   ? -9.012  -7.850  -6.794  1.00 31.79 ? 537 HOH A O   1 
HETATM 1575 O  O   . HOH C 3 .   ? 15.577  -15.815 14.173  1.00 34.98 ? 538 HOH A O   1 
HETATM 1576 O  O   . HOH C 3 .   ? -9.758  -1.241  -11.602 1.00 47.02 ? 539 HOH A O   1 
HETATM 1577 O  O   . HOH C 3 .   ? -6.791  1.746   -14.883 1.00 34.25 ? 540 HOH A O   1 
HETATM 1578 O  O   . HOH C 3 .   ? 1.738   13.033  -20.041 1.00 53.32 ? 541 HOH A O   1 
HETATM 1579 O  O   . HOH C 3 .   ? -2.012  15.483  9.835   1.00 50.97 ? 542 HOH A O   1 
HETATM 1580 O  O   . HOH C 3 .   ? -1.111  0.215   14.036  1.00 28.14 ? 543 HOH A O   1 
HETATM 1581 O  O   . HOH C 3 .   ? 4.195   15.126  -17.902 1.00 63.84 ? 544 HOH A O   1 
HETATM 1582 O  O   . HOH C 3 .   ? -0.637  14.946  -11.783 1.00 50.61 ? 545 HOH A O   1 
HETATM 1583 O  O   . HOH C 3 .   ? -5.912  -10.908 13.948  1.00 29.40 ? 546 HOH A O   1 
HETATM 1584 O  O   . HOH C 3 .   ? -6.158  -13.296 19.024  1.00 52.89 ? 547 HOH A O   1 
HETATM 1585 O  O   . HOH C 3 .   ? -7.804  16.843  -1.243  1.00 45.34 ? 548 HOH A O   1 
HETATM 1586 O  O   . HOH C 3 .   ? -7.195  -0.912  -10.942 1.00 29.24 ? 549 HOH A O   1 
HETATM 1587 O  O   . HOH C 3 .   ? -8.111  -16.819 8.144   1.00 38.93 ? 550 HOH A O   1 
HETATM 1588 O  O   . HOH C 3 .   ? -19.912 5.510   -13.594 1.00 32.80 ? 551 HOH A O   1 
HETATM 1589 O  O   . HOH C 3 .   ? -5.036  -17.941 2.755   1.00 51.17 ? 552 HOH A O   1 
HETATM 1590 O  O   . HOH C 3 .   ? 11.850  -0.539  13.617  1.00 36.48 ? 553 HOH A O   1 
HETATM 1591 O  O   . HOH C 3 .   ? 17.431  -23.400 8.378   1.00 42.34 ? 554 HOH A O   1 
HETATM 1592 O  O   . HOH C 3 .   ? 9.732   6.477   -21.210 1.00 39.41 ? 555 HOH A O   1 
HETATM 1593 O  O   . HOH C 3 .   ? 10.644  -21.434 21.209  1.00 36.47 ? 556 HOH A O   1 
HETATM 1594 O  O   . HOH C 3 .   ? -20.575 7.268   -2.884  1.00 31.22 ? 557 HOH A O   1 
HETATM 1595 O  O   . HOH C 3 .   ? 19.788  -22.778 8.381   1.00 36.69 ? 558 HOH A O   1 
HETATM 1596 O  O   . HOH C 3 .   ? 8.120   2.471   -8.302  1.00 42.04 ? 559 HOH A O   1 
HETATM 1597 O  O   . HOH C 3 .   ? -1.737  -2.005  -19.246 1.00 31.34 ? 560 HOH A O   1 
HETATM 1598 O  O   . HOH C 3 .   ? -20.204 4.766   -6.693  1.00 45.57 ? 561 HOH A O   1 
HETATM 1599 O  O   . HOH C 3 .   ? -9.287  9.943   1.977   1.00 34.73 ? 562 HOH A O   1 
HETATM 1600 O  O   . HOH C 3 .   ? -15.462 13.195  -15.513 1.00 37.99 ? 563 HOH A O   1 
HETATM 1601 O  O   . HOH C 3 .   ? 8.984   2.861   12.990  1.00 53.69 ? 564 HOH A O   1 
HETATM 1602 O  O   . HOH C 3 .   ? 5.956   -2.899  -14.644 1.00 54.02 ? 565 HOH A O   1 
HETATM 1603 O  O   . HOH C 3 .   ? 3.231   -5.734  -10.551 1.00 44.98 ? 566 HOH A O   1 
HETATM 1604 O  O   . HOH C 3 .   ? 5.510   -22.319 15.763  1.00 50.11 ? 567 HOH A O   1 
HETATM 1605 O  O   . HOH C 3 .   ? -22.184 9.117   -2.188  1.00 28.42 ? 568 HOH A O   1 
HETATM 1606 O  O   . HOH C 3 .   ? -21.694 11.403  1.546   1.00 40.47 ? 569 HOH A O   1 
HETATM 1607 O  O   . HOH C 3 .   ? -20.934 13.292  -6.698  1.00 27.51 ? 570 HOH A O   1 
HETATM 1608 O  O   . HOH C 3 .   ? 7.316   -16.649 8.372   1.00 40.38 ? 571 HOH A O   1 
HETATM 1609 O  O   . HOH C 3 .   ? -2.262  -4.729  17.419  1.00 29.21 ? 572 HOH A O   1 
HETATM 1610 O  O   . HOH C 3 .   ? -22.578 4.754   -2.979  1.00 45.60 ? 573 HOH A O   1 
HETATM 1611 O  O   . HOH C 3 .   ? -9.379  8.065   -24.826 1.00 29.32 ? 574 HOH A O   1 
HETATM 1612 O  O   . HOH C 3 .   ? 16.276  -17.110 16.735  1.00 41.70 ? 575 HOH A O   1 
HETATM 1613 O  O   . HOH C 3 .   ? -21.547 8.689   -6.420  1.00 28.98 ? 576 HOH A O   1 
HETATM 1614 O  O   . HOH C 3 .   ? -7.114  3.295   -25.066 1.00 34.65 ? 577 HOH A O   1 
HETATM 1615 O  O   . HOH C 3 .   ? -13.537 6.250   -26.617 1.00 39.79 ? 578 HOH A O   1 
HETATM 1616 O  O   . HOH C 3 .   ? -17.235 16.636  -2.826  1.00 34.64 ? 579 HOH A O   1 
HETATM 1617 O  O   . HOH C 3 .   ? -22.886 10.216  -4.434  1.00 31.69 ? 580 HOH A O   1 
HETATM 1618 O  O   . HOH C 3 .   ? 16.154  8.795   -14.764 1.00 48.08 ? 581 HOH A O   1 
HETATM 1619 O  O   . HOH C 3 .   ? -1.036  15.279  -15.860 1.00 49.45 ? 582 HOH A O   1 
# 
